data_4RCN
#
_entry.id   4RCN
#
_cell.length_a   220.880
_cell.length_b   220.880
_cell.length_c   220.880
_cell.angle_alpha   90.00
_cell.angle_beta   90.00
_cell.angle_gamma   90.00
#
_symmetry.space_group_name_H-M   'P 21 3'
#
_entity_poly.entity_id   1
_entity_poly.type   'polypeptide(L)'
_entity_poly.pdbx_seq_one_letter_code
;MTASLLVANRGEIALRIIRTATELGMRTVAVYAADDAHSPHVHAADEAMPLPGSGPPAYLNQAALLAVAENTGATLIHPG
YGFLSENAEFAKACAAASHTFVGPDGRVLELLGNKTAARRAAIAAGVPTLAATDGPSGVEDIEAFFAAHPGGIMIKALAG
GGGRGMRKVHNAAQIAGAYQRCAAEARLGFGDPALFAEALLGDARHIEVQVVAAPAGHQTHALAVGDRDCSMQRRYQKLI
EIAPAQGLSEELRRALHQAAVRLCARVGLRGLATVEFLVSGERFVFLEVNPRIQVEHTVTEQTTGLDLVAVQLAIAGGES
YYRLGLPAGIASDGTEVIGEPAAQRGIAIQLRVNAETFGADFSVLPSAGTLTAFCPPSGPGVRVDTYGRPGLVVSPQYDS
LLAKVIVAVHGSSWRAAMRKADTALSEFGVEGVATNIGFLRRLLAEQRLETGWVNTDFVDEKLPELAAAALTHQPGPQPG
AVELYPGEDALRAQLAGTVVEVAPEGADYPAGAQLVVLEAMKMQHVLAAPDALRTVRVLVTPGQVVGTGDPLLVFTRTTG
GDDGESETAATDLDLTRADLDEVIERHARTLDEGRPDAVAKRHRQGRRTARENIDDLVDPGSFVEYGALAIAAQRSRRSE
EDLIANTPADGLVAGLATVGADRFGPAAAQAVVASYDYTVLAGTQGMRNHAKTDRVFDLAARKRLPVVLFAEGGGGRPGD
TDVGGAAGLDVPTFRMLAGLRGRVPLVSVVSGRCFAGNAALAGVCDVIIATPDANIGMGGPAMIEGGGLGVYPPEAIGPI
AVQRRNGVVGLVARDEAHAVSLAKQYLSYFQGRLDRWQAPDPRVARHVVPQNRLRAYDVHRAIEAIVDVGSVLELRPDYG
VGIVTALVRVEGVPYGLIANSTHHLGGAIDAEAADKAGDFLALCESFGLPVISLCDTPGFMVGPDAETQAAVRRFGRMFV
LGARLTVPLGMIILRKGYGLGAMAMAGGSFRAPQFTVAWPTGEIGGMGLESAVRLGYRKELAAVTDPAERQNLFDRLVAA
AYQHGKALRAATTFELDDVIDPAASRAWITRLSGGELLVDKLAAALEHHHHHH
;
_entity_poly.pdbx_strand_id   A,B
#
# COMPACT_ATOMS: atom_id res chain seq x y z
N ALA A 3 -22.69 -26.63 46.65
CA ALA A 3 -22.56 -25.22 47.14
C ALA A 3 -22.32 -24.28 45.96
N SER A 4 -22.82 -23.06 46.08
CA SER A 4 -22.66 -22.08 45.01
C SER A 4 -21.76 -20.96 45.47
N LEU A 5 -20.85 -20.51 44.60
CA LEU A 5 -19.94 -19.46 44.98
C LEU A 5 -20.01 -18.21 44.12
N LEU A 6 -20.15 -17.08 44.80
CA LEU A 6 -20.18 -15.77 44.15
C LEU A 6 -18.84 -15.12 44.47
N VAL A 7 -18.11 -14.73 43.43
CA VAL A 7 -16.84 -14.08 43.65
C VAL A 7 -17.03 -12.58 43.48
N ALA A 8 -17.16 -11.90 44.60
CA ALA A 8 -17.35 -10.45 44.62
C ALA A 8 -16.02 -9.70 44.48
N ASN A 9 -15.39 -9.84 43.32
CA ASN A 9 -14.13 -9.18 43.05
C ASN A 9 -13.87 -9.32 41.56
N ARG A 10 -12.73 -8.83 41.10
CA ARG A 10 -12.37 -8.90 39.68
C ARG A 10 -10.87 -9.14 39.50
N GLY A 11 -10.38 -8.88 38.30
CA GLY A 11 -8.97 -9.08 38.02
C GLY A 11 -8.47 -10.49 38.19
N GLU A 12 -7.21 -10.63 38.60
CA GLU A 12 -6.58 -11.95 38.77
C GLU A 12 -7.08 -12.74 39.96
N ILE A 13 -7.28 -12.08 41.09
CA ILE A 13 -7.74 -12.79 42.28
C ILE A 13 -9.10 -13.46 42.05
N ALA A 14 -9.98 -12.80 41.30
CA ALA A 14 -11.28 -13.37 41.02
C ALA A 14 -11.05 -14.66 40.24
N LEU A 15 -10.28 -14.55 39.17
CA LEU A 15 -9.94 -15.66 38.30
C LEU A 15 -9.27 -16.81 39.06
N ARG A 16 -8.51 -16.44 40.08
CA ARG A 16 -7.80 -17.38 40.95
C ARG A 16 -8.78 -18.22 41.72
N ILE A 17 -9.71 -17.53 42.38
CA ILE A 17 -10.75 -18.14 43.19
C ILE A 17 -11.69 -18.99 42.35
N ILE A 18 -12.04 -18.49 41.18
CA ILE A 18 -12.91 -19.21 40.27
C ILE A 18 -12.33 -20.60 39.98
N ARG A 19 -11.03 -20.63 39.75
CA ARG A 19 -10.29 -21.86 39.45
C ARG A 19 -10.30 -22.93 40.52
N THR A 20 -10.04 -22.54 41.77
CA THR A 20 -10.04 -23.51 42.86
C THR A 20 -11.47 -23.97 43.08
N ALA A 21 -12.42 -23.05 42.92
CA ALA A 21 -13.83 -23.37 43.08
C ALA A 21 -14.24 -24.42 42.05
N THR A 22 -13.73 -24.28 40.83
CA THR A 22 -14.03 -25.22 39.77
C THR A 22 -13.45 -26.60 40.00
N GLU A 23 -12.23 -26.66 40.54
CA GLU A 23 -11.59 -27.94 40.85
C GLU A 23 -12.40 -28.67 41.92
N LEU A 24 -12.88 -27.91 42.89
CA LEU A 24 -13.69 -28.45 43.97
C LEU A 24 -15.08 -28.85 43.48
N GLY A 25 -15.47 -28.38 42.30
CA GLY A 25 -16.78 -28.74 41.78
C GLY A 25 -17.92 -27.79 42.10
N MET A 26 -17.61 -26.63 42.69
CA MET A 26 -18.65 -25.66 43.00
C MET A 26 -19.10 -24.95 41.72
N ARG A 27 -20.30 -24.38 41.74
CA ARG A 27 -20.81 -23.64 40.60
C ARG A 27 -20.40 -22.22 40.92
N THR A 28 -19.78 -21.53 39.96
CA THR A 28 -19.35 -20.17 40.23
C THR A 28 -20.11 -19.09 39.48
N VAL A 29 -20.22 -17.94 40.14
CA VAL A 29 -20.88 -16.78 39.57
C VAL A 29 -19.94 -15.62 39.69
N ALA A 30 -19.62 -14.98 38.57
CA ALA A 30 -18.74 -13.82 38.57
C ALA A 30 -19.58 -12.57 38.33
N VAL A 31 -19.03 -11.40 38.63
CA VAL A 31 -19.71 -10.13 38.41
C VAL A 31 -18.70 -9.15 37.84
N TYR A 32 -19.16 -8.24 36.97
CA TYR A 32 -18.27 -7.27 36.35
C TYR A 32 -18.89 -5.89 36.18
N ALA A 33 -18.10 -4.87 36.46
CA ALA A 33 -18.57 -3.51 36.29
C ALA A 33 -18.73 -3.38 34.77
N ALA A 34 -19.72 -2.62 34.30
CA ALA A 34 -19.94 -2.46 32.85
C ALA A 34 -18.57 -2.24 32.20
N ASP A 35 -17.75 -1.53 32.95
CA ASP A 35 -16.38 -1.18 32.61
C ASP A 35 -15.46 -2.41 32.34
N ASP A 36 -15.37 -3.29 33.35
CA ASP A 36 -14.55 -4.51 33.34
C ASP A 36 -15.12 -5.70 32.54
N ALA A 37 -15.84 -5.42 31.47
CA ALA A 37 -16.47 -6.46 30.67
C ALA A 37 -15.60 -7.60 30.12
N HIS A 38 -14.36 -7.32 29.71
CA HIS A 38 -13.54 -8.37 29.14
C HIS A 38 -12.46 -8.99 30.03
N SER A 39 -12.54 -8.76 31.34
CA SER A 39 -11.58 -9.39 32.25
C SER A 39 -11.78 -10.90 32.04
N PRO A 40 -10.71 -11.69 32.19
CA PRO A 40 -10.78 -13.15 32.00
C PRO A 40 -11.70 -13.88 32.96
N HIS A 41 -11.85 -13.36 34.16
CA HIS A 41 -12.68 -14.03 35.15
C HIS A 41 -14.14 -14.19 34.74
N VAL A 42 -14.61 -13.31 33.87
CA VAL A 42 -15.99 -13.39 33.41
C VAL A 42 -16.25 -14.66 32.61
N HIS A 43 -15.51 -14.85 31.53
CA HIS A 43 -15.68 -16.03 30.71
C HIS A 43 -15.37 -17.34 31.46
N ALA A 44 -14.53 -17.24 32.48
CA ALA A 44 -14.11 -18.40 33.27
C ALA A 44 -15.14 -18.98 34.22
N ALA A 45 -16.05 -18.13 34.69
CA ALA A 45 -17.09 -18.57 35.62
C ALA A 45 -18.21 -19.29 34.87
N ASP A 46 -19.11 -19.89 35.65
CA ASP A 46 -20.26 -20.62 35.11
C ASP A 46 -21.37 -19.64 34.74
N GLU A 47 -21.50 -18.60 35.54
CA GLU A 47 -22.49 -17.54 35.34
C GLU A 47 -21.81 -16.21 35.63
N ALA A 48 -22.15 -15.19 34.86
CA ALA A 48 -21.59 -13.86 35.05
C ALA A 48 -22.63 -12.74 34.86
N MET A 49 -23.14 -12.24 35.99
CA MET A 49 -24.13 -11.16 36.01
C MET A 49 -23.37 -9.85 35.96
N PRO A 50 -23.89 -8.87 35.20
CA PRO A 50 -23.24 -7.56 35.10
C PRO A 50 -23.61 -6.67 36.27
N LEU A 51 -22.64 -5.94 36.78
CA LEU A 51 -22.87 -5.02 37.90
C LEU A 51 -23.34 -3.68 37.35
N PRO A 52 -24.19 -2.96 38.11
CA PRO A 52 -24.74 -1.65 37.71
C PRO A 52 -23.68 -0.59 37.42
N GLY A 53 -22.91 -0.23 38.43
CA GLY A 53 -21.89 0.80 38.25
C GLY A 53 -20.85 0.62 37.15
N SER A 54 -19.72 1.30 37.34
CA SER A 54 -18.60 1.25 36.42
C SER A 54 -17.31 1.54 37.17
N GLY A 55 -16.23 0.85 36.82
CA GLY A 55 -14.96 1.07 37.50
C GLY A 55 -14.94 0.51 38.92
N PRO A 56 -13.78 0.64 39.59
CA PRO A 56 -13.57 0.16 40.96
C PRO A 56 -14.75 0.32 41.92
N PRO A 57 -15.26 1.54 42.10
CA PRO A 57 -16.39 1.73 43.02
C PRO A 57 -17.66 0.92 42.71
N ALA A 58 -17.69 0.24 41.56
CA ALA A 58 -18.87 -0.56 41.20
C ALA A 58 -18.95 -1.82 42.07
N TYR A 59 -17.78 -2.40 42.32
CA TYR A 59 -17.62 -3.60 43.10
C TYR A 59 -17.91 -3.44 44.60
N LEU A 60 -18.22 -2.21 45.02
CA LEU A 60 -18.54 -1.94 46.42
C LEU A 60 -20.04 -1.89 46.65
N ASN A 61 -20.81 -1.92 45.56
CA ASN A 61 -22.27 -1.85 45.62
C ASN A 61 -22.90 -3.04 46.35
N GLN A 62 -22.84 -3.02 47.68
CA GLN A 62 -23.37 -4.12 48.50
C GLN A 62 -24.74 -4.65 48.11
N ALA A 63 -25.64 -3.74 47.75
CA ALA A 63 -26.97 -4.11 47.35
C ALA A 63 -26.89 -4.93 46.07
N ALA A 64 -26.12 -4.44 45.12
CA ALA A 64 -25.94 -5.08 43.83
C ALA A 64 -25.46 -6.51 43.96
N LEU A 65 -24.39 -6.71 44.74
CA LEU A 65 -23.84 -8.05 44.93
C LEU A 65 -24.84 -8.97 45.59
N LEU A 66 -25.42 -8.50 46.69
CA LEU A 66 -26.40 -9.28 47.42
C LEU A 66 -27.57 -9.63 46.50
N ALA A 67 -27.79 -8.77 45.52
CA ALA A 67 -28.86 -8.96 44.56
C ALA A 67 -28.49 -10.07 43.58
N VAL A 68 -27.23 -10.06 43.13
CA VAL A 68 -26.71 -11.06 42.21
C VAL A 68 -26.73 -12.40 42.90
N ALA A 69 -26.34 -12.39 44.17
CA ALA A 69 -26.28 -13.61 44.99
C ALA A 69 -27.65 -14.19 45.25
N GLU A 70 -28.68 -13.35 45.17
CA GLU A 70 -30.05 -13.79 45.40
C GLU A 70 -30.64 -14.41 44.14
N ASN A 71 -30.34 -13.82 42.99
CA ASN A 71 -30.86 -14.32 41.71
C ASN A 71 -30.15 -15.56 41.21
N THR A 72 -28.91 -15.77 41.66
CA THR A 72 -28.17 -16.94 41.21
C THR A 72 -28.15 -18.01 42.30
N GLY A 73 -28.72 -17.68 43.45
CA GLY A 73 -28.77 -18.63 44.55
C GLY A 73 -27.40 -19.09 44.97
N ALA A 74 -26.52 -18.14 45.24
CA ALA A 74 -25.18 -18.43 45.65
C ALA A 74 -25.16 -18.66 47.15
N THR A 75 -24.57 -19.79 47.54
CA THR A 75 -24.45 -20.21 48.93
C THR A 75 -23.41 -19.38 49.69
N LEU A 76 -22.20 -19.32 49.13
CA LEU A 76 -21.11 -18.58 49.74
C LEU A 76 -20.74 -17.35 48.93
N ILE A 77 -20.10 -16.39 49.59
CA ILE A 77 -19.64 -15.18 48.92
C ILE A 77 -18.18 -14.96 49.31
N HIS A 78 -17.32 -14.89 48.31
CA HIS A 78 -15.89 -14.67 48.53
C HIS A 78 -15.56 -13.25 48.10
N PRO A 79 -15.08 -12.42 49.04
CA PRO A 79 -14.73 -11.03 48.72
C PRO A 79 -13.35 -10.84 48.11
N GLY A 80 -12.54 -11.89 48.10
CA GLY A 80 -11.19 -11.79 47.55
C GLY A 80 -10.36 -10.91 48.46
N TYR A 81 -9.72 -9.89 47.90
CA TYR A 81 -8.94 -8.96 48.68
C TYR A 81 -9.24 -7.55 48.18
N GLY A 82 -9.12 -6.58 49.08
CA GLY A 82 -9.43 -5.20 48.71
C GLY A 82 -10.93 -5.14 48.62
N PHE A 83 -11.48 -4.02 48.15
CA PHE A 83 -12.92 -3.88 48.03
C PHE A 83 -13.67 -4.15 49.34
N LEU A 84 -14.63 -5.07 49.29
CA LEU A 84 -15.43 -5.41 50.46
C LEU A 84 -14.80 -6.50 51.35
N SER A 85 -13.64 -7.01 50.95
CA SER A 85 -12.98 -8.09 51.69
C SER A 85 -12.83 -7.88 53.20
N GLU A 86 -12.62 -6.64 53.63
CA GLU A 86 -12.46 -6.38 55.06
C GLU A 86 -13.57 -5.51 55.64
N ASN A 87 -14.62 -5.32 54.85
CA ASN A 87 -15.77 -4.51 55.25
C ASN A 87 -16.80 -5.31 56.07
N ALA A 88 -16.84 -5.01 57.37
CA ALA A 88 -17.73 -5.67 58.33
C ALA A 88 -19.23 -5.58 57.99
N GLU A 89 -19.69 -4.40 57.58
CA GLU A 89 -21.09 -4.19 57.22
C GLU A 89 -21.52 -5.24 56.19
N PHE A 90 -20.73 -5.39 55.13
CA PHE A 90 -21.04 -6.35 54.07
C PHE A 90 -21.09 -7.76 54.62
N ALA A 91 -20.11 -8.11 55.43
CA ALA A 91 -20.06 -9.44 56.03
C ALA A 91 -21.36 -9.74 56.77
N LYS A 92 -21.76 -8.81 57.63
CA LYS A 92 -22.99 -8.97 58.40
C LYS A 92 -24.19 -9.04 57.46
N ALA A 93 -24.18 -8.18 56.44
CA ALA A 93 -25.26 -8.14 55.47
C ALA A 93 -25.43 -9.46 54.74
N CYS A 94 -24.32 -10.18 54.52
CA CYS A 94 -24.36 -11.47 53.85
C CYS A 94 -24.99 -12.49 54.78
N ALA A 95 -24.49 -12.52 56.02
CA ALA A 95 -25.02 -13.41 57.04
C ALA A 95 -26.52 -13.20 57.09
N ALA A 96 -26.91 -11.92 57.24
CA ALA A 96 -28.31 -11.50 57.30
C ALA A 96 -29.11 -12.13 56.17
N ALA A 97 -28.65 -11.93 54.93
CA ALA A 97 -29.31 -12.46 53.73
C ALA A 97 -29.23 -13.99 53.67
N SER A 98 -28.53 -14.55 54.66
CA SER A 98 -28.32 -15.99 54.79
C SER A 98 -27.34 -16.57 53.77
N HIS A 99 -26.26 -15.84 53.55
CA HIS A 99 -25.20 -16.26 52.64
C HIS A 99 -23.94 -16.32 53.48
N THR A 100 -23.13 -17.33 53.24
CA THR A 100 -21.89 -17.51 53.97
C THR A 100 -20.79 -16.59 53.43
N PHE A 101 -20.32 -15.67 54.27
CA PHE A 101 -19.27 -14.75 53.85
C PHE A 101 -17.92 -15.41 54.05
N VAL A 102 -17.27 -15.80 52.97
CA VAL A 102 -15.96 -16.44 53.08
C VAL A 102 -14.91 -15.50 53.69
N GLY A 103 -14.91 -15.45 55.02
CA GLY A 103 -13.98 -14.62 55.75
C GLY A 103 -14.26 -14.81 57.22
N PRO A 104 -13.71 -13.95 58.09
CA PRO A 104 -13.97 -14.10 59.52
C PRO A 104 -15.38 -13.60 59.88
N ASP A 105 -15.64 -13.50 61.18
CA ASP A 105 -16.94 -13.04 61.66
C ASP A 105 -17.06 -11.53 61.45
N GLY A 106 -18.26 -11.00 61.61
CA GLY A 106 -18.46 -9.57 61.41
C GLY A 106 -17.73 -8.68 62.41
N ARG A 107 -17.70 -9.10 63.67
CA ARG A 107 -17.04 -8.31 64.71
C ARG A 107 -15.53 -8.37 64.58
N VAL A 108 -15.02 -9.53 64.13
CA VAL A 108 -13.59 -9.69 63.95
C VAL A 108 -13.10 -8.67 62.93
N LEU A 109 -13.90 -8.45 61.88
CA LEU A 109 -13.56 -7.47 60.85
C LEU A 109 -13.60 -6.06 61.40
N GLU A 110 -14.44 -5.84 62.40
CA GLU A 110 -14.53 -4.53 63.02
C GLU A 110 -13.30 -4.33 63.91
N LEU A 111 -12.97 -5.35 64.71
CA LEU A 111 -11.81 -5.27 65.59
C LEU A 111 -10.53 -5.08 64.79
N LEU A 112 -10.31 -5.94 63.80
CA LEU A 112 -9.11 -5.84 62.98
C LEU A 112 -9.15 -4.65 62.04
N GLY A 113 -10.33 -4.31 61.53
CA GLY A 113 -10.45 -3.18 60.63
C GLY A 113 -10.05 -1.86 61.27
N ASN A 114 -10.11 -1.82 62.59
CA ASN A 114 -9.77 -0.64 63.39
C ASN A 114 -8.30 -0.75 63.85
N LYS A 115 -7.42 -0.03 63.15
CA LYS A 115 -5.98 -0.05 63.46
C LYS A 115 -5.71 0.22 64.94
N THR A 116 -6.44 1.17 65.52
CA THR A 116 -6.27 1.52 66.93
C THR A 116 -6.70 0.36 67.83
N ALA A 117 -7.86 -0.22 67.52
CA ALA A 117 -8.42 -1.33 68.28
C ALA A 117 -7.54 -2.57 68.22
N ALA A 118 -7.01 -2.86 67.03
CA ALA A 118 -6.16 -4.03 66.83
C ALA A 118 -4.87 -3.93 67.65
N ARG A 119 -4.22 -2.77 67.60
CA ARG A 119 -2.98 -2.56 68.32
C ARG A 119 -3.18 -2.86 69.80
N ARG A 120 -4.38 -2.56 70.28
CA ARG A 120 -4.78 -2.78 71.68
C ARG A 120 -4.87 -4.29 71.92
N ALA A 121 -5.57 -4.97 71.00
CA ALA A 121 -5.73 -6.42 71.05
C ALA A 121 -4.33 -7.05 71.05
N ALA A 122 -3.46 -6.45 70.24
CA ALA A 122 -2.08 -6.90 70.11
C ALA A 122 -1.42 -6.87 71.48
N ILE A 123 -1.34 -5.68 72.07
CA ILE A 123 -0.73 -5.52 73.37
C ILE A 123 -1.32 -6.50 74.36
N ALA A 124 -2.66 -6.59 74.33
CA ALA A 124 -3.40 -7.49 75.21
C ALA A 124 -2.88 -8.94 75.13
N ALA A 125 -2.52 -9.38 73.92
CA ALA A 125 -2.03 -10.74 73.73
C ALA A 125 -0.51 -10.85 73.86
N GLY A 126 0.09 -9.85 74.51
CA GLY A 126 1.53 -9.83 74.75
C GLY A 126 2.50 -9.64 73.58
N VAL A 127 2.17 -8.75 72.66
CA VAL A 127 3.04 -8.50 71.51
C VAL A 127 3.51 -7.04 71.49
N PRO A 128 4.84 -6.82 71.35
CA PRO A 128 5.38 -5.46 71.30
C PRO A 128 4.77 -4.66 70.15
N THR A 129 4.66 -3.35 70.33
CA THR A 129 4.08 -2.49 69.28
C THR A 129 4.81 -1.15 69.14
N LEU A 130 4.50 -0.43 68.06
CA LEU A 130 5.09 0.89 67.81
C LEU A 130 4.41 1.94 68.68
N ALA A 131 5.17 2.97 69.03
CA ALA A 131 4.66 4.07 69.85
C ALA A 131 3.26 4.50 69.41
N ALA A 199 5.56 5.69 66.67
CA ALA A 199 5.30 5.31 65.29
C ALA A 199 6.37 5.85 64.36
N LEU A 200 7.42 5.04 64.12
CA LEU A 200 8.55 5.34 63.22
C LEU A 200 9.81 4.50 63.55
N LEU A 201 9.79 3.22 63.15
CA LEU A 201 10.92 2.30 63.42
C LEU A 201 12.12 2.43 62.47
N GLY A 202 13.31 2.16 63.01
CA GLY A 202 14.55 2.29 62.26
C GLY A 202 14.82 1.41 61.06
N ASP A 203 15.81 0.52 61.20
CA ASP A 203 16.21 -0.40 60.13
C ASP A 203 15.33 -1.64 60.26
N ALA A 204 14.24 -1.66 59.50
CA ALA A 204 13.31 -2.77 59.58
C ALA A 204 13.02 -3.55 58.31
N ARG A 205 12.57 -4.78 58.53
CA ARG A 205 12.20 -5.69 57.46
C ARG A 205 10.72 -5.96 57.67
N HIS A 206 10.00 -6.19 56.58
CA HIS A 206 8.59 -6.48 56.68
C HIS A 206 8.40 -8.01 56.69
N ILE A 207 8.07 -8.59 57.84
CA ILE A 207 7.86 -10.03 57.94
C ILE A 207 6.40 -10.31 58.25
N GLU A 208 5.78 -11.19 57.45
CA GLU A 208 4.38 -11.57 57.62
C GLU A 208 4.31 -13.06 57.93
N VAL A 209 3.39 -13.46 58.79
CA VAL A 209 3.22 -14.87 59.11
C VAL A 209 1.82 -15.28 58.65
N GLN A 210 1.77 -16.26 57.74
CA GLN A 210 0.52 -16.77 57.21
C GLN A 210 -0.18 -17.65 58.23
N VAL A 211 -1.39 -17.28 58.63
CA VAL A 211 -2.13 -18.05 59.60
C VAL A 211 -3.43 -18.65 59.05
N VAL A 212 -3.77 -19.83 59.53
CA VAL A 212 -5.01 -20.49 59.15
C VAL A 212 -5.67 -20.74 60.50
N ALA A 213 -6.94 -20.33 60.66
CA ALA A 213 -7.64 -20.51 61.93
C ALA A 213 -9.03 -21.10 61.77
N ALA A 214 -9.27 -22.25 62.39
CA ALA A 214 -10.58 -22.90 62.32
C ALA A 214 -10.91 -23.46 63.69
N PRO A 215 -12.21 -23.66 63.99
CA PRO A 215 -12.58 -24.20 65.30
C PRO A 215 -12.42 -25.70 65.41
N ALA A 216 -11.98 -26.12 66.59
CA ALA A 216 -11.80 -27.53 66.94
C ALA A 216 -12.43 -27.67 68.32
N GLY A 217 -13.39 -28.57 68.43
CA GLY A 217 -14.07 -28.73 69.71
C GLY A 217 -14.95 -27.51 69.71
N HIS A 218 -14.73 -26.62 70.68
CA HIS A 218 -15.53 -25.41 70.72
C HIS A 218 -14.61 -24.20 70.79
N GLN A 219 -13.33 -24.47 70.65
CA GLN A 219 -12.32 -23.42 70.73
C GLN A 219 -11.72 -23.16 69.35
N THR A 220 -11.00 -22.05 69.26
CA THR A 220 -10.35 -21.68 68.01
C THR A 220 -8.87 -22.08 68.02
N HIS A 221 -8.46 -22.86 67.02
CA HIS A 221 -7.07 -23.30 66.86
C HIS A 221 -6.48 -22.47 65.72
N ALA A 222 -5.26 -21.99 65.90
CA ALA A 222 -4.63 -21.20 64.86
C ALA A 222 -3.24 -21.73 64.53
N LEU A 223 -3.02 -22.03 63.26
CA LEU A 223 -1.74 -22.57 62.80
C LEU A 223 -0.95 -21.60 61.92
N ALA A 224 0.36 -21.51 62.15
CA ALA A 224 1.22 -20.62 61.36
C ALA A 224 1.85 -21.43 60.20
N VAL A 225 1.17 -21.44 59.06
CA VAL A 225 1.60 -22.20 57.86
C VAL A 225 2.87 -21.75 57.14
N GLY A 226 3.33 -20.53 57.40
CA GLY A 226 4.52 -20.03 56.73
C GLY A 226 4.75 -18.55 56.89
N ASP A 227 5.89 -18.04 56.44
CA ASP A 227 6.19 -16.61 56.57
C ASP A 227 6.80 -16.03 55.28
N ARG A 228 6.66 -14.71 55.11
CA ARG A 228 7.16 -14.03 53.91
C ARG A 228 7.89 -12.73 54.18
N ASP A 229 8.75 -12.33 53.25
CA ASP A 229 9.53 -11.09 53.33
C ASP A 229 8.96 -10.10 52.31
N CYS A 230 8.23 -9.11 52.80
CA CYS A 230 7.65 -8.11 51.91
C CYS A 230 8.32 -6.74 52.02
N SER A 231 9.63 -6.74 52.24
CA SER A 231 10.38 -5.50 52.37
C SER A 231 10.37 -4.72 51.06
N MET A 232 10.78 -5.35 49.96
CA MET A 232 10.84 -4.67 48.65
C MET A 232 9.55 -3.99 48.22
N GLN A 233 9.43 -2.71 48.56
CA GLN A 233 8.26 -1.93 48.20
C GLN A 233 8.64 -0.51 47.78
N ARG A 234 7.89 0.04 46.83
CA ARG A 234 8.11 1.38 46.32
C ARG A 234 6.95 2.23 46.81
N ARG A 235 7.25 3.28 47.58
CA ARG A 235 6.24 4.15 48.16
C ARG A 235 5.09 3.32 48.72
N TYR A 236 5.48 2.33 49.52
CA TYR A 236 4.57 1.43 50.21
C TYR A 236 3.77 0.42 49.39
N GLN A 237 4.04 0.34 48.09
CA GLN A 237 3.39 -0.65 47.23
C GLN A 237 4.39 -1.78 47.02
N LYS A 238 3.98 -3.01 47.33
CA LYS A 238 4.86 -4.17 47.23
C LYS A 238 5.22 -4.60 45.81
N LEU A 239 6.51 -4.86 45.60
CA LEU A 239 7.03 -5.29 44.31
C LEU A 239 7.52 -6.74 44.33
N ILE A 240 8.22 -7.12 45.39
CA ILE A 240 8.74 -8.48 45.50
C ILE A 240 8.59 -9.10 46.89
N GLU A 241 7.84 -10.20 46.95
CA GLU A 241 7.62 -10.95 48.19
C GLU A 241 8.51 -12.19 48.14
N ILE A 242 9.00 -12.63 49.30
CA ILE A 242 9.90 -13.78 49.36
C ILE A 242 9.49 -14.79 50.42
N ALA A 243 9.51 -16.07 50.07
CA ALA A 243 9.16 -17.10 51.02
C ALA A 243 10.12 -18.29 50.92
N PRO A 244 10.72 -18.68 52.05
CA PRO A 244 10.51 -18.04 53.35
C PRO A 244 11.35 -16.78 53.56
N ALA A 245 11.10 -16.08 54.67
CA ALA A 245 11.85 -14.88 54.98
C ALA A 245 13.29 -15.35 55.15
N GLN A 246 14.21 -14.71 54.45
CA GLN A 246 15.61 -15.11 54.52
C GLN A 246 16.39 -14.55 55.71
N GLY A 247 17.17 -15.43 56.33
CA GLY A 247 18.00 -15.05 57.46
C GLY A 247 17.32 -14.61 58.75
N LEU A 248 16.52 -15.48 59.35
CA LEU A 248 15.87 -15.17 60.61
C LEU A 248 16.25 -16.25 61.59
N SER A 249 16.83 -15.87 62.74
CA SER A 249 17.21 -16.89 63.72
C SER A 249 15.99 -17.77 64.03
N GLU A 250 16.20 -19.07 64.14
CA GLU A 250 15.07 -19.94 64.43
C GLU A 250 14.47 -19.56 65.78
N GLU A 251 15.07 -18.55 66.42
CA GLU A 251 14.62 -18.03 67.70
C GLU A 251 13.56 -17.00 67.36
N LEU A 252 13.95 -16.03 66.54
CA LEU A 252 13.04 -14.97 66.12
C LEU A 252 11.87 -15.56 65.34
N ARG A 253 12.17 -16.46 64.41
CA ARG A 253 11.10 -17.09 63.63
C ARG A 253 10.04 -17.67 64.57
N ARG A 254 10.44 -18.64 65.37
CA ARG A 254 9.54 -19.26 66.34
C ARG A 254 8.81 -18.17 67.15
N ALA A 255 9.50 -17.07 67.43
CA ALA A 255 8.91 -15.97 68.18
C ALA A 255 7.79 -15.27 67.40
N LEU A 256 7.95 -15.20 66.09
CA LEU A 256 6.96 -14.56 65.23
C LEU A 256 5.76 -15.46 64.99
N HIS A 257 6.01 -16.76 64.78
CA HIS A 257 4.92 -17.70 64.56
C HIS A 257 4.08 -17.78 65.83
N GLN A 258 4.74 -17.91 66.96
CA GLN A 258 4.05 -18.02 68.23
C GLN A 258 3.25 -16.77 68.55
N ALA A 259 3.73 -15.62 68.09
CA ALA A 259 2.98 -14.39 68.35
C ALA A 259 1.74 -14.36 67.46
N ALA A 260 1.91 -14.68 66.18
CA ALA A 260 0.81 -14.66 65.21
C ALA A 260 -0.38 -15.57 65.54
N VAL A 261 -0.13 -16.83 65.87
CA VAL A 261 -1.23 -17.75 66.20
C VAL A 261 -1.90 -17.39 67.53
N ARG A 262 -1.14 -16.80 68.46
CA ARG A 262 -1.74 -16.41 69.72
C ARG A 262 -2.66 -15.21 69.52
N LEU A 263 -2.22 -14.24 68.73
CA LEU A 263 -3.04 -13.06 68.47
C LEU A 263 -4.28 -13.43 67.66
N CYS A 264 -4.14 -14.38 66.73
CA CYS A 264 -5.25 -14.82 65.89
C CYS A 264 -6.32 -15.58 66.65
N ALA A 265 -5.90 -16.53 67.50
CA ALA A 265 -6.85 -17.33 68.28
C ALA A 265 -7.52 -16.47 69.34
N ARG A 266 -6.76 -15.52 69.90
CA ARG A 266 -7.27 -14.64 70.94
C ARG A 266 -8.44 -13.78 70.45
N VAL A 267 -8.45 -13.40 69.18
CA VAL A 267 -9.56 -12.59 68.65
C VAL A 267 -10.61 -13.42 67.92
N GLY A 268 -10.58 -14.73 68.14
CA GLY A 268 -11.54 -15.65 67.53
C GLY A 268 -11.72 -15.54 66.03
N LEU A 269 -10.64 -15.72 65.30
CA LEU A 269 -10.69 -15.64 63.85
C LEU A 269 -11.04 -16.99 63.25
N ARG A 270 -11.71 -16.97 62.11
CA ARG A 270 -12.08 -18.19 61.42
C ARG A 270 -11.68 -17.98 59.95
N GLY A 271 -10.69 -18.72 59.49
CA GLY A 271 -10.24 -18.60 58.12
C GLY A 271 -8.83 -18.08 58.05
N LEU A 272 -8.45 -17.55 56.89
CA LEU A 272 -7.10 -17.03 56.67
C LEU A 272 -6.87 -15.67 57.29
N ALA A 273 -5.62 -15.42 57.66
CA ALA A 273 -5.23 -14.15 58.23
C ALA A 273 -3.70 -14.04 58.17
N THR A 274 -3.22 -12.85 57.81
CA THR A 274 -1.79 -12.60 57.71
C THR A 274 -1.36 -11.60 58.77
N VAL A 275 -0.54 -12.04 59.71
CA VAL A 275 -0.06 -11.16 60.78
C VAL A 275 1.23 -10.48 60.33
N GLU A 276 1.17 -9.16 60.19
CA GLU A 276 2.33 -8.36 59.77
C GLU A 276 3.21 -7.91 60.93
N PHE A 277 4.52 -7.89 60.70
CA PHE A 277 5.48 -7.50 61.71
C PHE A 277 6.58 -6.60 61.14
N LEU A 278 7.29 -5.90 62.02
CA LEU A 278 8.43 -5.09 61.61
C LEU A 278 9.61 -5.65 62.36
N VAL A 279 10.59 -6.12 61.61
CA VAL A 279 11.77 -6.74 62.20
C VAL A 279 13.02 -5.91 62.02
N SER A 280 13.78 -5.81 63.11
CA SER A 280 15.03 -5.08 63.13
C SER A 280 15.97 -5.85 64.05
N GLY A 281 16.88 -6.63 63.47
CA GLY A 281 17.77 -7.40 64.30
C GLY A 281 17.02 -8.56 64.93
N GLU A 282 17.03 -8.64 66.26
CA GLU A 282 16.33 -9.71 66.96
C GLU A 282 15.08 -9.17 67.63
N ARG A 283 14.81 -7.89 67.38
CA ARG A 283 13.66 -7.19 67.92
C ARG A 283 12.62 -7.04 66.81
N PHE A 284 11.35 -7.13 67.17
CA PHE A 284 10.28 -7.02 66.18
C PHE A 284 9.06 -6.39 66.83
N VAL A 285 8.14 -5.88 66.02
CA VAL A 285 6.93 -5.30 66.56
C VAL A 285 5.73 -5.54 65.66
N PHE A 286 4.58 -5.80 66.29
CA PHE A 286 3.33 -6.03 65.59
C PHE A 286 3.01 -4.79 64.72
N LEU A 287 2.52 -5.04 63.52
CA LEU A 287 2.19 -3.98 62.57
C LEU A 287 0.72 -3.92 62.17
N GLU A 288 0.11 -5.08 61.94
CA GLU A 288 -1.29 -5.12 61.51
C GLU A 288 -1.70 -6.56 61.24
N VAL A 289 -3.01 -6.80 61.11
CA VAL A 289 -3.55 -8.13 60.79
C VAL A 289 -4.50 -8.01 59.60
N ASN A 290 -4.49 -9.00 58.72
CA ASN A 290 -5.37 -8.98 57.55
C ASN A 290 -6.15 -10.28 57.45
N PRO A 291 -7.41 -10.26 57.91
CA PRO A 291 -8.33 -11.39 57.91
C PRO A 291 -8.90 -11.71 56.55
N ARG A 292 -8.02 -11.72 55.55
CA ARG A 292 -8.45 -11.97 54.17
C ARG A 292 -7.34 -12.72 53.46
N ILE A 293 -7.58 -13.06 52.20
CA ILE A 293 -6.55 -13.73 51.42
C ILE A 293 -5.70 -12.58 50.93
N GLN A 294 -4.41 -12.83 50.68
CA GLN A 294 -3.52 -11.77 50.22
C GLN A 294 -2.85 -12.05 48.90
N VAL A 295 -2.46 -10.98 48.21
CA VAL A 295 -1.81 -11.09 46.91
C VAL A 295 -0.59 -11.99 46.92
N GLU A 296 0.18 -11.97 48.00
CA GLU A 296 1.37 -12.80 48.08
C GLU A 296 1.10 -14.17 48.72
N HIS A 297 -0.15 -14.61 48.70
CA HIS A 297 -0.47 -15.90 49.28
C HIS A 297 0.19 -16.97 48.41
N THR A 298 0.50 -16.61 47.17
CA THR A 298 1.11 -17.55 46.24
C THR A 298 2.48 -18.12 46.60
N VAL A 299 3.37 -17.34 47.19
CA VAL A 299 4.68 -17.87 47.55
C VAL A 299 4.58 -18.84 48.72
N THR A 300 3.48 -18.77 49.45
CA THR A 300 3.25 -19.65 50.58
C THR A 300 2.81 -20.99 49.99
N GLU A 301 2.02 -20.91 48.92
CA GLU A 301 1.51 -22.10 48.25
C GLU A 301 2.66 -22.89 47.64
N GLN A 302 3.57 -22.18 46.97
CA GLN A 302 4.72 -22.78 46.32
C GLN A 302 5.67 -23.47 47.28
N THR A 303 5.77 -22.94 48.50
CA THR A 303 6.68 -23.49 49.52
C THR A 303 5.97 -24.42 50.52
N THR A 304 4.64 -24.42 50.50
CA THR A 304 3.87 -25.23 51.42
C THR A 304 3.15 -26.42 50.77
N GLY A 305 2.74 -26.26 49.53
CA GLY A 305 2.01 -27.33 48.88
C GLY A 305 0.53 -27.02 48.91
N LEU A 306 0.11 -26.25 49.92
CA LEU A 306 -1.29 -25.85 50.10
C LEU A 306 -1.94 -25.01 49.00
N ASP A 307 -3.27 -25.10 48.95
CA ASP A 307 -4.13 -24.35 48.04
C ASP A 307 -4.89 -23.52 49.08
N LEU A 308 -4.34 -22.36 49.45
CA LEU A 308 -4.98 -21.55 50.49
C LEU A 308 -6.44 -21.14 50.24
N VAL A 309 -6.86 -21.13 48.98
CA VAL A 309 -8.23 -20.78 48.64
C VAL A 309 -9.12 -21.95 49.03
N ALA A 310 -8.71 -23.16 48.70
CA ALA A 310 -9.51 -24.33 49.07
C ALA A 310 -9.74 -24.30 50.58
N VAL A 311 -8.67 -24.16 51.36
CA VAL A 311 -8.73 -24.09 52.82
C VAL A 311 -9.75 -23.04 53.29
N GLN A 312 -9.70 -21.87 52.65
CA GLN A 312 -10.58 -20.74 52.93
C GLN A 312 -12.02 -21.19 52.81
N LEU A 313 -12.30 -21.87 51.69
CA LEU A 313 -13.64 -22.39 51.38
C LEU A 313 -14.03 -23.51 52.33
N ALA A 314 -13.11 -24.44 52.58
CA ALA A 314 -13.35 -25.56 53.49
C ALA A 314 -13.76 -25.01 54.84
N ILE A 315 -13.01 -24.01 55.31
CA ILE A 315 -13.33 -23.40 56.60
C ILE A 315 -14.70 -22.74 56.51
N ALA A 316 -14.95 -22.01 55.42
CA ALA A 316 -16.23 -21.34 55.21
C ALA A 316 -17.40 -22.31 55.22
N GLY A 317 -17.20 -23.49 54.63
CA GLY A 317 -18.24 -24.50 54.58
C GLY A 317 -18.51 -25.23 55.89
N GLY A 318 -17.72 -24.92 56.91
CA GLY A 318 -17.93 -25.54 58.21
C GLY A 318 -16.93 -26.58 58.65
N GLU A 319 -15.86 -26.76 57.89
CA GLU A 319 -14.85 -27.75 58.25
C GLU A 319 -14.09 -27.33 59.49
N SER A 320 -13.63 -28.32 60.26
CA SER A 320 -12.87 -28.04 61.48
C SER A 320 -11.37 -28.18 61.28
N TYR A 321 -10.63 -27.48 62.16
CA TYR A 321 -9.17 -27.45 62.15
C TYR A 321 -8.57 -28.83 61.91
N TYR A 322 -8.99 -29.79 62.72
CA TYR A 322 -8.48 -31.15 62.61
C TYR A 322 -8.80 -31.84 61.28
N ARG A 323 -9.98 -31.60 60.74
CA ARG A 323 -10.36 -32.23 59.48
C ARG A 323 -9.89 -31.46 58.25
N LEU A 324 -9.05 -30.45 58.46
CA LEU A 324 -8.52 -29.70 57.34
C LEU A 324 -7.25 -30.42 56.85
N GLY A 325 -6.67 -31.24 57.73
CA GLY A 325 -5.45 -31.96 57.39
C GLY A 325 -4.39 -31.04 56.82
N LEU A 326 -3.90 -30.12 57.63
CA LEU A 326 -2.88 -29.19 57.17
C LEU A 326 -1.53 -29.62 57.73
N PRO A 327 -0.43 -29.28 57.04
CA PRO A 327 0.91 -29.65 57.48
C PRO A 327 1.20 -29.14 58.89
N ALA A 328 2.12 -29.81 59.59
CA ALA A 328 2.48 -29.45 60.96
C ALA A 328 3.13 -28.07 61.09
N GLY A 329 3.07 -27.52 62.31
CA GLY A 329 3.64 -26.22 62.58
C GLY A 329 3.24 -25.61 63.92
N ILE A 330 3.81 -24.46 64.24
CA ILE A 330 3.47 -23.80 65.49
C ILE A 330 1.98 -23.45 65.44
N ALA A 331 1.24 -23.88 66.45
CA ALA A 331 -0.19 -23.62 66.53
C ALA A 331 -0.57 -23.18 67.93
N SER A 332 -1.80 -22.67 68.08
CA SER A 332 -2.33 -22.25 69.37
C SER A 332 -3.67 -22.94 69.55
N ASP A 333 -3.67 -24.08 70.22
CA ASP A 333 -4.92 -24.82 70.43
C ASP A 333 -5.88 -24.17 71.42
N GLY A 334 -6.09 -22.87 71.26
CA GLY A 334 -7.00 -22.15 72.14
C GLY A 334 -6.75 -22.41 73.62
N THR A 335 -5.48 -22.34 74.00
CA THR A 335 -5.03 -22.55 75.38
C THR A 335 -3.57 -22.08 75.44
N GLU A 336 -2.67 -22.93 74.98
CA GLU A 336 -1.25 -22.62 74.96
C GLU A 336 -0.73 -22.95 73.56
N VAL A 337 0.47 -22.47 73.25
CA VAL A 337 1.06 -22.72 71.94
C VAL A 337 1.91 -24.00 71.95
N ILE A 338 1.87 -24.75 70.86
CA ILE A 338 2.60 -26.00 70.72
C ILE A 338 3.11 -26.21 69.30
N GLY A 339 4.14 -27.05 69.15
CA GLY A 339 4.69 -27.33 67.83
C GLY A 339 6.03 -26.72 67.46
N GLU A 340 6.54 -27.12 66.29
CA GLU A 340 7.82 -26.63 65.78
C GLU A 340 7.51 -25.82 64.54
N PRO A 341 8.35 -24.82 64.21
CA PRO A 341 8.02 -24.06 63.00
C PRO A 341 7.71 -25.01 61.85
N ALA A 342 6.75 -24.63 61.02
CA ALA A 342 6.33 -25.45 59.89
C ALA A 342 7.45 -25.63 58.87
N ALA A 343 7.24 -26.55 57.93
CA ALA A 343 8.22 -26.83 56.90
C ALA A 343 7.96 -26.03 55.64
N GLN A 344 8.95 -25.28 55.20
CA GLN A 344 8.80 -24.50 53.98
C GLN A 344 9.85 -24.91 52.94
N ARG A 345 9.47 -25.89 52.13
CA ARG A 345 10.31 -26.45 51.07
C ARG A 345 10.82 -25.42 50.05
N GLY A 346 12.13 -25.37 49.86
CA GLY A 346 12.74 -24.45 48.90
C GLY A 346 12.65 -22.96 49.18
N ILE A 347 12.62 -22.18 48.10
CA ILE A 347 12.52 -20.72 48.16
C ILE A 347 11.64 -20.29 46.99
N ALA A 348 10.75 -19.32 47.24
CA ALA A 348 9.86 -18.83 46.21
C ALA A 348 9.90 -17.32 46.22
N ILE A 349 9.86 -16.73 45.03
CA ILE A 349 9.87 -15.28 44.86
C ILE A 349 8.69 -14.88 43.97
N GLN A 350 7.89 -13.92 44.41
CA GLN A 350 6.77 -13.42 43.60
C GLN A 350 7.07 -11.98 43.18
N LEU A 351 7.10 -11.76 41.87
CA LEU A 351 7.39 -10.45 41.28
C LEU A 351 6.12 -9.84 40.72
N ARG A 352 5.77 -8.62 41.14
CA ARG A 352 4.55 -8.00 40.63
C ARG A 352 4.82 -7.19 39.37
N VAL A 353 4.53 -7.78 38.22
CA VAL A 353 4.73 -7.08 36.97
C VAL A 353 3.51 -6.20 36.76
N ASN A 354 3.71 -4.88 36.83
CA ASN A 354 2.62 -3.93 36.65
C ASN A 354 2.70 -3.23 35.29
N ALA A 355 1.56 -2.78 34.78
CA ALA A 355 1.47 -2.04 33.53
C ALA A 355 1.65 -0.58 33.96
N GLU A 356 2.91 -0.14 34.03
CA GLU A 356 3.26 1.21 34.46
C GLU A 356 4.69 1.54 33.99
N THR A 357 4.97 2.83 33.79
CA THR A 357 6.29 3.27 33.33
C THR A 357 6.85 4.47 34.14
N PHE A 358 8.14 4.73 33.99
CA PHE A 358 8.82 5.85 34.67
C PHE A 358 8.56 7.18 33.99
N GLY A 359 8.24 8.19 34.77
CA GLY A 359 8.00 9.51 34.22
C GLY A 359 9.25 10.36 34.19
N ALA A 360 9.07 11.66 34.32
CA ALA A 360 10.20 12.58 34.31
C ALA A 360 11.04 12.38 35.57
N ASP A 361 10.54 12.90 36.68
CA ASP A 361 11.22 12.81 37.97
C ASP A 361 11.19 11.41 38.57
N PHE A 362 11.69 10.42 37.82
CA PHE A 362 11.68 9.05 38.30
C PHE A 362 10.28 8.76 38.85
N SER A 363 9.30 9.50 38.36
CA SER A 363 7.91 9.34 38.79
C SER A 363 7.31 8.08 38.19
N VAL A 364 6.14 7.67 38.70
CA VAL A 364 5.52 6.46 38.19
C VAL A 364 4.15 6.73 37.55
N LEU A 365 4.11 6.54 36.24
CA LEU A 365 2.91 6.77 35.44
C LEU A 365 2.25 5.46 35.06
N PRO A 366 0.95 5.30 35.36
CA PRO A 366 0.32 4.04 34.98
C PRO A 366 0.37 3.89 33.46
N SER A 367 0.44 2.66 32.99
CA SER A 367 0.47 2.38 31.56
C SER A 367 -0.96 2.11 31.08
N ALA A 368 -1.12 1.90 29.77
CA ALA A 368 -2.43 1.61 29.19
C ALA A 368 -2.18 1.21 27.76
N GLY A 369 -3.07 0.39 27.21
CA GLY A 369 -2.89 -0.07 25.84
C GLY A 369 -3.47 -1.46 25.61
N THR A 370 -3.32 -1.95 24.39
CA THR A 370 -3.83 -3.27 24.05
C THR A 370 -2.67 -4.24 24.05
N LEU A 371 -2.80 -5.35 24.76
CA LEU A 371 -1.73 -6.31 24.78
C LEU A 371 -1.69 -7.00 23.42
N THR A 372 -0.84 -6.47 22.52
CA THR A 372 -0.68 -6.99 21.16
C THR A 372 0.07 -8.32 21.18
N ALA A 373 0.98 -8.46 22.14
CA ALA A 373 1.73 -9.69 22.31
C ALA A 373 1.78 -9.93 23.81
N PHE A 374 1.52 -11.17 24.24
CA PHE A 374 1.53 -11.51 25.65
C PHE A 374 1.93 -12.96 25.78
N CYS A 375 2.99 -13.22 26.53
CA CYS A 375 3.47 -14.57 26.68
C CYS A 375 4.33 -14.64 27.94
N PRO A 376 3.73 -15.04 29.07
CA PRO A 376 4.44 -15.15 30.34
C PRO A 376 5.42 -16.31 30.41
N PRO A 377 6.40 -16.23 31.32
CA PRO A 377 7.41 -17.28 31.49
C PRO A 377 6.74 -18.60 31.88
N SER A 378 7.24 -19.71 31.37
CA SER A 378 6.61 -20.97 31.68
C SER A 378 7.52 -22.17 31.70
N GLY A 379 7.80 -22.66 32.90
CA GLY A 379 8.64 -23.82 33.00
C GLY A 379 8.45 -24.51 34.33
N PRO A 380 9.35 -25.44 34.70
CA PRO A 380 9.20 -26.13 35.99
C PRO A 380 9.55 -25.13 37.08
N GLY A 381 8.77 -25.10 38.15
CA GLY A 381 9.05 -24.15 39.21
C GLY A 381 8.69 -22.71 38.86
N VAL A 382 7.97 -22.52 37.77
CA VAL A 382 7.56 -21.19 37.37
C VAL A 382 6.07 -21.16 37.27
N ARG A 383 5.43 -20.28 38.04
CA ARG A 383 3.98 -20.14 38.07
C ARG A 383 3.56 -18.71 37.78
N VAL A 384 2.48 -18.52 37.05
CA VAL A 384 2.02 -17.18 36.72
C VAL A 384 0.54 -16.97 36.96
N ASP A 385 0.22 -16.29 38.04
CA ASP A 385 -1.17 -15.97 38.33
C ASP A 385 -1.37 -14.64 37.62
N THR A 386 -2.02 -14.71 36.47
CA THR A 386 -2.23 -13.55 35.64
C THR A 386 -3.67 -13.12 35.53
N TYR A 387 -3.85 -12.01 34.83
CA TYR A 387 -5.15 -11.43 34.58
C TYR A 387 -5.17 -11.01 33.12
N GLY A 388 -3.96 -10.86 32.55
CA GLY A 388 -3.83 -10.45 31.17
C GLY A 388 -3.87 -11.61 30.19
N ARG A 389 -4.08 -11.29 28.92
CA ARG A 389 -4.13 -12.27 27.84
C ARG A 389 -4.10 -11.52 26.52
N PRO A 390 -3.58 -12.15 25.46
CA PRO A 390 -3.48 -11.55 24.11
C PRO A 390 -4.77 -10.88 23.65
N GLY A 391 -4.72 -9.58 23.42
CA GLY A 391 -5.89 -8.87 22.97
C GLY A 391 -6.48 -7.96 24.03
N LEU A 392 -6.42 -8.39 25.27
CA LEU A 392 -6.97 -7.60 26.37
C LEU A 392 -6.47 -6.18 26.36
N VAL A 393 -7.38 -5.22 26.50
CA VAL A 393 -7.00 -3.82 26.53
C VAL A 393 -6.80 -3.44 28.00
N VAL A 394 -5.60 -3.01 28.34
CA VAL A 394 -5.24 -2.62 29.71
C VAL A 394 -5.70 -1.20 30.03
N SER A 395 -6.41 -1.06 31.13
CA SER A 395 -6.91 0.24 31.55
C SER A 395 -6.26 0.75 32.83
N PRO A 396 -6.05 2.07 32.91
CA PRO A 396 -5.45 2.66 34.11
C PRO A 396 -6.53 2.94 35.16
N GLN A 397 -7.77 2.58 34.82
CA GLN A 397 -8.93 2.77 35.71
C GLN A 397 -8.87 1.81 36.90
N TYR A 398 -8.03 0.79 36.79
CA TYR A 398 -7.88 -0.19 37.87
C TYR A 398 -6.42 -0.45 38.19
N ASP A 399 -6.25 -1.28 39.22
CA ASP A 399 -4.95 -1.72 39.71
C ASP A 399 -4.02 -1.97 38.51
N SER A 400 -2.81 -1.45 38.58
CA SER A 400 -1.87 -1.64 37.47
C SER A 400 -1.19 -3.00 37.41
N LEU A 401 -1.57 -3.93 38.30
CA LEU A 401 -0.96 -5.25 38.27
C LEU A 401 -1.35 -5.93 36.97
N LEU A 402 -0.37 -6.54 36.32
CA LEU A 402 -0.64 -7.22 35.06
C LEU A 402 -0.52 -8.75 35.23
N ALA A 403 0.49 -9.19 35.99
CA ALA A 403 0.69 -10.60 36.22
C ALA A 403 1.59 -10.80 37.41
N LYS A 404 1.43 -11.92 38.10
CA LYS A 404 2.26 -12.23 39.26
C LYS A 404 3.16 -13.38 38.90
N VAL A 405 4.41 -13.10 38.55
CA VAL A 405 5.34 -14.17 38.20
C VAL A 405 5.89 -14.70 39.50
N ILE A 406 5.74 -16.01 39.70
CA ILE A 406 6.18 -16.65 40.92
C ILE A 406 7.13 -17.77 40.61
N VAL A 407 8.40 -17.58 40.91
CA VAL A 407 9.35 -18.64 40.66
C VAL A 407 9.70 -19.26 42.00
N ALA A 408 10.11 -20.52 41.97
CA ALA A 408 10.48 -21.24 43.17
C ALA A 408 11.61 -22.15 42.77
N VAL A 409 12.46 -22.49 43.73
CA VAL A 409 13.58 -23.36 43.45
C VAL A 409 13.75 -24.23 44.68
N HIS A 410 14.22 -25.47 44.50
CA HIS A 410 14.38 -26.38 45.62
C HIS A 410 15.60 -25.95 46.41
N GLY A 411 15.75 -26.56 47.58
CA GLY A 411 16.89 -26.24 48.41
C GLY A 411 16.83 -24.86 49.04
N SER A 412 18.00 -24.24 49.17
CA SER A 412 18.07 -22.93 49.79
C SER A 412 18.93 -21.92 49.05
N SER A 413 19.52 -22.28 47.92
CA SER A 413 20.35 -21.31 47.24
C SER A 413 19.59 -20.06 46.82
N TRP A 414 19.65 -19.04 47.66
CA TRP A 414 18.98 -17.77 47.40
C TRP A 414 19.46 -17.21 46.06
N ARG A 415 20.77 -17.33 45.81
CA ARG A 415 21.34 -16.82 44.57
C ARG A 415 20.74 -17.52 43.34
N ALA A 416 20.41 -18.80 43.50
CA ALA A 416 19.80 -19.57 42.40
C ALA A 416 18.38 -19.05 42.19
N ALA A 417 17.71 -18.76 43.30
CA ALA A 417 16.36 -18.24 43.30
C ALA A 417 16.29 -16.91 42.59
N MET A 418 17.30 -16.07 42.81
CA MET A 418 17.32 -14.77 42.15
C MET A 418 17.55 -14.94 40.66
N ARG A 419 18.49 -15.81 40.29
CA ARG A 419 18.80 -16.04 38.89
C ARG A 419 17.53 -16.38 38.15
N LYS A 420 16.79 -17.33 38.72
CA LYS A 420 15.55 -17.82 38.14
C LYS A 420 14.51 -16.72 37.95
N ALA A 421 14.39 -15.85 38.96
CA ALA A 421 13.45 -14.73 38.90
C ALA A 421 13.78 -13.82 37.73
N ASP A 422 15.07 -13.62 37.51
CA ASP A 422 15.55 -12.79 36.42
C ASP A 422 15.21 -13.44 35.08
N THR A 423 15.56 -14.72 34.95
CA THR A 423 15.28 -15.46 33.73
C THR A 423 13.80 -15.43 33.43
N ALA A 424 12.98 -15.77 34.43
CA ALA A 424 11.55 -15.77 34.28
C ALA A 424 11.13 -14.43 33.70
N LEU A 425 11.67 -13.35 34.25
CA LEU A 425 11.31 -12.03 33.76
C LEU A 425 11.77 -11.79 32.33
N SER A 426 12.97 -12.25 32.00
CA SER A 426 13.51 -12.07 30.66
C SER A 426 12.72 -12.82 29.60
N GLU A 427 12.07 -13.91 29.99
CA GLU A 427 11.29 -14.69 29.05
C GLU A 427 9.85 -14.18 28.97
N PHE A 428 9.52 -13.15 29.76
CA PHE A 428 8.17 -12.59 29.80
C PHE A 428 7.98 -11.61 28.66
N GLY A 429 7.21 -12.00 27.65
CA GLY A 429 7.01 -11.12 26.51
C GLY A 429 5.71 -10.35 26.59
N VAL A 430 5.82 -9.02 26.61
CA VAL A 430 4.65 -8.14 26.65
C VAL A 430 4.86 -7.09 25.57
N GLU A 431 3.79 -6.69 24.89
CA GLU A 431 3.91 -5.70 23.84
C GLU A 431 2.65 -4.88 23.70
N GLY A 432 2.80 -3.57 23.58
CA GLY A 432 1.66 -2.70 23.45
C GLY A 432 1.31 -1.96 24.73
N VAL A 433 2.02 -2.31 25.80
CA VAL A 433 1.81 -1.67 27.11
C VAL A 433 3.16 -1.64 27.82
N ALA A 434 3.46 -0.55 28.50
CA ALA A 434 4.73 -0.45 29.21
C ALA A 434 4.66 -1.22 30.54
N THR A 435 5.70 -1.97 30.88
CA THR A 435 5.69 -2.70 32.15
C THR A 435 6.88 -2.29 33.00
N ASN A 436 6.91 -2.80 34.23
CA ASN A 436 7.99 -2.51 35.15
C ASN A 436 8.99 -3.65 35.15
N ILE A 437 8.89 -4.52 34.14
CA ILE A 437 9.79 -5.67 34.04
C ILE A 437 11.27 -5.27 34.03
N GLY A 438 11.60 -4.16 33.38
CA GLY A 438 12.99 -3.75 33.37
C GLY A 438 13.40 -3.29 34.76
N PHE A 439 12.52 -2.54 35.41
CA PHE A 439 12.80 -2.05 36.76
C PHE A 439 13.07 -3.22 37.69
N LEU A 440 12.09 -4.12 37.80
CA LEU A 440 12.19 -5.31 38.65
C LEU A 440 13.49 -6.03 38.35
N ARG A 441 13.73 -6.16 37.06
CA ARG A 441 14.90 -6.81 36.52
C ARG A 441 16.21 -6.15 37.02
N ARG A 442 16.23 -4.82 37.05
CA ARG A 442 17.40 -4.08 37.54
C ARG A 442 17.47 -4.11 39.07
N LEU A 443 16.32 -4.09 39.72
CA LEU A 443 16.28 -4.13 41.16
C LEU A 443 16.80 -5.46 41.70
N LEU A 444 16.80 -6.49 40.85
CA LEU A 444 17.30 -7.81 41.27
C LEU A 444 18.83 -7.91 41.18
N ALA A 445 19.43 -7.05 40.35
CA ALA A 445 20.87 -7.03 40.13
C ALA A 445 21.62 -6.48 41.34
N GLU A 446 20.95 -5.58 42.07
CA GLU A 446 21.53 -4.97 43.26
C GLU A 446 22.32 -5.95 44.13
N GLN A 447 23.54 -5.55 44.44
CA GLN A 447 24.44 -6.37 45.23
C GLN A 447 23.98 -6.56 46.67
N ARG A 448 23.40 -5.54 47.27
CA ARG A 448 22.95 -5.66 48.65
C ARG A 448 21.96 -6.82 48.80
N LEU A 449 21.05 -6.92 47.84
CA LEU A 449 20.04 -7.98 47.82
C LEU A 449 20.66 -9.38 47.83
N GLU A 450 21.91 -9.47 47.41
CA GLU A 450 22.61 -10.75 47.35
C GLU A 450 22.82 -11.40 48.73
N THR A 451 22.50 -10.66 49.80
CA THR A 451 22.66 -11.19 51.15
C THR A 451 21.38 -11.90 51.60
N GLY A 452 20.38 -11.94 50.73
CA GLY A 452 19.14 -12.62 51.06
C GLY A 452 17.95 -11.71 51.33
N TRP A 453 18.22 -10.43 51.57
CA TRP A 453 17.15 -9.49 51.85
C TRP A 453 17.61 -8.04 51.90
N VAL A 454 16.64 -7.13 51.86
CA VAL A 454 16.93 -5.72 51.96
C VAL A 454 15.88 -5.14 52.92
N ASN A 455 16.12 -3.91 53.38
CA ASN A 455 15.19 -3.26 54.29
C ASN A 455 14.10 -2.49 53.52
N THR A 456 13.19 -1.91 54.27
CA THR A 456 12.05 -1.17 53.73
C THR A 456 12.38 0.10 52.95
N ASP A 457 13.54 0.69 53.24
CA ASP A 457 13.92 1.92 52.56
C ASP A 457 14.75 1.68 51.32
N PHE A 458 15.34 0.47 51.22
CA PHE A 458 16.19 0.14 50.08
C PHE A 458 15.63 0.47 48.68
N VAL A 459 14.44 -0.04 48.37
CA VAL A 459 13.85 0.22 47.06
C VAL A 459 13.57 1.70 46.83
N ASP A 460 13.15 2.41 47.88
CA ASP A 460 12.85 3.82 47.75
C ASP A 460 14.08 4.69 47.56
N GLU A 461 15.20 4.27 48.14
CA GLU A 461 16.45 5.01 48.04
C GLU A 461 17.16 4.75 46.71
N LYS A 462 17.16 3.50 46.25
CA LYS A 462 17.82 3.17 45.00
C LYS A 462 16.96 3.47 43.76
N LEU A 463 15.76 4.02 43.97
CA LEU A 463 14.85 4.31 42.86
C LEU A 463 15.45 5.16 41.74
N PRO A 464 16.04 6.32 42.09
CA PRO A 464 16.64 7.16 41.05
C PRO A 464 17.79 6.50 40.28
N GLU A 465 18.65 5.78 41.00
CA GLU A 465 19.79 5.09 40.38
C GLU A 465 19.34 3.94 39.48
N LEU A 466 18.23 3.30 39.84
CA LEU A 466 17.69 2.20 39.06
C LEU A 466 16.81 2.69 37.93
N ALA A 467 16.11 3.80 38.16
CA ALA A 467 15.24 4.39 37.16
C ALA A 467 16.13 4.93 36.05
N ALA A 468 17.29 5.46 36.47
CA ALA A 468 18.27 6.00 35.55
C ALA A 468 18.77 4.87 34.66
N ALA A 469 18.65 3.65 35.17
CA ALA A 469 19.06 2.44 34.46
C ALA A 469 17.85 1.87 33.72
N ALA A 470 17.40 2.60 32.69
CA ALA A 470 16.27 2.20 31.88
C ALA A 470 16.26 3.06 30.63
N PRO A 479 16.73 -12.38 20.67
CA PRO A 479 16.93 -13.09 19.41
C PRO A 479 15.83 -12.91 18.36
N GLY A 480 16.23 -12.57 17.13
CA GLY A 480 15.30 -12.37 16.03
C GLY A 480 15.70 -13.13 14.78
N ALA A 481 14.93 -14.17 14.45
CA ALA A 481 15.18 -15.05 13.30
C ALA A 481 15.75 -14.36 12.06
N VAL A 482 16.99 -14.72 11.70
CA VAL A 482 17.68 -14.14 10.54
C VAL A 482 17.90 -15.16 9.42
N GLU A 483 17.18 -15.01 8.31
CA GLU A 483 17.31 -15.93 7.18
C GLU A 483 18.71 -15.88 6.58
N LEU A 484 19.15 -17.02 6.06
CA LEU A 484 20.46 -17.12 5.45
C LEU A 484 20.34 -17.67 4.05
N TYR A 485 20.82 -16.91 3.09
CA TYR A 485 20.77 -17.35 1.70
C TYR A 485 21.79 -18.48 1.59
N PRO A 486 21.54 -19.47 0.71
CA PRO A 486 22.49 -20.58 0.56
C PRO A 486 23.95 -20.16 0.32
N GLY A 487 24.86 -20.82 1.03
CA GLY A 487 26.28 -20.51 0.89
C GLY A 487 26.78 -19.58 1.99
N GLU A 488 25.85 -19.09 2.79
CA GLU A 488 26.17 -18.19 3.87
C GLU A 488 26.03 -18.91 5.22
N ASP A 489 26.78 -18.42 6.20
CA ASP A 489 26.76 -18.96 7.56
C ASP A 489 26.78 -17.74 8.46
N ALA A 490 26.24 -17.87 9.67
CA ALA A 490 26.21 -16.74 10.59
C ALA A 490 27.21 -16.92 11.72
N LEU A 491 27.98 -15.86 12.01
CA LEU A 491 28.91 -15.90 13.11
C LEU A 491 28.10 -15.43 14.34
N ARG A 492 27.79 -16.35 15.24
CA ARG A 492 27.00 -16.03 16.42
C ARG A 492 27.83 -15.78 17.65
N ALA A 493 27.26 -15.06 18.61
CA ALA A 493 27.92 -14.73 19.87
C ALA A 493 28.06 -15.99 20.68
N GLN A 494 29.30 -16.45 20.87
CA GLN A 494 29.53 -17.66 21.63
C GLN A 494 29.04 -17.56 23.09
N LEU A 495 28.91 -16.33 23.59
CA LEU A 495 28.41 -16.10 24.95
C LEU A 495 27.82 -14.69 25.04
N ALA A 496 27.06 -14.45 26.09
CA ALA A 496 26.42 -13.16 26.32
C ALA A 496 27.45 -12.08 26.67
N GLY A 497 27.22 -10.87 26.17
CA GLY A 497 28.13 -9.77 26.45
C GLY A 497 27.91 -8.52 25.62
N THR A 498 28.73 -7.51 25.85
CA THR A 498 28.62 -6.25 25.12
C THR A 498 29.61 -6.18 23.95
N VAL A 499 29.14 -5.72 22.80
CA VAL A 499 30.01 -5.59 21.63
C VAL A 499 31.00 -4.45 21.87
N VAL A 500 32.23 -4.60 21.36
CA VAL A 500 33.24 -3.58 21.54
C VAL A 500 33.91 -3.28 20.21
N GLU A 501 33.76 -4.19 19.25
CA GLU A 501 34.37 -4.00 17.94
C GLU A 501 33.81 -4.98 16.93
N VAL A 502 33.56 -4.48 15.72
CA VAL A 502 33.03 -5.31 14.66
C VAL A 502 33.81 -5.09 13.37
N ALA A 503 33.70 -6.02 12.44
CA ALA A 503 34.41 -5.90 11.18
C ALA A 503 33.51 -5.18 10.16
N PRO A 504 34.07 -4.78 9.00
CA PRO A 504 33.39 -4.08 7.91
C PRO A 504 32.54 -4.97 7.01
N GLU A 505 31.31 -4.52 6.73
CA GLU A 505 30.37 -5.26 5.89
C GLU A 505 30.91 -5.50 4.50
N GLY A 506 31.83 -6.46 4.38
CA GLY A 506 32.41 -6.77 3.08
C GLY A 506 33.92 -6.68 3.06
N ALA A 507 34.56 -7.59 3.78
CA ALA A 507 36.03 -7.62 3.83
C ALA A 507 36.48 -9.08 3.94
N ASP A 508 37.56 -9.44 3.27
CA ASP A 508 38.04 -10.81 3.34
C ASP A 508 38.98 -11.01 4.53
N TYR A 509 38.73 -12.06 5.31
CA TYR A 509 39.58 -12.37 6.45
C TYR A 509 39.98 -13.84 6.39
N PRO A 510 41.24 -14.13 6.75
CA PRO A 510 41.71 -15.52 6.72
C PRO A 510 41.29 -16.21 8.02
N ALA A 511 41.48 -17.54 8.10
CA ALA A 511 41.11 -18.28 9.30
C ALA A 511 41.85 -17.74 10.54
N GLY A 512 41.12 -17.51 11.61
CA GLY A 512 41.77 -17.01 12.82
C GLY A 512 41.68 -15.50 12.99
N ALA A 513 41.44 -14.78 11.89
CA ALA A 513 41.37 -13.32 11.91
C ALA A 513 40.28 -12.80 12.84
N GLN A 514 40.62 -11.84 13.70
CA GLN A 514 39.64 -11.27 14.64
C GLN A 514 38.46 -10.69 13.91
N LEU A 515 37.24 -10.97 14.39
CA LEU A 515 36.03 -10.44 13.75
C LEU A 515 35.13 -9.62 14.68
N VAL A 516 35.06 -10.00 15.94
CA VAL A 516 34.22 -9.28 16.89
C VAL A 516 34.82 -9.34 18.30
N VAL A 517 34.59 -8.31 19.09
CA VAL A 517 35.09 -8.29 20.45
C VAL A 517 33.98 -7.96 21.44
N LEU A 518 33.71 -8.88 22.35
CA LEU A 518 32.66 -8.66 23.33
C LEU A 518 33.33 -8.52 24.69
N GLU A 519 32.65 -7.88 25.64
CA GLU A 519 33.20 -7.77 26.97
C GLU A 519 32.30 -8.61 27.85
N ALA A 520 32.81 -9.78 28.23
CA ALA A 520 32.11 -10.73 29.07
C ALA A 520 32.05 -10.22 30.50
N MET A 521 32.64 -10.96 31.42
CA MET A 521 32.66 -10.54 32.81
C MET A 521 33.32 -9.18 32.90
N LYS A 522 34.65 -9.18 32.92
CA LYS A 522 35.41 -7.95 32.98
C LYS A 522 36.47 -8.00 31.90
N MET A 523 36.80 -9.21 31.47
CA MET A 523 37.79 -9.40 30.43
C MET A 523 37.14 -9.36 29.05
N GLN A 524 37.94 -9.45 28.00
CA GLN A 524 37.43 -9.38 26.64
C GLN A 524 37.53 -10.65 25.82
N HIS A 525 36.37 -11.17 25.42
CA HIS A 525 36.30 -12.37 24.61
C HIS A 525 36.48 -11.96 23.13
N VAL A 526 37.39 -12.61 22.42
CA VAL A 526 37.61 -12.28 21.03
C VAL A 526 37.16 -13.38 20.06
N LEU A 527 36.13 -13.06 19.27
CA LEU A 527 35.56 -13.99 18.29
C LEU A 527 36.30 -13.88 16.97
N ALA A 528 36.67 -15.02 16.41
CA ALA A 528 37.41 -14.99 15.16
C ALA A 528 36.77 -15.76 14.03
N ALA A 529 37.36 -15.57 12.85
CA ALA A 529 36.91 -16.22 11.63
C ALA A 529 37.11 -17.72 11.71
N PRO A 530 36.03 -18.49 11.50
CA PRO A 530 36.09 -19.95 11.54
C PRO A 530 37.00 -20.48 10.44
N ASP A 531 37.28 -19.64 9.46
CA ASP A 531 38.19 -19.97 8.36
C ASP A 531 38.12 -18.92 7.25
N ALA A 532 38.93 -19.11 6.21
CA ALA A 532 38.97 -18.20 5.07
C ALA A 532 37.54 -17.81 4.70
N LEU A 533 37.17 -16.57 5.01
CA LEU A 533 35.82 -16.08 4.73
C LEU A 533 35.77 -14.65 4.21
N ARG A 534 34.59 -14.27 3.72
CA ARG A 534 34.33 -12.93 3.20
C ARG A 534 33.10 -12.43 3.90
N THR A 535 33.20 -11.30 4.56
CA THR A 535 32.06 -10.74 5.24
C THR A 535 31.05 -10.34 4.18
N VAL A 536 29.77 -10.39 4.55
CA VAL A 536 28.70 -9.99 3.67
C VAL A 536 27.88 -8.97 4.47
N ARG A 537 26.90 -9.47 5.22
CA ARG A 537 26.05 -8.60 6.04
C ARG A 537 26.61 -8.59 7.46
N VAL A 538 26.32 -7.53 8.20
CA VAL A 538 26.76 -7.39 9.58
C VAL A 538 25.58 -6.84 10.36
N LEU A 539 25.00 -7.65 11.24
CA LEU A 539 23.84 -7.22 12.00
C LEU A 539 24.18 -6.80 13.42
N VAL A 540 25.37 -6.28 13.60
CA VAL A 540 25.80 -5.86 14.92
C VAL A 540 26.61 -4.58 14.90
N THR A 541 26.36 -3.72 15.90
CA THR A 541 27.05 -2.43 16.03
C THR A 541 27.73 -2.32 17.39
N PRO A 542 28.99 -1.85 17.41
CA PRO A 542 29.72 -1.70 18.68
C PRO A 542 28.91 -0.92 19.72
N GLY A 543 28.78 -1.50 20.91
CA GLY A 543 28.02 -0.87 21.96
C GLY A 543 26.83 -1.69 22.41
N GLN A 544 26.19 -2.39 21.47
CA GLN A 544 25.01 -3.20 21.82
C GLN A 544 25.30 -4.45 22.63
N VAL A 545 24.34 -4.81 23.48
CA VAL A 545 24.45 -5.99 24.32
C VAL A 545 23.77 -7.15 23.61
N VAL A 546 24.52 -8.23 23.40
CA VAL A 546 24.01 -9.44 22.73
C VAL A 546 23.76 -10.57 23.74
N GLY A 547 23.11 -11.64 23.27
CA GLY A 547 22.84 -12.79 24.12
C GLY A 547 23.52 -13.99 23.51
N THR A 548 23.52 -15.12 24.21
CA THR A 548 24.16 -16.32 23.69
C THR A 548 23.51 -16.81 22.38
N GLY A 549 24.31 -17.06 21.36
CA GLY A 549 23.77 -17.54 20.11
C GLY A 549 23.26 -16.49 19.14
N ASP A 550 23.25 -15.24 19.57
CA ASP A 550 22.78 -14.13 18.73
C ASP A 550 23.72 -13.95 17.53
N PRO A 551 23.17 -13.76 16.33
CA PRO A 551 23.99 -13.59 15.12
C PRO A 551 24.70 -12.24 15.09
N LEU A 552 26.01 -12.26 14.88
CA LEU A 552 26.75 -11.01 14.84
C LEU A 552 27.03 -10.59 13.40
N LEU A 553 27.16 -11.55 12.50
CA LEU A 553 27.40 -11.25 11.10
C LEU A 553 27.29 -12.49 10.20
N VAL A 554 27.09 -12.26 8.90
CA VAL A 554 26.96 -13.35 7.93
C VAL A 554 28.19 -13.39 7.04
N PHE A 555 28.52 -14.56 6.49
CA PHE A 555 29.72 -14.69 5.64
C PHE A 555 29.71 -15.85 4.65
N THR A 556 30.73 -15.90 3.80
CA THR A 556 30.84 -16.94 2.78
C THR A 556 32.22 -17.57 2.75
N ARG A 557 32.30 -18.86 3.04
CA ARG A 557 33.58 -19.55 3.03
C ARG A 557 34.25 -19.36 1.68
N THR A 558 35.58 -19.44 1.68
CA THR A 558 36.39 -19.27 0.48
C THR A 558 37.21 -20.53 0.18
N ASP A 572 35.10 -27.36 -14.67
CA ASP A 572 34.20 -26.83 -13.65
C ASP A 572 33.09 -26.03 -14.32
N LEU A 573 33.44 -24.84 -14.82
CA LEU A 573 32.47 -24.00 -15.50
C LEU A 573 32.23 -24.48 -16.92
N ASP A 574 32.87 -25.59 -17.28
CA ASP A 574 32.71 -26.14 -18.62
C ASP A 574 32.05 -27.50 -18.53
N LEU A 575 31.94 -28.02 -17.31
CA LEU A 575 31.32 -29.32 -17.11
C LEU A 575 29.89 -29.28 -17.62
N THR A 576 29.71 -29.70 -18.87
CA THR A 576 28.40 -29.72 -19.53
C THR A 576 27.31 -30.40 -18.68
N ARG A 577 26.05 -30.00 -18.90
CA ARG A 577 24.93 -30.60 -18.19
C ARG A 577 23.80 -31.00 -19.13
N ALA A 578 23.13 -32.10 -18.80
CA ALA A 578 22.02 -32.63 -19.59
C ALA A 578 21.02 -31.56 -20.02
N ASP A 579 20.45 -30.87 -19.04
CA ASP A 579 19.47 -29.80 -19.26
C ASP A 579 19.75 -29.04 -20.53
N LEU A 580 20.73 -28.15 -20.41
CA LEU A 580 21.15 -27.29 -21.49
C LEU A 580 21.36 -28.05 -22.79
N ASP A 581 21.60 -29.35 -22.70
CA ASP A 581 21.83 -30.14 -23.90
C ASP A 581 20.55 -30.55 -24.62
N GLU A 582 19.59 -31.12 -23.89
CA GLU A 582 18.33 -31.54 -24.49
C GLU A 582 17.74 -30.35 -25.28
N VAL A 583 17.92 -29.16 -24.72
CA VAL A 583 17.46 -27.94 -25.31
C VAL A 583 18.25 -27.62 -26.59
N ILE A 584 19.58 -27.54 -26.48
CA ILE A 584 20.43 -27.24 -27.64
C ILE A 584 20.02 -28.14 -28.82
N GLU A 585 19.78 -29.40 -28.49
CA GLU A 585 19.39 -30.40 -29.47
C GLU A 585 18.01 -30.10 -30.06
N ARG A 586 17.01 -30.02 -29.20
CA ARG A 586 15.64 -29.73 -29.61
C ARG A 586 15.63 -28.49 -30.51
N HIS A 587 16.43 -27.50 -30.15
CA HIS A 587 16.53 -26.29 -30.94
C HIS A 587 17.18 -26.62 -32.27
N ALA A 588 18.39 -27.18 -32.20
CA ALA A 588 19.12 -27.53 -33.41
C ALA A 588 18.35 -28.43 -34.38
N ARG A 589 17.30 -29.08 -33.91
CA ARG A 589 16.51 -29.94 -34.78
C ARG A 589 15.51 -29.11 -35.60
N THR A 590 15.45 -27.82 -35.33
CA THR A 590 14.54 -26.91 -36.04
C THR A 590 15.25 -26.27 -37.20
N LEU A 591 16.55 -26.02 -37.03
CA LEU A 591 17.37 -25.38 -38.06
C LEU A 591 17.53 -26.15 -39.36
N ASP A 592 18.13 -25.48 -40.35
CA ASP A 592 18.35 -26.08 -41.66
C ASP A 592 19.23 -27.33 -41.57
N GLU A 593 20.36 -27.21 -40.87
CA GLU A 593 21.28 -28.34 -40.73
C GLU A 593 20.56 -29.58 -40.23
N GLY A 594 19.73 -29.42 -39.20
CA GLY A 594 19.01 -30.55 -38.66
C GLY A 594 17.87 -31.08 -39.51
N ARG A 595 17.70 -30.55 -40.71
CA ARG A 595 16.62 -31.00 -41.60
C ARG A 595 17.10 -31.08 -43.05
N PRO A 596 18.11 -31.90 -43.33
CA PRO A 596 18.66 -32.06 -44.69
C PRO A 596 17.59 -32.54 -45.65
N ASP A 597 16.70 -33.39 -45.12
CA ASP A 597 15.58 -33.98 -45.86
C ASP A 597 14.74 -32.90 -46.58
N ALA A 598 14.24 -31.93 -45.80
CA ALA A 598 13.42 -30.85 -46.33
C ALA A 598 14.25 -29.77 -47.02
N VAL A 599 15.47 -29.55 -46.56
CA VAL A 599 16.30 -28.53 -47.20
C VAL A 599 16.72 -28.98 -48.60
N ALA A 600 16.76 -30.29 -48.82
CA ALA A 600 17.14 -30.84 -50.11
C ALA A 600 16.02 -30.63 -51.12
N LYS A 601 14.79 -30.98 -50.71
CA LYS A 601 13.65 -30.83 -51.58
C LYS A 601 13.46 -29.39 -52.01
N ARG A 602 13.77 -28.45 -51.12
CA ARG A 602 13.64 -27.03 -51.45
C ARG A 602 14.63 -26.62 -52.51
N HIS A 603 15.91 -26.79 -52.21
CA HIS A 603 16.97 -26.43 -53.14
C HIS A 603 16.75 -27.16 -54.47
N ARG A 604 16.17 -28.34 -54.39
CA ARG A 604 15.86 -29.14 -55.58
C ARG A 604 14.97 -28.27 -56.47
N GLN A 605 13.93 -27.69 -55.87
CA GLN A 605 12.98 -26.81 -56.55
C GLN A 605 13.58 -25.45 -56.88
N GLY A 606 14.86 -25.26 -56.60
CA GLY A 606 15.51 -23.99 -56.88
C GLY A 606 15.04 -22.80 -56.06
N ARG A 607 14.70 -23.04 -54.79
CA ARG A 607 14.21 -21.99 -53.90
C ARG A 607 14.88 -22.04 -52.52
N ARG A 608 14.95 -20.89 -51.86
CA ARG A 608 15.54 -20.79 -50.52
C ARG A 608 14.55 -21.24 -49.47
N THR A 609 15.06 -21.62 -48.30
CA THR A 609 14.19 -22.04 -47.20
C THR A 609 13.85 -20.80 -46.40
N ALA A 610 12.86 -20.92 -45.52
CA ALA A 610 12.42 -19.81 -44.69
C ALA A 610 13.59 -19.15 -43.96
N ARG A 611 14.39 -19.95 -43.26
CA ARG A 611 15.52 -19.45 -42.51
C ARG A 611 16.65 -18.86 -43.35
N GLU A 612 16.76 -19.28 -44.60
CA GLU A 612 17.79 -18.76 -45.50
C GLU A 612 17.47 -17.33 -45.89
N ASN A 613 16.19 -17.08 -46.16
CA ASN A 613 15.70 -15.75 -46.52
C ASN A 613 15.87 -14.79 -45.33
N ILE A 614 15.40 -15.25 -44.16
CA ILE A 614 15.47 -14.48 -42.94
C ILE A 614 16.90 -14.09 -42.55
N ASP A 615 17.78 -15.06 -42.47
CA ASP A 615 19.15 -14.73 -42.09
C ASP A 615 19.85 -13.91 -43.16
N ASP A 616 19.23 -13.81 -44.33
CA ASP A 616 19.80 -12.99 -45.40
C ASP A 616 19.38 -11.55 -45.18
N LEU A 617 18.10 -11.35 -44.84
CA LEU A 617 17.55 -10.02 -44.57
C LEU A 617 18.17 -9.43 -43.30
N VAL A 618 17.93 -10.14 -42.20
CA VAL A 618 18.39 -9.76 -40.87
C VAL A 618 19.89 -9.50 -40.76
N ASP A 619 20.25 -8.53 -39.93
CA ASP A 619 21.66 -8.19 -39.66
C ASP A 619 22.30 -9.37 -38.91
N PRO A 620 23.63 -9.58 -39.10
CA PRO A 620 24.39 -10.66 -38.47
C PRO A 620 24.05 -10.96 -37.02
N GLY A 621 23.27 -12.01 -36.80
CA GLY A 621 22.91 -12.40 -35.45
C GLY A 621 22.21 -11.35 -34.60
N SER A 622 21.10 -10.84 -35.10
CA SER A 622 20.33 -9.85 -34.36
C SER A 622 18.94 -10.43 -34.15
N PHE A 623 18.71 -11.58 -34.75
CA PHE A 623 17.44 -12.28 -34.67
C PHE A 623 17.19 -12.86 -33.26
N VAL A 624 15.96 -12.68 -32.77
CA VAL A 624 15.57 -13.21 -31.46
C VAL A 624 14.26 -13.97 -31.69
N GLU A 625 14.38 -15.18 -32.19
CA GLU A 625 13.24 -16.01 -32.50
C GLU A 625 12.24 -16.32 -31.38
N TYR A 626 10.97 -16.21 -31.74
CA TYR A 626 9.86 -16.50 -30.85
C TYR A 626 9.20 -17.82 -31.25
N GLY A 627 8.90 -18.65 -30.25
CA GLY A 627 8.25 -19.93 -30.49
C GLY A 627 8.90 -20.91 -31.45
N ALA A 628 10.20 -21.11 -31.31
CA ALA A 628 10.92 -22.03 -32.19
C ALA A 628 10.51 -23.48 -31.93
N LEU A 629 10.31 -23.80 -30.65
CA LEU A 629 9.95 -25.15 -30.21
C LEU A 629 8.46 -25.38 -30.23
N ALA A 630 7.75 -24.62 -31.05
CA ALA A 630 6.32 -24.77 -31.14
C ALA A 630 6.05 -25.85 -32.19
N ILE A 631 5.04 -26.68 -31.93
CA ILE A 631 4.67 -27.75 -32.84
C ILE A 631 3.18 -27.59 -33.16
N ALA A 632 2.76 -28.16 -34.28
CA ALA A 632 1.36 -28.10 -34.71
C ALA A 632 0.40 -28.44 -33.56
N ALA A 633 -0.86 -28.02 -33.73
CA ALA A 633 -1.86 -28.24 -32.71
C ALA A 633 -2.84 -29.36 -33.03
N GLN A 634 -2.32 -30.51 -33.41
CA GLN A 634 -3.17 -31.66 -33.70
C GLN A 634 -2.55 -32.97 -33.26
N ARG A 635 -2.95 -33.40 -32.07
CA ARG A 635 -2.48 -34.64 -31.47
C ARG A 635 -3.42 -35.76 -31.89
N SER A 636 -4.52 -35.39 -32.55
CA SER A 636 -5.52 -36.36 -33.00
C SER A 636 -5.36 -36.83 -34.45
N ARG A 637 -4.43 -36.24 -35.19
CA ARG A 637 -4.17 -36.63 -36.56
C ARG A 637 -2.73 -37.15 -36.58
N ARG A 638 -2.00 -36.84 -35.51
CA ARG A 638 -0.60 -37.27 -35.37
C ARG A 638 -0.22 -37.50 -33.90
N SER A 639 1.05 -37.86 -33.70
CA SER A 639 1.58 -38.08 -32.36
C SER A 639 2.63 -37.01 -32.08
N GLU A 640 2.85 -36.70 -30.80
CA GLU A 640 3.82 -35.69 -30.43
C GLU A 640 5.19 -35.90 -31.05
N GLU A 641 5.57 -37.15 -31.28
CA GLU A 641 6.89 -37.46 -31.82
C GLU A 641 7.17 -36.85 -33.18
N ASP A 642 6.32 -37.14 -34.18
CA ASP A 642 6.54 -36.61 -35.52
C ASP A 642 6.12 -35.14 -35.65
N LEU A 643 5.29 -34.68 -34.72
CA LEU A 643 4.86 -33.28 -34.73
C LEU A 643 6.10 -32.46 -34.39
N ILE A 644 6.94 -33.01 -33.51
CA ILE A 644 8.16 -32.32 -33.10
C ILE A 644 9.22 -32.30 -34.17
N ALA A 645 9.16 -33.25 -35.10
CA ALA A 645 10.15 -33.31 -36.16
C ALA A 645 9.58 -32.94 -37.53
N ASN A 646 8.26 -32.88 -37.63
CA ASN A 646 7.61 -32.56 -38.90
C ASN A 646 6.75 -31.30 -38.84
N THR A 647 6.89 -30.54 -37.76
CA THR A 647 6.14 -29.30 -37.56
C THR A 647 7.03 -28.27 -36.88
N PRO A 648 8.28 -28.12 -37.34
CA PRO A 648 9.16 -27.13 -36.68
C PRO A 648 8.69 -25.67 -36.79
N ALA A 649 8.44 -25.06 -35.63
CA ALA A 649 7.97 -23.68 -35.52
C ALA A 649 6.55 -23.54 -36.05
N ASP A 650 5.85 -24.67 -36.10
CA ASP A 650 4.50 -24.75 -36.59
C ASP A 650 4.38 -24.13 -37.98
N GLY A 651 5.51 -24.03 -38.67
CA GLY A 651 5.50 -23.48 -40.01
C GLY A 651 5.88 -22.03 -40.10
N LEU A 652 6.06 -21.37 -38.96
CA LEU A 652 6.40 -19.96 -38.99
C LEU A 652 7.63 -19.60 -38.16
N VAL A 653 8.65 -19.08 -38.84
CA VAL A 653 9.86 -18.64 -38.17
C VAL A 653 9.69 -17.12 -38.00
N ALA A 654 9.41 -16.69 -36.77
CA ALA A 654 9.20 -15.26 -36.53
C ALA A 654 9.96 -14.77 -35.31
N GLY A 655 10.23 -13.46 -35.26
CA GLY A 655 10.93 -12.88 -34.13
C GLY A 655 11.37 -11.44 -34.31
N LEU A 656 12.21 -10.94 -33.41
CA LEU A 656 12.71 -9.58 -33.50
C LEU A 656 14.04 -9.61 -34.19
N ALA A 657 14.42 -8.50 -34.81
CA ALA A 657 15.69 -8.41 -35.50
C ALA A 657 16.02 -6.96 -35.80
N THR A 658 17.08 -6.76 -36.56
CA THR A 658 17.47 -5.43 -36.96
C THR A 658 17.73 -5.57 -38.45
N VAL A 659 17.53 -4.49 -39.20
CA VAL A 659 17.75 -4.52 -40.62
C VAL A 659 18.34 -3.19 -41.04
N GLY A 660 19.61 -3.20 -41.42
CA GLY A 660 20.26 -1.97 -41.82
C GLY A 660 20.80 -1.26 -40.58
N ALA A 661 21.07 -2.04 -39.54
CA ALA A 661 21.57 -1.51 -38.28
C ALA A 661 22.95 -0.91 -38.43
N ASP A 662 23.68 -1.32 -39.45
CA ASP A 662 25.02 -0.78 -39.66
C ASP A 662 24.97 0.62 -40.24
N ARG A 663 23.98 0.86 -41.10
CA ARG A 663 23.83 2.17 -41.72
C ARG A 663 23.03 3.10 -40.83
N PHE A 664 22.03 2.57 -40.14
CA PHE A 664 21.20 3.37 -39.22
C PHE A 664 21.50 2.87 -37.82
N GLY A 665 20.87 3.42 -36.79
CA GLY A 665 21.17 2.93 -35.46
C GLY A 665 20.69 1.51 -35.25
N PRO A 666 21.09 0.84 -34.15
CA PRO A 666 20.61 -0.53 -33.95
C PRO A 666 19.18 -0.42 -33.41
N ALA A 667 18.82 0.81 -33.05
CA ALA A 667 17.50 1.13 -32.53
C ALA A 667 16.52 1.39 -33.66
N ALA A 668 16.91 2.26 -34.60
CA ALA A 668 16.05 2.58 -35.73
C ALA A 668 15.94 1.43 -36.71
N ALA A 669 16.92 0.53 -36.68
CA ALA A 669 16.93 -0.60 -37.58
C ALA A 669 16.16 -1.77 -37.01
N GLN A 670 15.62 -1.61 -35.80
CA GLN A 670 14.85 -2.70 -35.20
C GLN A 670 13.66 -3.05 -36.09
N ALA A 671 13.23 -4.30 -36.03
CA ALA A 671 12.10 -4.72 -36.85
C ALA A 671 11.61 -6.13 -36.52
N VAL A 672 10.32 -6.36 -36.73
CA VAL A 672 9.74 -7.66 -36.52
C VAL A 672 9.88 -8.38 -37.87
N VAL A 673 10.26 -9.65 -37.84
CA VAL A 673 10.45 -10.41 -39.06
C VAL A 673 9.84 -11.79 -38.94
N ALA A 674 9.13 -12.20 -39.97
CA ALA A 674 8.47 -13.50 -39.95
C ALA A 674 8.36 -14.14 -41.33
N SER A 675 8.54 -15.46 -41.38
CA SER A 675 8.44 -16.19 -42.63
C SER A 675 7.71 -17.50 -42.45
N TYR A 676 6.90 -17.86 -43.44
CA TYR A 676 6.19 -19.12 -43.37
C TYR A 676 7.15 -20.11 -44.00
N ASP A 677 7.19 -21.33 -43.47
CA ASP A 677 8.06 -22.37 -44.00
C ASP A 677 7.20 -23.31 -44.82
N TYR A 678 7.36 -23.23 -46.13
CA TYR A 678 6.59 -24.03 -47.07
C TYR A 678 6.74 -25.52 -46.81
N THR A 679 7.92 -25.91 -46.33
CA THR A 679 8.19 -27.31 -46.06
C THR A 679 7.21 -27.86 -45.03
N VAL A 680 6.74 -27.02 -44.11
CA VAL A 680 5.81 -27.49 -43.09
C VAL A 680 4.37 -27.20 -43.51
N LEU A 681 3.62 -28.26 -43.77
CA LEU A 681 2.22 -28.14 -44.19
C LEU A 681 1.95 -26.98 -45.18
N ALA A 682 2.72 -26.96 -46.27
CA ALA A 682 2.61 -25.96 -47.33
C ALA A 682 2.57 -24.53 -46.84
N GLY A 683 3.21 -24.28 -45.69
CA GLY A 683 3.22 -22.95 -45.11
C GLY A 683 1.83 -22.40 -44.85
N THR A 684 0.93 -23.25 -44.38
CA THR A 684 -0.42 -22.81 -44.11
C THR A 684 -0.52 -22.21 -42.71
N GLN A 685 -1.62 -21.51 -42.43
CA GLN A 685 -1.81 -20.92 -41.12
C GLN A 685 -2.53 -21.90 -40.18
N GLY A 686 -2.09 -21.94 -38.91
CA GLY A 686 -2.70 -22.85 -37.95
C GLY A 686 -2.75 -22.24 -36.57
N MET A 687 -3.47 -22.90 -35.67
CA MET A 687 -3.63 -22.44 -34.30
C MET A 687 -2.36 -21.88 -33.65
N ARG A 688 -1.31 -22.69 -33.53
CA ARG A 688 -0.08 -22.21 -32.90
C ARG A 688 0.66 -21.07 -33.63
N ASN A 689 0.81 -21.16 -34.95
CA ASN A 689 1.53 -20.10 -35.64
C ASN A 689 0.67 -18.84 -35.73
N HIS A 690 -0.63 -18.99 -35.53
CA HIS A 690 -1.52 -17.83 -35.53
C HIS A 690 -1.19 -17.07 -34.27
N ALA A 691 -1.09 -17.82 -33.17
CA ALA A 691 -0.78 -17.29 -31.86
C ALA A 691 0.61 -16.65 -31.86
N LYS A 692 1.45 -17.09 -32.80
CA LYS A 692 2.79 -16.55 -32.90
C LYS A 692 2.80 -15.27 -33.70
N THR A 693 1.96 -15.18 -34.73
CA THR A 693 1.89 -13.96 -35.50
C THR A 693 1.30 -12.87 -34.60
N ASP A 694 0.25 -13.20 -33.85
CA ASP A 694 -0.36 -12.25 -32.93
C ASP A 694 0.69 -11.73 -31.95
N ARG A 695 1.42 -12.66 -31.34
CA ARG A 695 2.48 -12.32 -30.37
C ARG A 695 3.48 -11.34 -30.94
N VAL A 696 3.86 -11.59 -32.18
CA VAL A 696 4.84 -10.80 -32.87
C VAL A 696 4.32 -9.49 -33.50
N PHE A 697 3.02 -9.44 -33.80
CA PHE A 697 2.44 -8.23 -34.38
C PHE A 697 2.06 -7.31 -33.22
N ASP A 698 1.98 -7.89 -32.02
CA ASP A 698 1.68 -7.10 -30.85
C ASP A 698 2.93 -6.26 -30.56
N LEU A 699 4.10 -6.89 -30.63
CA LEU A 699 5.36 -6.20 -30.39
C LEU A 699 5.60 -5.07 -31.38
N ALA A 700 5.37 -5.34 -32.67
CA ALA A 700 5.56 -4.34 -33.72
C ALA A 700 4.86 -3.06 -33.27
N ALA A 701 3.67 -3.24 -32.70
CA ALA A 701 2.86 -2.14 -32.19
C ALA A 701 3.46 -1.60 -30.88
N ARG A 702 3.68 -2.46 -29.89
CA ARG A 702 4.27 -2.06 -28.60
C ARG A 702 5.51 -1.19 -28.79
N LYS A 703 6.31 -1.52 -29.80
CA LYS A 703 7.53 -0.78 -30.06
C LYS A 703 7.48 0.03 -31.35
N ARG A 704 6.35 0.03 -32.03
CA ARG A 704 6.21 0.78 -33.27
C ARG A 704 7.30 0.36 -34.23
N LEU A 705 7.43 -0.94 -34.46
CA LEU A 705 8.48 -1.47 -35.33
C LEU A 705 7.94 -1.90 -36.69
N PRO A 706 8.75 -1.74 -37.74
CA PRO A 706 8.32 -2.15 -39.07
C PRO A 706 8.20 -3.68 -39.10
N VAL A 707 7.38 -4.19 -40.00
CA VAL A 707 7.18 -5.62 -40.12
C VAL A 707 7.55 -6.08 -41.53
N VAL A 708 8.34 -7.14 -41.62
CA VAL A 708 8.70 -7.66 -42.91
C VAL A 708 8.22 -9.11 -42.93
N LEU A 709 7.16 -9.36 -43.69
CA LEU A 709 6.59 -10.68 -43.75
C LEU A 709 6.84 -11.45 -45.05
N PHE A 710 7.39 -12.65 -44.89
CA PHE A 710 7.66 -13.56 -46.00
C PHE A 710 6.45 -14.46 -46.03
N ALA A 711 5.38 -14.00 -46.67
CA ALA A 711 4.16 -14.80 -46.76
C ALA A 711 4.35 -15.83 -47.87
N GLU A 712 3.53 -16.88 -47.85
CA GLU A 712 3.61 -17.95 -48.84
C GLU A 712 3.02 -19.23 -48.26
N GLY A 713 1.98 -19.75 -48.92
CA GLY A 713 1.30 -20.92 -48.41
C GLY A 713 -0.19 -20.72 -48.57
N GLY A 714 -0.98 -21.76 -48.29
CA GLY A 714 -2.42 -21.62 -48.44
C GLY A 714 -3.20 -22.62 -47.62
N ARG A 717 -4.95 -27.11 -43.76
CA ARG A 717 -4.80 -27.79 -42.47
C ARG A 717 -5.87 -28.88 -42.27
N PRO A 718 -5.45 -30.09 -41.86
CA PRO A 718 -6.26 -31.29 -41.60
C PRO A 718 -7.68 -31.17 -41.05
N GLY A 719 -7.83 -30.58 -39.86
CA GLY A 719 -9.15 -30.46 -39.27
C GLY A 719 -10.00 -29.28 -39.70
N ASP A 720 -9.96 -28.93 -40.98
CA ASP A 720 -10.72 -27.79 -41.49
C ASP A 720 -12.05 -28.13 -42.22
N THR A 721 -12.80 -29.08 -41.68
CA THR A 721 -14.10 -29.50 -42.25
C THR A 721 -14.94 -30.25 -41.21
N GLY A 725 -17.04 -27.86 -36.33
CA GLY A 725 -15.72 -27.51 -35.81
C GLY A 725 -15.63 -26.13 -35.20
N ALA A 726 -14.41 -25.69 -34.89
CA ALA A 726 -14.18 -24.37 -34.31
C ALA A 726 -13.73 -23.36 -35.37
N ALA A 727 -14.65 -22.51 -35.79
CA ALA A 727 -14.34 -21.49 -36.79
C ALA A 727 -13.48 -20.41 -36.13
N GLY A 728 -12.27 -20.23 -36.65
CA GLY A 728 -11.38 -19.23 -36.07
C GLY A 728 -11.72 -17.83 -36.48
N LEU A 729 -13.00 -17.50 -36.43
CA LEU A 729 -13.50 -16.19 -36.82
C LEU A 729 -13.12 -15.08 -35.86
N ASP A 730 -12.67 -15.46 -34.69
CA ASP A 730 -12.27 -14.49 -33.67
C ASP A 730 -10.76 -14.26 -33.62
N VAL A 731 -10.05 -14.79 -34.62
CA VAL A 731 -8.61 -14.61 -34.69
C VAL A 731 -8.29 -13.15 -34.93
N PRO A 732 -7.42 -12.58 -34.08
CA PRO A 732 -6.98 -11.18 -34.16
C PRO A 732 -5.91 -10.87 -35.17
N THR A 733 -5.23 -11.90 -35.67
CA THR A 733 -4.13 -11.73 -36.63
C THR A 733 -4.34 -10.73 -37.74
N PHE A 734 -5.40 -10.89 -38.50
CA PHE A 734 -5.65 -10.01 -39.64
C PHE A 734 -5.94 -8.57 -39.22
N ARG A 735 -6.73 -8.41 -38.17
CA ARG A 735 -7.08 -7.09 -37.70
C ARG A 735 -5.87 -6.35 -37.13
N MET A 736 -4.93 -7.10 -36.56
CA MET A 736 -3.74 -6.53 -35.97
C MET A 736 -2.80 -5.96 -37.02
N LEU A 737 -2.59 -6.72 -38.08
CA LEU A 737 -1.70 -6.29 -39.14
C LEU A 737 -2.34 -5.12 -39.91
N ALA A 738 -3.65 -5.24 -40.17
CA ALA A 738 -4.40 -4.19 -40.88
C ALA A 738 -4.27 -2.91 -40.10
N GLY A 739 -4.45 -3.01 -38.79
CA GLY A 739 -4.36 -1.85 -37.91
C GLY A 739 -2.98 -1.24 -37.73
N LEU A 740 -1.95 -1.87 -38.27
CA LEU A 740 -0.61 -1.33 -38.17
C LEU A 740 -0.35 -0.52 -39.42
N ARG A 741 -1.25 -0.65 -40.39
CA ARG A 741 -1.12 0.00 -41.70
C ARG A 741 -0.38 1.34 -41.77
N GLY A 742 -1.02 2.41 -41.33
CA GLY A 742 -0.36 3.71 -41.40
C GLY A 742 0.70 3.97 -40.34
N ARG A 743 0.68 3.17 -39.28
CA ARG A 743 1.60 3.32 -38.16
C ARG A 743 3.06 2.95 -38.43
N VAL A 744 3.29 1.74 -38.95
CA VAL A 744 4.65 1.26 -39.23
C VAL A 744 4.76 0.67 -40.65
N PRO A 745 5.95 0.74 -41.25
CA PRO A 745 6.18 0.21 -42.60
C PRO A 745 5.93 -1.29 -42.69
N LEU A 746 4.93 -1.68 -43.48
CA LEU A 746 4.58 -3.09 -43.67
C LEU A 746 5.09 -3.60 -45.01
N VAL A 747 5.99 -4.57 -44.96
CA VAL A 747 6.58 -5.13 -46.16
C VAL A 747 6.26 -6.61 -46.29
N SER A 748 5.77 -7.00 -47.45
CA SER A 748 5.44 -8.39 -47.71
C SER A 748 6.26 -8.87 -48.92
N VAL A 749 6.99 -9.98 -48.74
CA VAL A 749 7.80 -10.55 -49.82
C VAL A 749 7.16 -11.87 -50.25
N VAL A 750 6.96 -12.04 -51.56
CA VAL A 750 6.32 -13.26 -52.03
C VAL A 750 6.95 -13.92 -53.25
N SER A 751 7.22 -15.22 -53.07
CA SER A 751 7.77 -16.09 -54.10
C SER A 751 6.88 -17.30 -53.91
N GLY A 752 6.77 -18.15 -54.92
CA GLY A 752 5.93 -19.32 -54.75
C GLY A 752 4.45 -19.03 -54.71
N ARG A 753 3.72 -19.81 -53.92
CA ARG A 753 2.28 -19.67 -53.84
C ARG A 753 1.79 -18.98 -52.58
N CYS A 754 1.00 -17.94 -52.79
CA CYS A 754 0.44 -17.18 -51.69
C CYS A 754 -1.09 -17.18 -51.81
N PHE A 755 -1.76 -18.04 -51.03
CA PHE A 755 -3.22 -18.11 -51.10
C PHE A 755 -3.87 -17.99 -49.73
N ALA A 756 -5.18 -17.78 -49.73
CA ALA A 756 -5.97 -17.64 -48.50
C ALA A 756 -5.49 -16.60 -47.51
N GLY A 757 -5.52 -16.96 -46.23
CA GLY A 757 -5.10 -16.05 -45.19
C GLY A 757 -3.72 -15.47 -45.42
N ASN A 758 -2.81 -16.26 -45.98
CA ASN A 758 -1.45 -15.78 -46.24
C ASN A 758 -1.46 -14.60 -47.19
N ALA A 759 -2.37 -14.64 -48.17
CA ALA A 759 -2.48 -13.55 -49.12
C ALA A 759 -3.13 -12.36 -48.42
N ALA A 760 -4.20 -12.61 -47.66
CA ALA A 760 -4.90 -11.54 -46.93
C ALA A 760 -3.90 -10.66 -46.20
N LEU A 761 -2.99 -11.29 -45.45
CA LEU A 761 -1.97 -10.57 -44.72
C LEU A 761 -1.10 -9.78 -45.69
N ALA A 762 -0.66 -10.46 -46.74
CA ALA A 762 0.20 -9.83 -47.74
C ALA A 762 -0.43 -8.60 -48.40
N GLY A 763 -1.76 -8.61 -48.57
CA GLY A 763 -2.42 -7.50 -49.23
C GLY A 763 -3.00 -6.45 -48.31
N VAL A 764 -2.54 -6.47 -47.08
CA VAL A 764 -3.00 -5.51 -46.10
C VAL A 764 -1.76 -4.65 -45.81
N CYS A 765 -0.66 -5.00 -46.47
CA CYS A 765 0.62 -4.32 -46.33
C CYS A 765 0.82 -3.09 -47.16
N ASP A 766 1.97 -2.44 -46.98
CA ASP A 766 2.29 -1.25 -47.74
C ASP A 766 2.80 -1.60 -49.13
N VAL A 767 3.71 -2.57 -49.20
CA VAL A 767 4.25 -3.03 -50.48
C VAL A 767 4.32 -4.53 -50.51
N ILE A 768 4.26 -5.09 -51.71
CA ILE A 768 4.39 -6.53 -51.91
C ILE A 768 5.48 -6.73 -52.93
N ILE A 769 6.58 -7.31 -52.47
CA ILE A 769 7.72 -7.59 -53.34
C ILE A 769 7.57 -9.05 -53.75
N ALA A 770 7.38 -9.28 -55.04
CA ALA A 770 7.21 -10.64 -55.54
C ALA A 770 8.19 -10.98 -56.64
N THR A 771 8.45 -12.28 -56.75
CA THR A 771 9.35 -12.84 -57.75
C THR A 771 8.50 -13.46 -58.85
N PRO A 772 8.97 -13.38 -60.11
CA PRO A 772 8.25 -13.93 -61.26
C PRO A 772 7.49 -15.22 -61.03
N ASP A 773 8.00 -16.10 -60.18
CA ASP A 773 7.31 -17.36 -59.93
C ASP A 773 6.18 -17.21 -58.92
N ALA A 774 5.85 -15.96 -58.60
CA ALA A 774 4.81 -15.65 -57.60
C ALA A 774 3.38 -15.82 -58.09
N ASN A 775 2.53 -16.31 -57.19
CA ASN A 775 1.12 -16.52 -57.48
C ASN A 775 0.31 -16.13 -56.24
N ILE A 776 -0.24 -14.92 -56.23
CA ILE A 776 -1.01 -14.45 -55.09
C ILE A 776 -2.50 -14.41 -55.39
N GLY A 777 -3.30 -14.92 -54.46
CA GLY A 777 -4.74 -14.92 -54.67
C GLY A 777 -5.47 -15.03 -53.35
N MET A 778 -6.62 -14.38 -53.25
CA MET A 778 -7.36 -14.45 -52.00
C MET A 778 -7.91 -15.85 -51.79
N GLY A 779 -8.23 -16.53 -52.88
CA GLY A 779 -8.76 -17.88 -52.79
C GLY A 779 -7.83 -18.96 -53.32
N GLY A 780 -7.60 -19.98 -52.50
CA GLY A 780 -6.75 -21.08 -52.88
C GLY A 780 -7.50 -22.01 -53.81
N PRO A 781 -6.80 -22.74 -54.69
CA PRO A 781 -7.51 -23.64 -55.59
C PRO A 781 -8.56 -24.48 -54.87
N ALA A 782 -8.31 -24.76 -53.60
CA ALA A 782 -9.25 -25.56 -52.81
C ALA A 782 -10.52 -24.77 -52.53
N MET A 783 -10.38 -23.45 -52.43
CA MET A 783 -11.52 -22.60 -52.19
C MET A 783 -12.30 -22.36 -53.49
N ILE A 784 -11.59 -22.11 -54.58
CA ILE A 784 -12.23 -21.93 -55.87
C ILE A 784 -13.06 -23.16 -56.18
N GLU A 785 -12.57 -24.31 -55.71
CA GLU A 785 -13.27 -25.59 -55.89
C GLU A 785 -14.41 -25.80 -54.92
N GLY A 786 -14.20 -25.40 -53.67
CA GLY A 786 -15.22 -25.54 -52.64
C GLY A 786 -16.41 -24.65 -52.96
N GLY A 787 -16.16 -23.62 -53.77
CA GLY A 787 -17.21 -22.70 -54.17
C GLY A 787 -17.92 -23.18 -55.44
N GLY A 788 -17.51 -24.35 -55.93
CA GLY A 788 -18.12 -24.91 -57.12
C GLY A 788 -17.66 -24.31 -58.43
N LEU A 789 -16.59 -23.52 -58.43
CA LEU A 789 -16.09 -22.92 -59.65
C LEU A 789 -15.13 -23.87 -60.38
N GLY A 790 -15.09 -25.11 -59.91
CA GLY A 790 -14.24 -26.11 -60.52
C GLY A 790 -12.87 -26.32 -59.88
N VAL A 791 -11.88 -26.67 -60.71
CA VAL A 791 -10.52 -26.91 -60.23
C VAL A 791 -9.51 -26.24 -61.14
N TYR A 792 -8.64 -25.41 -60.56
CA TYR A 792 -7.61 -24.73 -61.34
C TYR A 792 -6.24 -24.99 -60.74
N PRO A 793 -5.20 -24.93 -61.58
CA PRO A 793 -3.86 -25.16 -61.05
C PRO A 793 -3.35 -23.83 -60.47
N PRO A 794 -2.64 -23.90 -59.33
CA PRO A 794 -2.11 -22.70 -58.69
C PRO A 794 -1.39 -21.67 -59.59
N GLU A 795 -0.81 -22.12 -60.70
CA GLU A 795 -0.10 -21.17 -61.57
C GLU A 795 -1.04 -20.27 -62.34
N ALA A 796 -2.33 -20.48 -62.13
CA ALA A 796 -3.36 -19.70 -62.81
C ALA A 796 -4.26 -18.98 -61.82
N ILE A 797 -3.67 -18.27 -60.87
CA ILE A 797 -4.47 -17.56 -59.90
C ILE A 797 -4.06 -16.10 -59.80
N GLY A 798 -2.84 -15.85 -59.34
CA GLY A 798 -2.41 -14.47 -59.22
C GLY A 798 -1.09 -14.28 -59.94
N PRO A 799 -1.03 -14.64 -61.22
CA PRO A 799 0.17 -14.53 -62.05
C PRO A 799 0.90 -13.23 -61.82
N ILE A 800 2.22 -13.30 -61.72
CA ILE A 800 2.98 -12.08 -61.50
C ILE A 800 2.65 -11.09 -62.61
N ALA A 801 1.87 -11.52 -63.58
CA ALA A 801 1.50 -10.63 -64.69
C ALA A 801 0.18 -9.93 -64.39
N VAL A 802 -0.78 -10.64 -63.81
CA VAL A 802 -2.05 -10.04 -63.46
C VAL A 802 -1.86 -9.04 -62.31
N GLN A 803 -1.21 -9.50 -61.24
CA GLN A 803 -0.97 -8.67 -60.06
C GLN A 803 0.05 -7.53 -60.32
N ARG A 804 0.78 -7.64 -61.41
CA ARG A 804 1.77 -6.65 -61.77
C ARG A 804 1.06 -5.41 -62.32
N ARG A 805 -0.15 -5.64 -62.84
CA ARG A 805 -0.95 -4.61 -63.46
C ARG A 805 -2.03 -3.96 -62.60
N ASN A 806 -2.81 -4.75 -61.87
CA ASN A 806 -3.85 -4.16 -61.05
C ASN A 806 -3.31 -3.51 -59.78
N GLY A 807 -2.01 -3.27 -59.75
CA GLY A 807 -1.39 -2.64 -58.60
C GLY A 807 -1.39 -3.42 -57.30
N VAL A 808 -1.33 -4.75 -57.37
CA VAL A 808 -1.29 -5.60 -56.17
C VAL A 808 0.15 -5.85 -55.77
N VAL A 809 1.02 -6.06 -56.75
CA VAL A 809 2.44 -6.28 -56.49
C VAL A 809 3.10 -4.93 -56.71
N GLY A 810 3.78 -4.40 -55.69
CA GLY A 810 4.43 -3.11 -55.85
C GLY A 810 5.81 -3.16 -56.47
N LEU A 811 6.56 -4.19 -56.13
CA LEU A 811 7.91 -4.36 -56.66
C LEU A 811 8.07 -5.79 -57.13
N VAL A 812 8.62 -5.96 -58.33
CA VAL A 812 8.87 -7.27 -58.91
C VAL A 812 10.37 -7.56 -58.87
N ALA A 813 10.75 -8.58 -58.11
CA ALA A 813 12.15 -8.96 -57.96
C ALA A 813 12.58 -10.06 -58.93
N ARG A 814 13.86 -10.01 -59.33
CA ARG A 814 14.41 -11.00 -60.25
C ARG A 814 14.42 -12.36 -59.57
N ASP A 815 14.91 -12.39 -58.32
CA ASP A 815 14.98 -13.63 -57.54
C ASP A 815 14.88 -13.33 -56.05
N GLU A 816 14.81 -14.40 -55.25
CA GLU A 816 14.70 -14.31 -53.80
C GLU A 816 15.71 -13.38 -53.10
N ALA A 817 16.95 -13.42 -53.55
CA ALA A 817 17.98 -12.58 -52.93
C ALA A 817 17.77 -11.13 -53.29
N HIS A 818 17.16 -10.89 -54.44
CA HIS A 818 16.88 -9.54 -54.92
C HIS A 818 15.69 -8.97 -54.18
N ALA A 819 14.69 -9.81 -53.93
CA ALA A 819 13.49 -9.39 -53.22
C ALA A 819 13.87 -8.93 -51.82
N VAL A 820 14.78 -9.66 -51.18
CA VAL A 820 15.24 -9.31 -49.85
C VAL A 820 16.09 -8.05 -49.93
N SER A 821 16.75 -7.87 -51.05
CA SER A 821 17.57 -6.69 -51.25
C SER A 821 16.63 -5.48 -51.32
N LEU A 822 15.57 -5.60 -52.12
CA LEU A 822 14.62 -4.52 -52.27
C LEU A 822 13.93 -4.22 -50.95
N ALA A 823 13.59 -5.26 -50.19
CA ALA A 823 12.93 -5.07 -48.89
C ALA A 823 13.81 -4.25 -47.97
N LYS A 824 15.10 -4.52 -47.99
CA LYS A 824 16.06 -3.79 -47.16
C LYS A 824 16.09 -2.33 -47.61
N GLN A 825 16.04 -2.11 -48.93
CA GLN A 825 16.09 -0.78 -49.49
C GLN A 825 14.81 0.00 -49.22
N TYR A 826 13.67 -0.66 -49.37
CA TYR A 826 12.38 -0.01 -49.13
C TYR A 826 12.36 0.56 -47.71
N LEU A 827 12.65 -0.27 -46.71
CA LEU A 827 12.67 0.18 -45.32
C LEU A 827 13.60 1.37 -45.13
N SER A 828 14.77 1.33 -45.76
CA SER A 828 15.75 2.40 -45.62
C SER A 828 15.18 3.82 -45.70
N TYR A 829 14.14 4.04 -46.51
CA TYR A 829 13.57 5.38 -46.65
C TYR A 829 12.82 5.80 -45.40
N PHE A 830 12.27 4.83 -44.69
CA PHE A 830 11.53 5.10 -43.47
C PHE A 830 12.43 4.92 -42.26
N GLN A 831 13.72 4.70 -42.49
CA GLN A 831 14.64 4.47 -41.39
C GLN A 831 15.59 5.63 -41.12
N GLY A 832 15.79 6.49 -42.11
CA GLY A 832 16.66 7.61 -41.90
C GLY A 832 17.41 8.16 -43.09
N ARG A 833 18.31 9.10 -42.82
CA ARG A 833 19.12 9.73 -43.85
C ARG A 833 20.37 8.89 -44.13
N LEU A 834 20.96 9.09 -45.30
CA LEU A 834 22.18 8.38 -45.66
C LEU A 834 23.30 9.41 -45.56
N ASP A 835 24.50 8.98 -45.19
CA ASP A 835 25.60 9.91 -45.07
C ASP A 835 26.36 10.06 -46.39
N ARG A 836 26.66 8.93 -47.02
CA ARG A 836 27.35 8.95 -48.30
C ARG A 836 26.31 9.03 -49.41
N TRP A 837 26.44 10.05 -50.26
CA TRP A 837 25.53 10.21 -51.37
C TRP A 837 26.30 10.80 -52.54
N GLN A 838 25.92 10.40 -53.75
CA GLN A 838 26.58 10.87 -54.96
C GLN A 838 25.58 11.56 -55.88
N ALA A 839 25.85 12.83 -56.17
CA ALA A 839 24.98 13.63 -57.03
C ALA A 839 25.20 13.33 -58.51
N PRO A 840 24.14 13.44 -59.31
CA PRO A 840 24.29 13.17 -60.75
C PRO A 840 25.07 14.32 -61.41
N ASP A 841 25.31 14.22 -62.72
CA ASP A 841 26.02 15.28 -63.45
C ASP A 841 24.97 16.38 -63.65
N PRO A 842 25.16 17.53 -63.01
CA PRO A 842 24.23 18.64 -63.13
C PRO A 842 23.88 18.95 -64.59
N ARG A 843 24.85 18.75 -65.46
CA ARG A 843 24.68 19.02 -66.87
C ARG A 843 23.60 18.17 -67.52
N VAL A 844 23.52 16.90 -67.14
CA VAL A 844 22.53 16.00 -67.71
C VAL A 844 21.13 16.57 -67.66
N ALA A 845 20.80 17.17 -66.52
CA ALA A 845 19.48 17.78 -66.29
C ALA A 845 19.09 18.73 -67.41
N ARG A 846 20.07 19.51 -67.85
CA ARG A 846 19.89 20.50 -68.91
C ARG A 846 19.46 19.95 -70.24
N HIS A 847 19.69 18.67 -70.47
CA HIS A 847 19.35 18.06 -71.76
C HIS A 847 18.30 16.97 -71.72
N VAL A 848 17.62 16.82 -70.60
CA VAL A 848 16.61 15.78 -70.52
C VAL A 848 15.41 16.10 -71.39
N VAL A 849 14.85 17.29 -71.26
CA VAL A 849 13.67 17.66 -72.05
C VAL A 849 14.05 18.26 -73.39
N PRO A 850 13.63 17.62 -74.49
CA PRO A 850 13.95 18.17 -75.82
C PRO A 850 13.39 19.58 -75.98
N GLN A 851 14.17 20.42 -76.64
CA GLN A 851 13.82 21.81 -76.88
C GLN A 851 12.61 21.94 -77.78
N ASN A 852 12.14 20.82 -78.33
CA ASN A 852 10.97 20.84 -79.19
C ASN A 852 9.81 20.25 -78.39
N ARG A 853 8.87 21.12 -78.04
CA ARG A 853 7.71 20.73 -77.25
C ARG A 853 6.94 19.50 -77.72
N LEU A 854 7.23 19.04 -78.94
CA LEU A 854 6.52 17.89 -79.50
C LEU A 854 7.22 16.56 -79.23
N ARG A 855 8.55 16.57 -79.30
CA ARG A 855 9.35 15.37 -79.07
C ARG A 855 9.21 14.91 -77.61
N ALA A 856 8.66 13.71 -77.38
CA ALA A 856 8.50 13.19 -76.04
C ALA A 856 9.86 12.71 -75.47
N TYR A 857 9.88 12.37 -74.18
CA TYR A 857 11.10 11.91 -73.52
C TYR A 857 10.72 10.99 -72.38
N ASP A 858 11.72 10.29 -71.85
CA ASP A 858 11.50 9.35 -70.76
C ASP A 858 11.54 10.01 -69.38
N VAL A 859 10.46 9.86 -68.63
CA VAL A 859 10.40 10.46 -67.30
C VAL A 859 11.49 9.93 -66.38
N HIS A 860 11.82 8.65 -66.49
CA HIS A 860 12.85 8.07 -65.64
C HIS A 860 14.16 8.82 -65.77
N ARG A 861 14.39 9.41 -66.94
CA ARG A 861 15.62 10.16 -67.20
C ARG A 861 15.66 11.44 -66.37
N ALA A 862 14.54 12.16 -66.34
CA ALA A 862 14.42 13.40 -65.58
C ALA A 862 14.57 13.12 -64.08
N ILE A 863 13.94 12.03 -63.62
CA ILE A 863 14.02 11.68 -62.21
C ILE A 863 15.48 11.42 -61.88
N GLU A 864 16.10 10.54 -62.66
CA GLU A 864 17.49 10.15 -62.44
C GLU A 864 18.49 11.29 -62.64
N ALA A 865 18.10 12.33 -63.37
CA ALA A 865 18.97 13.49 -63.60
C ALA A 865 18.91 14.45 -62.42
N ILE A 866 17.95 14.21 -61.52
CA ILE A 866 17.77 15.05 -60.34
C ILE A 866 18.16 14.40 -59.02
N VAL A 867 17.45 13.34 -58.64
CA VAL A 867 17.72 12.64 -57.38
C VAL A 867 19.07 11.94 -57.45
N ASP A 868 19.82 11.94 -56.35
CA ASP A 868 21.13 11.29 -56.40
C ASP A 868 21.18 9.82 -56.78
N VAL A 869 22.24 9.50 -57.52
CA VAL A 869 22.57 8.20 -58.08
C VAL A 869 22.12 6.89 -57.42
N GLY A 870 21.30 6.15 -58.16
CA GLY A 870 20.78 4.86 -57.74
C GLY A 870 19.89 4.84 -56.51
N SER A 871 19.32 5.99 -56.15
CA SER A 871 18.45 6.08 -54.98
C SER A 871 16.98 5.94 -55.34
N VAL A 872 16.69 5.74 -56.62
CA VAL A 872 15.32 5.60 -57.09
C VAL A 872 14.79 4.19 -56.87
N LEU A 873 13.57 4.10 -56.32
CA LEU A 873 12.90 2.82 -56.08
C LEU A 873 11.44 3.03 -56.45
N GLU A 874 11.12 2.89 -57.74
CA GLU A 874 9.76 3.07 -58.23
C GLU A 874 8.81 1.94 -57.83
N LEU A 875 7.66 2.35 -57.30
CA LEU A 875 6.61 1.43 -56.84
C LEU A 875 5.48 1.26 -57.87
N ARG A 876 4.90 0.06 -57.94
CA ARG A 876 3.82 -0.27 -58.88
C ARG A 876 3.95 0.42 -60.26
N PRO A 877 5.11 0.25 -60.93
CA PRO A 877 5.36 0.86 -62.23
C PRO A 877 4.48 0.45 -63.41
N ASP A 878 3.93 -0.75 -63.36
CA ASP A 878 3.10 -1.27 -64.45
C ASP A 878 1.62 -1.02 -64.20
N TYR A 879 1.36 -0.20 -63.19
CA TYR A 879 0.01 0.17 -62.76
C TYR A 879 -0.13 1.69 -62.86
N GLY A 880 -1.28 2.17 -63.36
CA GLY A 880 -1.49 3.59 -63.52
C GLY A 880 -0.21 4.22 -64.04
N VAL A 881 0.22 3.75 -65.20
CA VAL A 881 1.47 4.19 -65.84
C VAL A 881 1.57 5.68 -66.20
N GLY A 882 0.46 6.40 -66.13
CA GLY A 882 0.53 7.81 -66.45
C GLY A 882 1.37 8.58 -65.43
N ILE A 883 1.28 8.18 -64.16
CA ILE A 883 2.02 8.83 -63.10
C ILE A 883 3.01 7.88 -62.44
N VAL A 884 4.23 8.36 -62.23
CA VAL A 884 5.28 7.58 -61.61
C VAL A 884 5.32 7.91 -60.12
N THR A 885 5.31 6.87 -59.28
CA THR A 885 5.36 7.06 -57.83
C THR A 885 6.58 6.29 -57.35
N ALA A 886 7.57 6.99 -56.83
CA ALA A 886 8.77 6.33 -56.35
C ALA A 886 9.43 7.03 -55.19
N LEU A 887 10.03 6.24 -54.29
CA LEU A 887 10.74 6.78 -53.15
C LEU A 887 12.16 7.06 -53.66
N VAL A 888 12.66 8.26 -53.37
CA VAL A 888 14.00 8.63 -53.83
C VAL A 888 14.82 9.31 -52.74
N ARG A 889 15.92 9.95 -53.14
CA ARG A 889 16.78 10.66 -52.20
C ARG A 889 17.54 11.80 -52.86
N VAL A 890 17.68 12.90 -52.13
CA VAL A 890 18.43 14.07 -52.60
C VAL A 890 19.28 14.46 -51.41
N GLU A 891 20.60 14.37 -51.61
CA GLU A 891 21.60 14.64 -50.59
C GLU A 891 21.44 13.76 -49.35
N GLY A 892 21.01 12.51 -49.55
CA GLY A 892 20.87 11.60 -48.42
C GLY A 892 19.50 11.50 -47.78
N VAL A 893 18.68 12.51 -48.01
CA VAL A 893 17.32 12.57 -47.44
C VAL A 893 16.26 11.88 -48.28
N PRO A 894 15.33 11.15 -47.62
CA PRO A 894 14.21 10.41 -48.23
C PRO A 894 13.06 11.31 -48.68
N TYR A 895 12.63 11.16 -49.93
CA TYR A 895 11.49 11.93 -50.44
C TYR A 895 10.59 11.01 -51.24
N GLY A 896 9.34 11.42 -51.38
CA GLY A 896 8.38 10.68 -52.17
C GLY A 896 8.38 11.46 -53.47
N LEU A 897 8.21 10.79 -54.60
CA LEU A 897 8.24 11.50 -55.87
C LEU A 897 7.13 11.05 -56.78
N ILE A 898 6.45 12.02 -57.40
CA ILE A 898 5.38 11.69 -58.35
C ILE A 898 5.76 12.40 -59.64
N ALA A 899 5.45 11.79 -60.78
CA ALA A 899 5.81 12.41 -62.05
C ALA A 899 4.88 11.99 -63.18
N ASN A 900 4.60 12.89 -64.11
CA ASN A 900 3.75 12.58 -65.25
C ASN A 900 4.63 11.98 -66.32
N SER A 901 4.16 10.88 -66.92
CA SER A 901 4.90 10.21 -67.97
C SER A 901 4.22 10.54 -69.28
N THR A 902 4.97 11.09 -70.23
CA THR A 902 4.42 11.47 -71.53
C THR A 902 4.11 10.23 -72.38
N HIS A 903 4.76 9.12 -72.05
CA HIS A 903 4.57 7.87 -72.77
C HIS A 903 3.16 7.29 -72.69
N HIS A 904 2.26 7.90 -71.93
CA HIS A 904 0.93 7.30 -71.81
C HIS A 904 -0.19 7.94 -72.62
N LEU A 905 -0.57 9.16 -72.26
CA LEU A 905 -1.62 9.84 -73.00
C LEU A 905 -1.12 11.24 -73.24
N GLY A 906 0.18 11.32 -73.48
CA GLY A 906 0.80 12.61 -73.69
C GLY A 906 1.05 13.26 -72.35
N GLY A 907 0.64 12.57 -71.30
CA GLY A 907 0.83 13.10 -69.96
C GLY A 907 -0.50 13.37 -69.29
N ALA A 908 -1.59 13.10 -69.99
CA ALA A 908 -2.92 13.29 -69.43
C ALA A 908 -3.12 12.33 -68.27
N ILE A 909 -3.76 12.83 -67.22
CA ILE A 909 -4.01 12.05 -66.03
C ILE A 909 -5.35 11.33 -66.13
N ASP A 910 -5.32 10.01 -66.08
CA ASP A 910 -6.56 9.28 -66.15
C ASP A 910 -7.02 8.78 -64.79
N ALA A 911 -8.24 8.23 -64.77
CA ALA A 911 -8.84 7.73 -63.54
C ALA A 911 -7.91 6.85 -62.71
N GLU A 912 -7.21 5.92 -63.32
CA GLU A 912 -6.31 5.02 -62.60
C GLU A 912 -4.98 5.61 -62.16
N ALA A 913 -4.44 6.55 -62.91
CA ALA A 913 -3.17 7.17 -62.52
C ALA A 913 -3.50 8.05 -61.32
N ALA A 914 -4.73 8.56 -61.30
CA ALA A 914 -5.21 9.41 -60.21
C ALA A 914 -5.22 8.59 -58.92
N ASP A 915 -5.73 7.36 -59.02
CA ASP A 915 -5.79 6.46 -57.89
C ASP A 915 -4.39 6.19 -57.35
N LYS A 916 -3.51 5.73 -58.22
CA LYS A 916 -2.15 5.40 -57.83
C LYS A 916 -1.42 6.58 -57.18
N ALA A 917 -1.67 7.78 -57.68
CA ALA A 917 -1.05 8.99 -57.16
C ALA A 917 -1.60 9.34 -55.75
N GLY A 918 -2.93 9.30 -55.62
CA GLY A 918 -3.56 9.57 -54.34
C GLY A 918 -3.03 8.65 -53.27
N ASP A 919 -2.97 7.36 -53.59
CA ASP A 919 -2.46 6.34 -52.69
C ASP A 919 -1.08 6.74 -52.18
N PHE A 920 -0.19 7.12 -53.09
CA PHE A 920 1.16 7.50 -52.71
C PHE A 920 1.21 8.76 -51.84
N LEU A 921 0.34 9.72 -52.13
CA LEU A 921 0.30 10.94 -51.34
C LEU A 921 -0.10 10.65 -49.90
N ALA A 922 -0.92 9.62 -49.72
CA ALA A 922 -1.36 9.24 -48.40
C ALA A 922 -0.23 8.50 -47.68
N LEU A 923 0.57 7.76 -48.44
CA LEU A 923 1.69 7.02 -47.86
C LEU A 923 2.66 8.04 -47.32
N CYS A 924 3.05 8.96 -48.19
CA CYS A 924 3.99 10.01 -47.84
C CYS A 924 3.54 10.80 -46.64
N GLU A 925 2.28 11.20 -46.63
CA GLU A 925 1.72 11.96 -45.53
C GLU A 925 1.82 11.14 -44.25
N SER A 926 1.35 9.90 -44.32
CA SER A 926 1.36 8.99 -43.19
C SER A 926 2.71 8.80 -42.49
N PHE A 927 3.79 8.66 -43.27
CA PHE A 927 5.14 8.47 -42.71
C PHE A 927 5.99 9.72 -42.84
N GLY A 928 5.35 10.83 -43.18
CA GLY A 928 6.00 12.12 -43.29
C GLY A 928 7.13 12.39 -44.25
N LEU A 929 7.09 11.81 -45.44
CA LEU A 929 8.16 12.05 -46.42
C LEU A 929 7.86 13.29 -47.25
N PRO A 930 8.80 14.25 -47.29
CA PRO A 930 8.46 15.43 -48.10
C PRO A 930 8.24 14.94 -49.54
N VAL A 931 7.40 15.65 -50.29
CA VAL A 931 7.10 15.23 -51.66
C VAL A 931 7.75 16.06 -52.77
N ILE A 932 8.18 15.36 -53.83
CA ILE A 932 8.77 16.02 -54.99
C ILE A 932 7.80 15.70 -56.13
N SER A 933 7.27 16.74 -56.77
CA SER A 933 6.32 16.54 -57.85
C SER A 933 6.85 17.07 -59.19
N LEU A 934 7.15 16.16 -60.11
CA LEU A 934 7.64 16.55 -61.43
C LEU A 934 6.45 16.57 -62.35
N CYS A 935 5.97 17.78 -62.65
CA CYS A 935 4.79 17.96 -63.49
C CYS A 935 5.01 18.18 -64.99
N ASP A 936 4.20 17.50 -65.77
CA ASP A 936 4.22 17.60 -67.21
C ASP A 936 2.90 17.02 -67.66
N THR A 937 1.84 17.81 -67.60
CA THR A 937 0.55 17.29 -68.00
C THR A 937 -0.32 18.35 -68.64
N PRO A 938 -1.16 17.93 -69.60
CA PRO A 938 -2.08 18.82 -70.29
C PRO A 938 -3.32 18.95 -69.41
N GLY A 939 -3.38 18.10 -68.38
CA GLY A 939 -4.50 18.10 -67.46
C GLY A 939 -5.07 16.70 -67.30
N PHE A 940 -6.31 16.61 -66.85
CA PHE A 940 -6.97 15.31 -66.69
C PHE A 940 -7.43 14.85 -68.06
N MET A 941 -7.51 13.55 -68.27
CA MET A 941 -7.97 12.99 -69.53
C MET A 941 -9.49 13.15 -69.58
N VAL A 942 -10.01 13.78 -70.64
CA VAL A 942 -11.46 13.98 -70.76
C VAL A 942 -12.10 13.05 -71.78
N GLY A 943 -13.41 13.20 -71.95
CA GLY A 943 -14.12 12.38 -72.89
C GLY A 943 -15.27 11.63 -72.22
N PRO A 944 -16.35 11.33 -72.96
CA PRO A 944 -17.47 10.63 -72.35
C PRO A 944 -17.06 9.27 -71.80
N ASP A 945 -15.99 8.72 -72.37
CA ASP A 945 -15.48 7.42 -71.94
C ASP A 945 -14.68 7.54 -70.65
N ALA A 946 -13.90 8.62 -70.52
CA ALA A 946 -13.13 8.82 -69.31
C ALA A 946 -14.10 8.96 -68.14
N GLU A 947 -15.26 9.55 -68.41
CA GLU A 947 -16.27 9.76 -67.38
C GLU A 947 -16.90 8.45 -66.88
N THR A 948 -16.97 7.45 -67.74
CA THR A 948 -17.59 6.20 -67.32
C THR A 948 -16.78 5.44 -66.28
N GLN A 949 -15.50 5.78 -66.17
CA GLN A 949 -14.64 5.14 -65.19
C GLN A 949 -14.66 5.95 -63.90
N ALA A 950 -15.75 6.66 -63.69
CA ALA A 950 -15.94 7.48 -62.50
C ALA A 950 -14.81 8.47 -62.31
N ALA A 951 -14.46 9.18 -63.36
CA ALA A 951 -13.38 10.16 -63.27
C ALA A 951 -13.72 11.31 -62.33
N VAL A 952 -15.00 11.62 -62.17
CA VAL A 952 -15.40 12.72 -61.29
C VAL A 952 -15.08 12.40 -59.84
N ARG A 953 -15.33 11.17 -59.44
CA ARG A 953 -15.09 10.71 -58.09
C ARG A 953 -13.62 10.38 -57.82
N ARG A 954 -12.93 9.89 -58.84
CA ARG A 954 -11.55 9.53 -58.69
C ARG A 954 -10.56 10.67 -58.72
N PHE A 955 -10.90 11.74 -59.44
CA PHE A 955 -10.02 12.91 -59.47
C PHE A 955 -10.31 13.69 -58.19
N GLY A 956 -11.55 13.61 -57.74
CA GLY A 956 -11.93 14.29 -56.51
C GLY A 956 -11.06 13.78 -55.37
N ARG A 957 -10.84 12.47 -55.33
CA ARG A 957 -10.05 11.87 -54.27
C ARG A 957 -8.58 12.26 -54.36
N MET A 958 -8.13 12.62 -55.55
CA MET A 958 -6.73 13.02 -55.71
C MET A 958 -6.57 14.42 -55.13
N PHE A 959 -7.62 15.22 -55.21
CA PHE A 959 -7.63 16.56 -54.67
C PHE A 959 -7.70 16.52 -53.15
N VAL A 960 -8.51 15.59 -52.63
CA VAL A 960 -8.71 15.44 -51.20
C VAL A 960 -7.43 15.04 -50.52
N LEU A 961 -6.71 14.08 -51.09
CA LEU A 961 -5.47 13.63 -50.48
C LEU A 961 -4.32 14.61 -50.64
N GLY A 962 -4.42 15.50 -51.61
CA GLY A 962 -3.38 16.50 -51.77
C GLY A 962 -3.67 17.60 -50.77
N ALA A 963 -4.97 17.78 -50.49
CA ALA A 963 -5.41 18.80 -49.52
C ALA A 963 -5.01 18.37 -48.11
N ARG A 964 -4.82 17.07 -47.91
CA ARG A 964 -4.45 16.55 -46.61
C ARG A 964 -2.96 16.47 -46.34
N LEU A 965 -2.16 16.78 -47.35
CA LEU A 965 -0.72 16.72 -47.17
C LEU A 965 -0.33 17.82 -46.21
N THR A 966 0.46 17.45 -45.20
CA THR A 966 0.93 18.43 -44.25
C THR A 966 2.45 18.44 -44.35
N VAL A 967 2.97 17.62 -45.27
CA VAL A 967 4.41 17.53 -45.50
C VAL A 967 4.80 18.52 -46.59
N PRO A 968 6.08 18.91 -46.64
CA PRO A 968 6.50 19.86 -47.68
C PRO A 968 6.43 19.19 -49.05
N LEU A 969 5.99 19.96 -50.04
CA LEU A 969 5.92 19.46 -51.40
C LEU A 969 6.46 20.52 -52.36
N GLY A 970 7.49 20.16 -53.11
CA GLY A 970 8.04 21.07 -54.08
C GLY A 970 7.64 20.60 -55.47
N MET A 971 7.24 21.53 -56.33
CA MET A 971 6.84 21.17 -57.68
C MET A 971 7.70 21.81 -58.75
N ILE A 972 8.10 21.00 -59.73
CA ILE A 972 8.91 21.49 -60.83
C ILE A 972 8.18 21.13 -62.11
N ILE A 973 7.78 22.12 -62.89
CA ILE A 973 7.10 21.87 -64.15
C ILE A 973 8.17 21.58 -65.22
N LEU A 974 8.24 20.33 -65.67
CA LEU A 974 9.22 19.95 -66.68
C LEU A 974 8.87 20.56 -68.03
N ARG A 975 7.65 20.34 -68.50
CA ARG A 975 7.21 20.91 -69.75
C ARG A 975 5.79 21.48 -69.62
N LYS A 976 4.78 20.62 -69.75
CA LYS A 976 3.39 21.05 -69.65
C LYS A 976 2.83 21.08 -68.22
N GLY A 977 1.94 22.02 -67.96
CA GLY A 977 1.32 22.15 -66.65
C GLY A 977 0.07 22.96 -66.87
N TYR A 978 -1.04 22.26 -67.14
CA TYR A 978 -2.28 22.94 -67.42
C TYR A 978 -3.48 22.51 -66.58
N GLY A 979 -4.44 23.42 -66.46
CA GLY A 979 -5.68 23.17 -65.73
C GLY A 979 -5.64 22.41 -64.42
N LEU A 980 -6.82 21.95 -64.00
CA LEU A 980 -6.97 21.21 -62.74
C LEU A 980 -5.97 20.09 -62.51
N GLY A 981 -5.69 19.30 -63.56
CA GLY A 981 -4.75 18.21 -63.42
C GLY A 981 -3.39 18.70 -62.93
N ALA A 982 -2.96 19.84 -63.45
CA ALA A 982 -1.67 20.41 -63.08
C ALA A 982 -1.74 20.86 -61.64
N MET A 983 -2.90 21.38 -61.25
CA MET A 983 -3.12 21.86 -59.89
C MET A 983 -3.12 20.67 -58.92
N ALA A 984 -3.88 19.64 -59.28
CA ALA A 984 -3.98 18.42 -58.49
C ALA A 984 -2.59 17.85 -58.18
N MET A 985 -1.68 17.99 -59.15
CA MET A 985 -0.30 17.53 -59.04
C MET A 985 0.47 18.37 -58.04
N ALA A 986 -0.07 19.54 -57.71
CA ALA A 986 0.57 20.45 -56.76
C ALA A 986 -0.06 20.39 -55.36
N GLY A 987 -1.20 19.73 -55.25
CA GLY A 987 -1.87 19.63 -53.97
C GLY A 987 -3.23 20.27 -54.07
N GLY A 988 -3.50 20.89 -55.22
CA GLY A 988 -4.79 21.53 -55.44
C GLY A 988 -4.66 22.98 -55.85
N SER A 989 -3.44 23.47 -55.90
CA SER A 989 -3.19 24.86 -56.25
C SER A 989 -1.69 25.11 -56.34
N PHE A 990 -1.28 25.99 -57.25
CA PHE A 990 0.12 26.31 -57.42
C PHE A 990 0.63 27.11 -56.22
N ARG A 991 -0.22 27.25 -55.22
CA ARG A 991 0.11 27.99 -54.01
C ARG A 991 0.46 27.01 -52.87
N ALA A 992 -0.09 25.80 -52.92
CA ALA A 992 0.18 24.79 -51.91
C ALA A 992 1.65 24.42 -51.84
N PRO A 993 2.25 24.06 -52.98
CA PRO A 993 3.67 23.70 -52.93
C PRO A 993 4.48 24.77 -52.21
N GLN A 994 5.58 24.36 -51.61
CA GLN A 994 6.45 25.29 -50.91
C GLN A 994 7.10 26.16 -51.96
N PHE A 995 7.31 25.57 -53.14
CA PHE A 995 7.89 26.27 -54.28
C PHE A 995 7.35 25.63 -55.55
N THR A 996 6.83 26.48 -56.45
CA THR A 996 6.29 26.04 -57.73
C THR A 996 7.14 26.71 -58.81
N VAL A 997 8.23 26.04 -59.14
CA VAL A 997 9.21 26.51 -60.09
C VAL A 997 9.09 25.71 -61.40
N ALA A 998 9.74 26.15 -62.47
CA ALA A 998 9.69 25.43 -63.75
C ALA A 998 10.98 25.53 -64.58
N TRP A 999 11.22 24.50 -65.39
CA TRP A 999 12.39 24.49 -66.26
C TRP A 999 12.06 25.32 -67.51
N PRO A 1000 13.09 25.79 -68.23
CA PRO A 1000 12.87 26.61 -69.44
C PRO A 1000 11.86 26.05 -70.45
N THR A 1001 11.80 24.73 -70.54
CA THR A 1001 10.88 24.06 -71.46
C THR A 1001 9.41 24.08 -71.00
N GLY A 1002 9.15 24.70 -69.85
CA GLY A 1002 7.80 24.75 -69.32
C GLY A 1002 6.86 25.73 -70.00
N GLU A 1003 5.57 25.48 -69.84
CA GLU A 1003 4.51 26.30 -70.40
C GLU A 1003 3.29 26.08 -69.51
N ILE A 1004 2.68 27.16 -69.04
CA ILE A 1004 1.54 27.05 -68.13
C ILE A 1004 0.23 27.67 -68.64
N GLY A 1005 -0.91 27.19 -68.13
CA GLY A 1005 -2.18 27.76 -68.54
C GLY A 1005 -3.44 27.05 -68.06
N GLY A 1006 -4.59 27.68 -68.28
CA GLY A 1006 -5.86 27.08 -67.89
C GLY A 1006 -6.14 25.86 -68.74
N MET A 1007 -5.73 25.92 -70.01
CA MET A 1007 -5.90 24.81 -70.94
C MET A 1007 -4.68 24.76 -71.87
N GLY A 1008 -4.30 23.57 -72.31
CA GLY A 1008 -3.16 23.44 -73.19
C GLY A 1008 -3.30 24.27 -74.46
N LEU A 1009 -2.16 24.66 -75.02
CA LEU A 1009 -2.16 25.48 -76.24
C LEU A 1009 -3.01 24.85 -77.33
N GLU A 1010 -2.64 23.65 -77.79
CA GLU A 1010 -3.41 23.00 -78.84
C GLU A 1010 -4.90 22.95 -78.52
N SER A 1011 -5.25 23.03 -77.23
CA SER A 1011 -6.64 22.98 -76.82
C SER A 1011 -7.29 24.35 -77.04
N ALA A 1012 -6.52 25.39 -76.77
CA ALA A 1012 -6.99 26.76 -76.95
C ALA A 1012 -7.13 27.02 -78.45
N VAL A 1013 -6.15 26.55 -79.22
CA VAL A 1013 -6.16 26.72 -80.67
C VAL A 1013 -7.40 26.04 -81.25
N ARG A 1014 -7.56 24.75 -80.96
CA ARG A 1014 -8.70 23.99 -81.46
C ARG A 1014 -10.01 24.71 -81.20
N LEU A 1015 -10.08 25.43 -80.09
CA LEU A 1015 -11.28 26.16 -79.72
C LEU A 1015 -11.34 27.59 -80.25
N GLY A 1016 -10.18 28.23 -80.36
CA GLY A 1016 -10.15 29.59 -80.84
C GLY A 1016 -10.00 29.77 -82.35
N TYR A 1017 -9.98 28.67 -83.09
CA TYR A 1017 -9.83 28.75 -84.54
C TYR A 1017 -10.65 27.72 -85.30
N ARG A 1018 -11.92 28.00 -85.52
CA ARG A 1018 -12.77 27.06 -86.23
C ARG A 1018 -13.59 27.74 -87.34
N THR A 1025 -12.46 24.10 -91.82
CA THR A 1025 -12.40 24.87 -93.06
C THR A 1025 -11.40 24.25 -94.02
N ASP A 1026 -10.39 23.59 -93.46
CA ASP A 1026 -9.36 22.93 -94.24
C ASP A 1026 -9.88 21.54 -94.60
N PRO A 1027 -9.92 21.23 -95.90
CA PRO A 1027 -10.43 19.91 -96.28
C PRO A 1027 -9.36 18.80 -96.16
N ALA A 1028 -8.17 19.05 -96.71
CA ALA A 1028 -7.08 18.07 -96.68
C ALA A 1028 -6.27 18.10 -95.39
N GLU A 1029 -5.29 18.99 -95.34
CA GLU A 1029 -4.41 19.10 -94.17
C GLU A 1029 -4.57 20.34 -93.30
N ARG A 1030 -5.38 20.19 -92.24
CA ARG A 1030 -5.59 21.28 -91.28
C ARG A 1030 -4.33 21.24 -90.41
N GLN A 1031 -3.88 20.02 -90.16
CA GLN A 1031 -2.70 19.72 -89.35
C GLN A 1031 -1.61 20.77 -89.46
N ASN A 1032 -1.46 21.33 -90.66
CA ASN A 1032 -0.44 22.35 -90.90
C ASN A 1032 -0.80 23.70 -90.29
N LEU A 1033 -1.96 24.26 -90.65
CA LEU A 1033 -2.36 25.56 -90.11
C LEU A 1033 -2.39 25.48 -88.59
N PHE A 1034 -2.63 24.26 -88.09
CA PHE A 1034 -2.68 23.99 -86.67
C PHE A 1034 -1.30 24.18 -86.07
N ASP A 1035 -0.36 23.34 -86.48
CA ASP A 1035 1.02 23.38 -85.99
C ASP A 1035 1.65 24.77 -85.99
N ARG A 1036 1.20 25.64 -86.87
CA ARG A 1036 1.73 26.99 -86.94
C ARG A 1036 0.98 27.92 -85.98
N LEU A 1037 -0.32 27.71 -85.86
CA LEU A 1037 -1.16 28.51 -84.98
C LEU A 1037 -0.87 28.13 -83.52
N VAL A 1038 -0.33 26.93 -83.34
CA VAL A 1038 0.03 26.41 -82.02
C VAL A 1038 1.45 26.82 -81.60
N ALA A 1039 2.41 26.72 -82.52
CA ALA A 1039 3.79 27.10 -82.22
C ALA A 1039 3.87 28.62 -82.14
N ALA A 1040 2.84 29.28 -82.66
CA ALA A 1040 2.75 30.73 -82.66
C ALA A 1040 2.25 31.18 -81.30
N ALA A 1041 1.17 30.55 -80.85
CA ALA A 1041 0.55 30.85 -79.56
C ALA A 1041 1.46 30.42 -78.40
N TYR A 1042 2.37 29.50 -78.68
CA TYR A 1042 3.30 29.01 -77.68
C TYR A 1042 4.23 30.10 -77.16
N GLN A 1043 4.47 31.13 -77.97
CA GLN A 1043 5.36 32.23 -77.58
C GLN A 1043 4.70 33.13 -76.53
N HIS A 1044 3.37 33.20 -76.58
CA HIS A 1044 2.60 34.03 -75.66
C HIS A 1044 1.98 33.12 -74.60
N GLY A 1045 2.77 32.17 -74.10
CA GLY A 1045 2.31 31.23 -73.11
C GLY A 1045 3.43 30.44 -72.48
N LYS A 1046 4.66 30.91 -72.70
CA LYS A 1046 5.86 30.27 -72.15
C LYS A 1046 5.84 30.25 -70.62
N ALA A 1047 6.96 29.85 -70.04
CA ALA A 1047 7.11 29.80 -68.60
C ALA A 1047 7.57 31.17 -68.17
N LEU A 1048 8.43 31.79 -68.95
CA LEU A 1048 8.95 33.10 -68.61
C LEU A 1048 7.84 34.13 -68.47
N ARG A 1049 6.77 33.99 -69.22
CA ARG A 1049 5.66 34.94 -69.13
C ARG A 1049 4.88 34.75 -67.83
N ALA A 1050 4.56 33.51 -67.50
CA ALA A 1050 3.84 33.22 -66.26
C ALA A 1050 4.73 33.58 -65.08
N ALA A 1051 6.05 33.54 -65.29
CA ALA A 1051 7.01 33.87 -64.25
C ALA A 1051 6.90 35.37 -64.01
N THR A 1052 6.65 36.08 -65.08
CA THR A 1052 6.52 37.53 -65.05
C THR A 1052 5.36 38.03 -64.19
N THR A 1053 4.26 37.26 -64.16
CA THR A 1053 3.10 37.63 -63.35
C THR A 1053 3.08 36.87 -62.03
N PHE A 1054 4.22 36.31 -61.66
CA PHE A 1054 4.37 35.56 -60.42
C PHE A 1054 3.54 34.29 -60.31
N GLU A 1055 3.05 33.78 -61.44
CA GLU A 1055 2.24 32.56 -61.40
C GLU A 1055 3.16 31.36 -61.15
N LEU A 1056 4.46 31.61 -61.13
CA LEU A 1056 5.50 30.60 -60.85
C LEU A 1056 6.50 31.29 -59.95
N ASP A 1057 7.09 30.57 -59.02
CA ASP A 1057 8.06 31.21 -58.13
C ASP A 1057 9.36 31.52 -58.86
N ASP A 1058 9.55 30.89 -60.01
CA ASP A 1058 10.74 31.10 -60.83
C ASP A 1058 10.84 30.12 -61.98
N VAL A 1059 11.68 30.46 -62.95
CA VAL A 1059 11.93 29.59 -64.12
C VAL A 1059 13.39 29.26 -63.92
N ILE A 1060 13.68 28.03 -63.47
CA ILE A 1060 15.07 27.63 -63.18
C ILE A 1060 15.87 26.87 -64.21
N ASP A 1061 17.18 26.91 -64.00
CA ASP A 1061 18.15 26.20 -64.81
C ASP A 1061 18.01 24.81 -64.22
N PRO A 1062 17.63 23.81 -65.02
CA PRO A 1062 17.47 22.43 -64.54
C PRO A 1062 18.57 21.86 -63.64
N ALA A 1063 19.75 22.45 -63.66
CA ALA A 1063 20.84 21.98 -62.82
C ALA A 1063 20.63 22.43 -61.37
N ALA A 1064 19.69 23.34 -61.17
CA ALA A 1064 19.40 23.89 -59.83
C ALA A 1064 18.28 23.15 -59.11
N SER A 1065 17.58 22.28 -59.82
CA SER A 1065 16.49 21.50 -59.21
C SER A 1065 16.83 21.04 -57.78
N ARG A 1066 17.96 20.37 -57.61
CA ARG A 1066 18.37 19.86 -56.31
C ARG A 1066 18.46 20.96 -55.27
N ALA A 1067 19.06 22.08 -55.65
CA ALA A 1067 19.22 23.22 -54.75
C ALA A 1067 17.87 23.67 -54.19
N TRP A 1068 16.81 23.55 -54.99
CA TRP A 1068 15.48 23.92 -54.56
C TRP A 1068 14.86 22.80 -53.73
N ILE A 1069 14.98 21.57 -54.21
CA ILE A 1069 14.45 20.42 -53.51
C ILE A 1069 15.08 20.24 -52.12
N THR A 1070 16.24 20.83 -51.91
CA THR A 1070 16.93 20.72 -50.63
C THR A 1070 16.28 21.51 -49.50
N ARG A 1071 15.86 22.73 -49.81
CA ARG A 1071 15.23 23.60 -48.83
C ARG A 1071 13.85 23.11 -48.44
N LEU A 1072 13.49 21.94 -48.97
CA LEU A 1072 12.19 21.32 -48.71
C LEU A 1072 12.28 20.49 -47.43
N SER A 1073 13.46 19.93 -47.18
CA SER A 1073 13.70 19.13 -45.98
C SER A 1073 14.39 19.95 -44.87
N MET B 1 24.80 -28.34 41.66
CA MET B 1 26.19 -28.62 41.98
C MET B 1 27.12 -27.59 41.33
N THR B 2 28.36 -28.00 41.07
CA THR B 2 29.34 -27.10 40.49
C THR B 2 30.20 -27.79 39.44
N ALA B 3 29.62 -28.03 38.27
CA ALA B 3 30.36 -28.63 37.16
C ALA B 3 29.95 -27.96 35.87
N SER B 4 30.53 -28.39 34.76
CA SER B 4 30.16 -27.84 33.45
C SER B 4 29.41 -28.94 32.74
N LEU B 5 28.28 -28.58 32.14
CA LEU B 5 27.42 -29.53 31.46
C LEU B 5 27.18 -29.21 30.01
N LEU B 6 27.51 -30.15 29.13
CA LEU B 6 27.26 -29.97 27.71
C LEU B 6 25.90 -30.63 27.50
N VAL B 7 24.95 -29.90 26.91
CA VAL B 7 23.63 -30.47 26.67
C VAL B 7 23.56 -30.87 25.19
N ALA B 8 23.81 -32.14 24.94
CA ALA B 8 23.83 -32.71 23.60
C ALA B 8 22.45 -33.03 23.07
N ASN B 9 21.67 -31.98 22.84
CA ASN B 9 20.32 -32.13 22.35
C ASN B 9 19.81 -30.72 22.02
N ARG B 10 18.50 -30.59 21.83
CA ARG B 10 17.86 -29.33 21.50
C ARG B 10 16.39 -29.34 21.90
N GLY B 11 15.64 -28.37 21.41
CA GLY B 11 14.21 -28.32 21.71
C GLY B 11 13.83 -28.18 23.16
N GLU B 12 12.63 -28.66 23.50
CA GLU B 12 12.12 -28.54 24.87
C GLU B 12 13.03 -29.17 25.92
N ILE B 13 13.47 -30.39 25.65
CA ILE B 13 14.29 -31.13 26.60
C ILE B 13 15.60 -30.43 26.93
N ALA B 14 16.24 -29.86 25.91
CA ALA B 14 17.51 -29.15 26.13
C ALA B 14 17.27 -28.02 27.13
N LEU B 15 16.32 -27.14 26.80
CA LEU B 15 15.99 -26.02 27.66
C LEU B 15 15.61 -26.52 29.05
N ARG B 16 14.96 -27.69 29.10
CA ARG B 16 14.53 -28.31 30.35
C ARG B 16 15.67 -28.61 31.28
N ILE B 17 16.74 -29.17 30.69
CA ILE B 17 17.96 -29.54 31.39
C ILE B 17 18.78 -28.30 31.76
N ILE B 18 18.92 -27.38 30.82
CA ILE B 18 19.67 -26.17 31.09
C ILE B 18 19.03 -25.39 32.23
N ARG B 19 17.73 -25.61 32.43
CA ARG B 19 17.02 -24.93 33.51
C ARG B 19 17.35 -25.50 34.88
N THR B 20 17.42 -26.83 34.99
CA THR B 20 17.75 -27.44 36.27
C THR B 20 19.24 -27.27 36.52
N ALA B 21 20.02 -27.32 35.44
CA ALA B 21 21.47 -27.16 35.53
C ALA B 21 21.78 -25.82 36.18
N THR B 22 21.16 -24.76 35.66
CA THR B 22 21.35 -23.41 36.18
C THR B 22 20.97 -23.31 37.65
N GLU B 23 19.80 -23.85 38.03
CA GLU B 23 19.36 -23.83 39.42
C GLU B 23 20.45 -24.44 40.31
N LEU B 24 21.10 -25.49 39.82
CA LEU B 24 22.16 -26.16 40.55
C LEU B 24 23.43 -25.35 40.52
N GLY B 25 23.44 -24.29 39.72
CA GLY B 25 24.62 -23.44 39.62
C GLY B 25 25.70 -24.03 38.73
N MET B 26 25.31 -24.74 37.69
CA MET B 26 26.26 -25.32 36.78
C MET B 26 26.44 -24.42 35.58
N ARG B 27 27.60 -24.50 34.94
CA ARG B 27 27.83 -23.72 33.75
C ARG B 27 27.28 -24.64 32.68
N THR B 28 26.54 -24.07 31.74
CA THR B 28 25.93 -24.86 30.69
C THR B 28 26.42 -24.51 29.30
N VAL B 29 26.72 -25.55 28.52
CA VAL B 29 27.16 -25.39 27.14
C VAL B 29 26.07 -25.99 26.26
N ALA B 30 25.56 -25.20 25.33
CA ALA B 30 24.51 -25.66 24.43
C ALA B 30 25.05 -25.78 23.02
N VAL B 31 24.39 -26.59 22.19
CA VAL B 31 24.80 -26.73 20.80
C VAL B 31 23.58 -26.57 19.88
N TYR B 32 23.86 -26.39 18.58
CA TYR B 32 22.79 -26.20 17.61
C TYR B 32 23.25 -26.41 16.19
N ALA B 33 22.40 -27.05 15.38
CA ALA B 33 22.71 -27.27 13.97
C ALA B 33 22.53 -25.87 13.38
N ALA B 34 23.17 -25.58 12.25
CA ALA B 34 23.01 -24.24 11.63
C ALA B 34 21.51 -23.94 11.52
N ASP B 35 20.77 -25.02 11.37
CA ASP B 35 19.32 -25.03 11.25
C ASP B 35 18.57 -24.57 12.53
N ASP B 36 18.92 -25.17 13.67
CA ASP B 36 18.31 -24.92 14.98
C ASP B 36 18.80 -23.72 15.81
N ALA B 37 19.58 -22.83 15.19
CA ALA B 37 20.14 -21.69 15.91
C ALA B 37 19.20 -20.76 16.72
N HIS B 38 17.95 -20.64 16.27
CA HIS B 38 17.00 -19.77 16.95
C HIS B 38 16.26 -20.44 18.11
N SER B 39 16.46 -21.74 18.28
CA SER B 39 15.82 -22.49 19.35
C SER B 39 16.11 -21.76 20.68
N PRO B 40 15.16 -21.76 21.61
CA PRO B 40 15.36 -21.09 22.91
C PRO B 40 16.50 -21.59 23.78
N HIS B 41 16.78 -22.89 23.74
CA HIS B 41 17.83 -23.45 24.59
C HIS B 41 19.17 -22.75 24.40
N VAL B 42 19.44 -22.31 23.17
CA VAL B 42 20.70 -21.63 22.88
C VAL B 42 20.88 -20.39 23.76
N HIS B 43 19.95 -19.45 23.64
CA HIS B 43 19.99 -18.21 24.39
C HIS B 43 19.91 -18.40 25.91
N ALA B 44 19.50 -19.58 26.37
CA ALA B 44 19.35 -19.82 27.81
C ALA B 44 20.57 -20.44 28.48
N ALA B 45 21.59 -20.76 27.68
CA ALA B 45 22.83 -21.37 28.17
C ALA B 45 23.95 -20.33 28.36
N ASP B 46 24.94 -20.66 29.18
CA ASP B 46 26.08 -19.77 29.43
C ASP B 46 26.92 -19.59 28.15
N GLU B 47 27.09 -20.67 27.40
CA GLU B 47 27.84 -20.65 26.14
C GLU B 47 27.10 -21.53 25.17
N ALA B 48 27.41 -21.37 23.90
CA ALA B 48 26.78 -22.16 22.86
C ALA B 48 27.67 -22.33 21.63
N MET B 49 28.03 -23.58 21.34
CA MET B 49 28.86 -23.89 20.19
C MET B 49 27.98 -24.50 19.10
N PRO B 50 28.27 -24.21 17.82
CA PRO B 50 27.52 -24.73 16.69
C PRO B 50 27.97 -26.07 16.11
N LEU B 51 27.01 -26.98 15.88
CA LEU B 51 27.31 -28.28 15.29
C LEU B 51 27.27 -28.11 13.77
N PRO B 52 28.18 -28.79 13.05
CA PRO B 52 28.32 -28.76 11.59
C PRO B 52 27.11 -28.97 10.70
N GLY B 53 26.52 -30.15 10.71
CA GLY B 53 25.38 -30.41 9.84
C GLY B 53 24.13 -29.58 10.03
N SER B 54 23.00 -30.14 9.60
CA SER B 54 21.71 -29.48 9.74
C SER B 54 20.59 -30.50 9.93
N GLY B 55 19.55 -30.11 10.66
CA GLY B 55 18.45 -31.02 10.91
C GLY B 55 18.86 -32.10 11.89
N PRO B 56 17.93 -32.95 12.33
CA PRO B 56 18.16 -34.06 13.27
C PRO B 56 19.54 -34.76 13.24
N PRO B 57 19.99 -35.18 12.04
CA PRO B 57 21.29 -35.85 11.97
C PRO B 57 22.47 -35.04 12.50
N ALA B 58 22.34 -33.71 12.53
CA ALA B 58 23.41 -32.85 13.01
C ALA B 58 23.75 -33.15 14.46
N TYR B 59 22.72 -33.50 15.23
CA TYR B 59 22.85 -33.81 16.66
C TYR B 59 23.32 -35.24 16.94
N LEU B 60 23.64 -35.97 15.88
CA LEU B 60 24.11 -37.35 16.02
C LEU B 60 25.60 -37.43 15.72
N ASN B 61 26.19 -36.29 15.39
CA ASN B 61 27.61 -36.24 15.08
C ASN B 61 28.40 -36.42 16.36
N GLN B 62 28.67 -37.67 16.71
CA GLN B 62 29.41 -37.97 17.93
C GLN B 62 30.74 -37.25 18.03
N ALA B 63 31.46 -37.14 16.92
CA ALA B 63 32.74 -36.47 16.92
C ALA B 63 32.51 -35.02 17.32
N ALA B 64 31.66 -34.34 16.56
CA ALA B 64 31.33 -32.94 16.76
C ALA B 64 31.06 -32.56 18.20
N LEU B 65 30.19 -33.33 18.85
CA LEU B 65 29.84 -33.07 20.25
C LEU B 65 31.02 -33.28 21.18
N LEU B 66 31.83 -34.29 20.89
CA LEU B 66 32.97 -34.57 21.73
C LEU B 66 34.02 -33.49 21.53
N ALA B 67 33.98 -32.87 20.36
CA ALA B 67 34.89 -31.78 20.03
C ALA B 67 34.50 -30.59 20.90
N VAL B 68 33.19 -30.32 20.92
CA VAL B 68 32.62 -29.23 21.70
C VAL B 68 32.92 -29.43 23.19
N ALA B 69 32.97 -30.69 23.61
CA ALA B 69 33.25 -31.01 25.01
C ALA B 69 34.68 -30.67 25.41
N GLU B 70 35.66 -30.94 24.54
CA GLU B 70 37.05 -30.63 24.88
C GLU B 70 37.39 -29.16 24.73
N ASN B 71 36.67 -28.44 23.88
CA ASN B 71 36.94 -27.00 23.69
C ASN B 71 36.20 -26.09 24.64
N THR B 72 35.39 -26.66 25.53
CA THR B 72 34.63 -25.87 26.49
C THR B 72 34.76 -26.45 27.89
N GLY B 73 35.49 -27.56 27.98
CA GLY B 73 35.70 -28.22 29.25
C GLY B 73 34.38 -28.52 29.93
N ALA B 74 33.63 -29.44 29.34
CA ALA B 74 32.34 -29.85 29.88
C ALA B 74 32.51 -31.25 30.47
N THR B 75 32.56 -31.32 31.79
CA THR B 75 32.72 -32.58 32.52
C THR B 75 31.61 -33.59 32.19
N LEU B 76 30.36 -33.13 32.26
CA LEU B 76 29.22 -33.99 31.99
C LEU B 76 28.55 -33.73 30.63
N ILE B 77 27.96 -34.79 30.07
CA ILE B 77 27.27 -34.69 28.79
C ILE B 77 25.89 -35.33 28.94
N HIS B 78 24.84 -34.50 28.88
CA HIS B 78 23.47 -34.96 28.99
C HIS B 78 22.94 -35.19 27.57
N PRO B 79 22.58 -36.42 27.23
CA PRO B 79 22.08 -36.65 25.87
C PRO B 79 20.59 -36.40 25.72
N GLY B 80 19.92 -36.07 26.84
CA GLY B 80 18.49 -35.82 26.82
C GLY B 80 17.69 -37.09 26.56
N TYR B 81 16.84 -37.05 25.54
CA TYR B 81 16.05 -38.21 25.14
C TYR B 81 16.07 -38.24 23.62
N GLY B 82 16.13 -39.43 23.05
CA GLY B 82 16.20 -39.54 21.62
C GLY B 82 17.67 -39.40 21.23
N PHE B 83 17.96 -39.09 19.96
CA PHE B 83 19.32 -38.92 19.54
C PHE B 83 20.23 -39.97 20.11
N LEU B 84 21.23 -39.55 20.83
CA LEU B 84 22.18 -40.48 21.32
C LEU B 84 22.03 -40.84 22.78
N SER B 85 20.84 -40.74 23.34
CA SER B 85 20.65 -41.04 24.76
C SER B 85 20.65 -42.53 25.10
N GLU B 86 20.57 -43.37 24.08
CA GLU B 86 20.57 -44.82 24.28
C GLU B 86 21.62 -45.45 23.39
N ASN B 87 22.53 -44.62 22.90
CA ASN B 87 23.63 -45.05 22.03
C ASN B 87 24.86 -45.42 22.85
N ALA B 88 25.08 -46.71 23.05
CA ALA B 88 26.21 -47.16 23.84
C ALA B 88 27.57 -46.78 23.24
N GLU B 89 27.67 -46.71 21.92
CA GLU B 89 28.95 -46.36 21.29
C GLU B 89 29.39 -44.98 21.79
N PHE B 90 28.44 -44.05 21.86
CA PHE B 90 28.69 -42.69 22.32
C PHE B 90 29.03 -42.67 23.80
N ALA B 91 28.18 -43.30 24.60
CA ALA B 91 28.41 -43.33 26.04
C ALA B 91 29.77 -43.92 26.38
N LYS B 92 30.33 -44.71 25.45
CA LYS B 92 31.64 -45.34 25.63
C LYS B 92 32.73 -44.35 25.24
N ALA B 93 32.49 -43.66 24.13
CA ALA B 93 33.41 -42.66 23.60
C ALA B 93 33.57 -41.51 24.58
N CYS B 94 32.53 -41.28 25.37
CA CYS B 94 32.57 -40.21 26.35
C CYS B 94 33.51 -40.61 27.46
N ALA B 95 33.42 -41.86 27.89
CA ALA B 95 34.27 -42.40 28.95
C ALA B 95 35.73 -42.35 28.56
N ALA B 96 36.03 -42.79 27.34
CA ALA B 96 37.38 -42.79 26.82
C ALA B 96 38.00 -41.38 26.84
N ALA B 97 37.17 -40.36 26.59
CA ALA B 97 37.62 -38.98 26.57
C ALA B 97 37.56 -38.36 27.97
N SER B 98 37.29 -39.20 28.96
CA SER B 98 37.22 -38.77 30.36
C SER B 98 36.10 -37.79 30.65
N HIS B 99 34.96 -38.00 30.00
CA HIS B 99 33.76 -37.19 30.19
C HIS B 99 32.74 -38.06 30.87
N THR B 100 31.84 -37.45 31.63
CA THR B 100 30.84 -38.22 32.33
C THR B 100 29.48 -38.20 31.62
N PHE B 101 29.15 -39.33 30.99
CA PHE B 101 27.88 -39.48 30.29
C PHE B 101 26.77 -39.48 31.33
N VAL B 102 25.76 -38.65 31.15
CA VAL B 102 24.69 -38.62 32.12
C VAL B 102 23.72 -39.71 31.76
N GLY B 103 24.00 -40.91 32.26
CA GLY B 103 23.14 -42.04 31.99
C GLY B 103 23.73 -43.27 32.64
N PRO B 104 23.37 -44.47 32.16
CA PRO B 104 23.92 -45.68 32.77
C PRO B 104 25.15 -46.08 31.95
N ASP B 105 25.93 -47.01 32.49
CA ASP B 105 27.14 -47.51 31.83
C ASP B 105 26.84 -47.97 30.41
N GLY B 106 27.83 -47.89 29.51
CA GLY B 106 27.63 -48.32 28.14
C GLY B 106 27.29 -49.80 27.99
N ARG B 107 27.52 -50.58 29.05
CA ARG B 107 27.22 -52.01 28.99
C ARG B 107 25.74 -52.20 29.24
N VAL B 108 25.14 -51.27 29.96
CA VAL B 108 23.72 -51.35 30.25
C VAL B 108 22.95 -50.87 29.02
N LEU B 109 23.54 -49.94 28.30
CA LEU B 109 22.86 -49.44 27.11
C LEU B 109 22.84 -50.47 26.00
N GLU B 110 23.80 -51.38 26.00
CA GLU B 110 23.83 -52.41 24.96
C GLU B 110 22.87 -53.51 25.34
N LEU B 111 22.79 -53.79 26.63
CA LEU B 111 21.89 -54.80 27.17
C LEU B 111 20.44 -54.38 26.98
N LEU B 112 20.09 -53.19 27.45
CA LEU B 112 18.73 -52.69 27.33
C LEU B 112 18.37 -52.28 25.91
N GLY B 113 19.37 -51.91 25.13
CA GLY B 113 19.13 -51.50 23.75
C GLY B 113 19.06 -52.69 22.81
N ASN B 114 18.75 -53.85 23.36
CA ASN B 114 18.62 -55.08 22.58
C ASN B 114 17.33 -55.77 22.99
N LYS B 115 16.42 -55.92 22.04
CA LYS B 115 15.13 -56.54 22.30
C LYS B 115 15.27 -57.91 22.99
N THR B 116 16.12 -58.77 22.43
CA THR B 116 16.32 -60.10 23.00
C THR B 116 17.08 -60.13 24.31
N ALA B 117 18.08 -59.26 24.44
CA ALA B 117 18.88 -59.19 25.66
C ALA B 117 18.05 -58.70 26.84
N ALA B 118 17.31 -57.62 26.63
CA ALA B 118 16.47 -57.03 27.66
C ALA B 118 15.38 -57.98 28.10
N ARG B 119 14.76 -58.67 27.13
CA ARG B 119 13.69 -59.61 27.46
C ARG B 119 14.27 -60.75 28.27
N ARG B 120 15.56 -61.01 28.09
CA ARG B 120 16.22 -62.09 28.82
C ARG B 120 16.59 -61.65 30.24
N ALA B 121 16.97 -60.38 30.40
CA ALA B 121 17.34 -59.82 31.70
C ALA B 121 16.08 -59.69 32.54
N ALA B 122 14.99 -59.40 31.87
CA ALA B 122 13.70 -59.25 32.52
C ALA B 122 13.27 -60.62 33.03
N ILE B 123 13.52 -61.65 32.23
CA ILE B 123 13.18 -63.01 32.64
C ILE B 123 14.07 -63.37 33.79
N ALA B 124 15.37 -63.13 33.65
CA ALA B 124 16.33 -63.42 34.71
C ALA B 124 15.90 -62.74 36.01
N ALA B 125 15.09 -61.70 35.90
CA ALA B 125 14.60 -60.98 37.07
C ALA B 125 13.27 -61.57 37.54
N GLY B 126 12.82 -62.61 36.84
CA GLY B 126 11.57 -63.27 37.17
C GLY B 126 10.35 -62.42 36.86
N VAL B 127 10.44 -61.66 35.78
CA VAL B 127 9.36 -60.78 35.37
C VAL B 127 8.65 -61.33 34.13
N PRO B 128 7.36 -61.65 34.27
CA PRO B 128 6.54 -62.17 33.17
C PRO B 128 6.80 -61.47 31.85
N THR B 129 6.84 -62.22 30.76
CA THR B 129 7.08 -61.65 29.44
C THR B 129 6.13 -62.16 28.37
N LEU B 130 6.27 -61.61 27.18
CA LEU B 130 5.43 -62.01 26.06
C LEU B 130 6.12 -63.10 25.25
N ALA B 131 5.35 -64.10 24.82
CA ALA B 131 5.91 -65.17 24.00
C ALA B 131 6.51 -64.46 22.77
N ALA B 132 7.60 -64.99 22.21
CA ALA B 132 8.20 -64.33 21.06
C ALA B 132 9.27 -65.12 20.32
N THR B 133 9.78 -64.53 19.24
CA THR B 133 10.81 -65.13 18.42
C THR B 133 12.11 -64.40 18.73
N ASP B 134 13.25 -65.08 18.59
CA ASP B 134 14.55 -64.46 18.88
C ASP B 134 15.37 -64.21 17.63
N GLY B 135 16.36 -63.32 17.76
CA GLY B 135 17.22 -62.99 16.64
C GLY B 135 16.46 -62.69 15.36
N PRO B 136 17.16 -62.49 14.22
CA PRO B 136 16.52 -62.19 12.93
C PRO B 136 15.64 -63.33 12.42
N SER B 137 14.34 -63.22 12.65
CA SER B 137 13.39 -64.25 12.23
C SER B 137 12.97 -64.10 10.77
N GLY B 138 12.98 -65.22 10.05
CA GLY B 138 12.58 -65.21 8.65
C GLY B 138 11.07 -65.21 8.50
N VAL B 139 10.62 -65.20 7.26
CA VAL B 139 9.20 -65.19 6.96
C VAL B 139 8.44 -66.29 7.70
N GLU B 140 8.65 -67.54 7.32
CA GLU B 140 7.97 -68.67 7.95
C GLU B 140 8.04 -68.70 9.49
N ASP B 141 9.21 -68.38 10.04
CA ASP B 141 9.38 -68.38 11.50
C ASP B 141 8.17 -67.80 12.20
N ILE B 142 7.77 -66.61 11.74
CA ILE B 142 6.65 -65.89 12.30
C ILE B 142 5.29 -66.51 11.97
N GLU B 143 5.23 -67.28 10.89
CA GLU B 143 3.98 -67.91 10.49
C GLU B 143 3.61 -69.04 11.44
N ALA B 144 4.57 -69.93 11.66
CA ALA B 144 4.37 -71.06 12.56
C ALA B 144 4.08 -70.45 13.93
N PHE B 145 4.61 -69.25 14.16
CA PHE B 145 4.43 -68.54 15.41
C PHE B 145 2.96 -68.22 15.68
N PHE B 146 2.24 -67.70 14.68
CA PHE B 146 0.83 -67.38 14.87
C PHE B 146 0.12 -68.61 15.44
N ALA B 147 0.57 -69.78 15.01
CA ALA B 147 0.01 -71.05 15.46
C ALA B 147 0.50 -71.36 16.87
N GLY B 152 -3.97 -63.14 18.24
CA GLY B 152 -3.20 -62.19 17.46
C GLY B 152 -1.69 -62.17 17.67
N ILE B 153 -0.97 -61.51 16.75
CA ILE B 153 0.48 -61.40 16.81
C ILE B 153 0.92 -59.96 16.56
N MET B 154 2.19 -59.67 16.81
CA MET B 154 2.75 -58.33 16.62
C MET B 154 4.16 -58.46 16.08
N ILE B 155 4.36 -58.02 14.84
CA ILE B 155 5.70 -58.07 14.26
C ILE B 155 6.46 -56.83 14.69
N LYS B 156 7.73 -56.98 15.06
CA LYS B 156 8.53 -55.83 15.52
C LYS B 156 9.91 -55.71 14.87
N GLY B 165 8.41 -49.05 13.74
CA GLY B 165 8.22 -49.88 12.55
C GLY B 165 7.38 -51.12 12.78
N MET B 166 6.71 -51.19 13.93
CA MET B 166 5.84 -52.33 14.28
C MET B 166 4.64 -52.48 13.35
N ARG B 167 4.25 -53.73 13.06
CA ARG B 167 3.12 -54.00 12.17
C ARG B 167 2.16 -55.06 12.75
N LYS B 168 1.40 -54.70 13.77
CA LYS B 168 0.46 -55.64 14.38
C LYS B 168 -0.36 -56.40 13.33
N VAL B 169 -0.33 -57.73 13.42
CA VAL B 169 -1.08 -58.58 12.48
C VAL B 169 -1.96 -59.60 13.22
N HIS B 170 -3.25 -59.58 12.91
CA HIS B 170 -4.18 -60.49 13.55
C HIS B 170 -4.60 -61.64 12.64
N LEU B 195 14.16 -58.07 12.05
CA LEU B 195 12.85 -58.72 12.05
C LEU B 195 12.59 -59.48 13.36
N PHE B 196 11.59 -59.03 14.11
CA PHE B 196 11.24 -59.63 15.40
C PHE B 196 9.81 -60.18 15.32
N ALA B 197 9.23 -60.56 16.46
CA ALA B 197 7.86 -61.08 16.46
C ALA B 197 7.37 -61.50 17.84
N GLU B 198 6.61 -60.63 18.51
CA GLU B 198 6.08 -60.94 19.83
C GLU B 198 4.61 -61.34 19.77
N ALA B 199 4.06 -61.78 20.89
CA ALA B 199 2.65 -62.15 20.93
C ALA B 199 1.89 -60.87 21.16
N LEU B 200 0.59 -60.87 20.92
CA LEU B 200 -0.22 -59.66 21.09
C LEU B 200 -1.04 -59.79 22.36
N LEU B 201 -1.06 -58.74 23.18
CA LEU B 201 -1.83 -58.74 24.43
C LEU B 201 -3.17 -58.06 24.19
N GLY B 202 -4.25 -58.79 24.42
CA GLY B 202 -5.60 -58.28 24.19
C GLY B 202 -5.97 -56.86 24.63
N ASP B 203 -6.81 -56.76 25.65
CA ASP B 203 -7.24 -55.48 26.17
C ASP B 203 -6.05 -54.96 26.96
N ALA B 204 -5.14 -54.26 26.27
CA ALA B 204 -3.94 -53.77 26.92
C ALA B 204 -3.94 -52.32 27.34
N ARG B 205 -3.35 -52.10 28.52
CA ARG B 205 -3.21 -50.81 29.15
C ARG B 205 -1.70 -50.66 29.31
N HIS B 206 -1.14 -49.56 28.82
CA HIS B 206 0.30 -49.34 28.93
C HIS B 206 0.66 -48.55 30.22
N ILE B 207 1.26 -49.24 31.18
CA ILE B 207 1.67 -48.64 32.45
C ILE B 207 3.19 -48.58 32.54
N GLU B 208 3.71 -47.47 33.06
CA GLU B 208 5.16 -47.28 33.23
C GLU B 208 5.52 -47.00 34.68
N VAL B 209 6.70 -47.45 35.10
CA VAL B 209 7.15 -47.15 36.45
C VAL B 209 8.46 -46.35 36.33
N GLN B 210 8.51 -45.18 36.96
CA GLN B 210 9.70 -44.34 36.90
C GLN B 210 10.65 -44.81 38.00
N VAL B 211 11.89 -45.06 37.62
CA VAL B 211 12.85 -45.53 38.61
C VAL B 211 14.05 -44.59 38.71
N VAL B 212 14.59 -44.49 39.92
CA VAL B 212 15.79 -43.71 40.17
C VAL B 212 16.73 -44.72 40.83
N ALA B 213 17.91 -44.90 40.28
CA ALA B 213 18.87 -45.87 40.82
C ALA B 213 20.28 -45.32 40.99
N ALA B 214 20.83 -45.46 42.20
CA ALA B 214 22.19 -45.00 42.47
C ALA B 214 22.90 -46.03 43.36
N PRO B 215 24.24 -46.01 43.36
CA PRO B 215 25.00 -46.96 44.17
C PRO B 215 24.99 -46.71 45.64
N ALA B 216 24.89 -47.78 46.41
CA ALA B 216 24.89 -47.73 47.87
C ALA B 216 25.91 -48.77 48.33
N GLY B 217 27.18 -48.34 48.33
CA GLY B 217 28.24 -49.25 48.70
C GLY B 217 28.66 -49.97 47.42
N HIS B 218 28.75 -51.29 47.50
CA HIS B 218 29.14 -52.10 46.34
C HIS B 218 27.96 -52.63 45.55
N GLN B 219 26.84 -51.91 45.59
CA GLN B 219 25.66 -52.36 44.88
C GLN B 219 24.73 -51.20 44.60
N THR B 220 23.94 -51.31 43.54
CA THR B 220 22.99 -50.26 43.20
C THR B 220 21.67 -50.55 43.89
N HIS B 221 20.98 -49.48 44.28
CA HIS B 221 19.69 -49.56 44.94
C HIS B 221 18.74 -48.89 43.97
N ALA B 222 17.59 -49.50 43.72
CA ALA B 222 16.65 -48.90 42.79
C ALA B 222 15.38 -48.54 43.54
N LEU B 223 14.81 -47.40 43.19
CA LEU B 223 13.59 -46.96 43.85
C LEU B 223 12.48 -46.67 42.82
N ALA B 224 11.26 -47.01 43.20
CA ALA B 224 10.09 -46.76 42.34
C ALA B 224 9.43 -45.50 42.88
N VAL B 225 9.68 -44.38 42.23
CA VAL B 225 9.14 -43.08 42.64
C VAL B 225 7.72 -42.79 42.15
N GLY B 226 7.26 -43.55 41.16
CA GLY B 226 5.92 -43.36 40.65
C GLY B 226 5.60 -44.10 39.36
N ASP B 227 4.31 -44.16 39.01
CA ASP B 227 3.85 -44.82 37.78
C ASP B 227 2.98 -43.89 36.92
N ARG B 228 2.94 -44.18 35.62
CA ARG B 228 2.20 -43.40 34.63
C ARG B 228 1.30 -44.29 33.80
N ASP B 229 0.30 -43.68 33.15
CA ASP B 229 -0.64 -44.39 32.28
C ASP B 229 -0.41 -43.77 30.90
N CYS B 230 0.22 -44.49 29.99
CA CYS B 230 0.50 -43.97 28.66
C CYS B 230 -0.19 -44.70 27.52
N SER B 231 -1.43 -45.11 27.76
CA SER B 231 -2.23 -45.84 26.77
C SER B 231 -2.66 -44.93 25.60
N MET B 232 -3.22 -43.78 25.92
CA MET B 232 -3.67 -42.86 24.87
C MET B 232 -2.59 -42.48 23.88
N GLN B 233 -2.54 -43.23 22.79
CA GLN B 233 -1.55 -43.01 21.75
C GLN B 233 -2.14 -43.26 20.36
N ARG B 234 -1.60 -42.54 19.38
CA ARG B 234 -2.01 -42.66 17.99
C ARG B 234 -0.87 -43.38 17.28
N ARG B 235 -1.17 -44.38 16.47
CA ARG B 235 -0.15 -45.15 15.78
C ARG B 235 1.12 -45.19 16.65
N TYR B 236 0.93 -45.47 17.93
CA TYR B 236 1.99 -45.60 18.93
C TYR B 236 2.74 -44.35 19.40
N GLN B 237 2.17 -43.17 19.18
CA GLN B 237 2.79 -41.93 19.62
C GLN B 237 1.93 -41.49 20.79
N LYS B 238 2.54 -41.31 21.96
CA LYS B 238 1.79 -40.91 23.14
C LYS B 238 1.26 -39.47 23.05
N LEU B 239 0.04 -39.27 23.52
CA LEU B 239 -0.60 -37.96 23.47
C LEU B 239 -1.05 -37.46 24.83
N ILE B 240 -1.54 -38.37 25.65
CA ILE B 240 -2.02 -38.01 26.97
C ILE B 240 -1.53 -38.99 28.03
N GLU B 241 -0.67 -38.50 28.93
CA GLU B 241 -0.12 -39.31 30.01
C GLU B 241 -0.89 -38.99 31.29
N ILE B 242 -1.09 -39.98 32.14
CA ILE B 242 -1.84 -39.76 33.39
C ILE B 242 -1.08 -40.31 34.59
N ALA B 243 -0.97 -39.52 35.66
CA ALA B 243 -0.26 -39.96 36.87
C ALA B 243 -0.95 -39.53 38.12
N PRO B 244 -1.18 -40.46 39.07
CA PRO B 244 -0.81 -41.88 38.96
C PRO B 244 -1.79 -42.61 38.07
N ALA B 245 -1.37 -43.76 37.54
CA ALA B 245 -2.25 -44.53 36.68
C ALA B 245 -3.53 -44.80 37.46
N GLN B 246 -4.65 -44.42 36.87
CA GLN B 246 -5.95 -44.57 37.51
C GLN B 246 -6.48 -45.99 37.54
N GLY B 247 -7.14 -46.33 38.64
CA GLY B 247 -7.74 -47.66 38.79
C GLY B 247 -6.83 -48.88 38.78
N LEU B 248 -5.88 -48.94 39.69
CA LEU B 248 -4.98 -50.07 39.79
C LEU B 248 -5.11 -50.63 41.20
N SER B 249 -5.23 -51.94 41.32
CA SER B 249 -5.35 -52.57 42.62
C SER B 249 -4.06 -52.42 43.44
N GLU B 250 -4.20 -52.34 44.77
CA GLU B 250 -3.02 -52.21 45.61
C GLU B 250 -2.09 -53.35 45.28
N GLU B 251 -2.69 -54.51 44.99
CA GLU B 251 -1.95 -55.71 44.65
C GLU B 251 -1.10 -55.53 43.41
N LEU B 252 -1.72 -55.10 42.32
CA LEU B 252 -1.02 -54.90 41.06
C LEU B 252 -0.03 -53.74 41.08
N ARG B 253 -0.35 -52.67 41.80
CA ARG B 253 0.58 -51.55 41.86
C ARG B 253 1.90 -52.01 42.46
N ARG B 254 1.81 -52.70 43.60
CA ARG B 254 2.99 -53.22 44.29
C ARG B 254 3.78 -54.21 43.44
N ALA B 255 3.09 -55.00 42.62
CA ALA B 255 3.74 -55.99 41.76
C ALA B 255 4.55 -55.34 40.66
N LEU B 256 4.03 -54.25 40.09
CA LEU B 256 4.71 -53.53 39.01
C LEU B 256 5.88 -52.72 39.55
N HIS B 257 5.71 -52.14 40.73
CA HIS B 257 6.79 -51.38 41.34
C HIS B 257 7.91 -52.36 41.68
N GLN B 258 7.54 -53.49 42.25
CA GLN B 258 8.49 -54.52 42.62
C GLN B 258 9.22 -55.10 41.42
N ALA B 259 8.52 -55.28 40.31
CA ALA B 259 9.14 -55.82 39.11
C ALA B 259 10.20 -54.85 38.59
N ALA B 260 9.88 -53.57 38.57
CA ALA B 260 10.77 -52.52 38.09
C ALA B 260 12.06 -52.44 38.91
N VAL B 261 11.94 -52.12 40.19
CA VAL B 261 13.11 -52.00 41.05
C VAL B 261 14.00 -53.23 40.95
N ARG B 262 13.40 -54.41 41.11
CA ARG B 262 14.15 -55.66 41.02
C ARG B 262 14.94 -55.73 39.71
N LEU B 263 14.27 -55.52 38.59
CA LEU B 263 14.91 -55.57 37.29
C LEU B 263 16.06 -54.59 37.15
N CYS B 264 15.86 -53.34 37.58
CA CYS B 264 16.89 -52.29 37.45
C CYS B 264 18.12 -52.48 38.30
N ALA B 265 17.96 -53.03 39.50
CA ALA B 265 19.12 -53.28 40.35
C ALA B 265 19.96 -54.34 39.65
N ARG B 266 19.35 -55.48 39.33
CA ARG B 266 20.08 -56.55 38.65
C ARG B 266 20.96 -56.04 37.52
N VAL B 267 20.39 -55.42 36.51
CA VAL B 267 21.23 -54.94 35.40
C VAL B 267 22.26 -53.86 35.81
N GLY B 268 22.35 -53.55 37.10
CA GLY B 268 23.29 -52.55 37.55
C GLY B 268 23.09 -51.18 36.93
N LEU B 269 21.89 -50.65 37.05
CA LEU B 269 21.57 -49.35 36.46
C LEU B 269 21.96 -48.18 37.34
N ARG B 270 22.38 -47.09 36.73
CA ARG B 270 22.72 -45.89 37.50
C ARG B 270 22.05 -44.71 36.84
N GLY B 271 21.06 -44.14 37.52
CA GLY B 271 20.37 -42.99 36.98
C GLY B 271 18.87 -43.22 36.87
N LEU B 272 18.25 -42.57 35.90
CA LEU B 272 16.81 -42.72 35.68
C LEU B 272 16.53 -43.84 34.70
N ALA B 273 15.37 -44.45 34.87
CA ALA B 273 14.95 -45.52 34.00
C ALA B 273 13.46 -45.73 34.18
N THR B 274 12.80 -46.00 33.06
CA THR B 274 11.38 -46.24 33.03
C THR B 274 11.13 -47.66 32.57
N VAL B 275 10.46 -48.46 33.40
CA VAL B 275 10.14 -49.83 33.02
C VAL B 275 8.69 -49.82 32.51
N GLU B 276 8.51 -50.24 31.27
CA GLU B 276 7.21 -50.30 30.61
C GLU B 276 6.58 -51.68 30.67
N PHE B 277 5.35 -51.73 31.18
CA PHE B 277 4.59 -52.96 31.32
C PHE B 277 3.32 -52.86 30.50
N LEU B 278 2.64 -53.98 30.29
CA LEU B 278 1.37 -54.00 29.59
C LEU B 278 0.34 -54.70 30.47
N VAL B 279 -0.40 -53.93 31.26
CA VAL B 279 -1.41 -54.48 32.13
C VAL B 279 -2.65 -54.88 31.35
N SER B 280 -3.41 -55.81 31.91
CA SER B 280 -4.66 -56.27 31.31
C SER B 280 -5.43 -56.94 32.42
N GLY B 281 -6.15 -56.13 33.19
CA GLY B 281 -6.89 -56.66 34.32
C GLY B 281 -5.93 -56.76 35.47
N GLU B 282 -5.52 -57.98 35.78
CA GLU B 282 -4.58 -58.23 36.87
C GLU B 282 -3.32 -58.87 36.33
N ARG B 283 -3.38 -59.24 35.06
CA ARG B 283 -2.26 -59.89 34.40
C ARG B 283 -1.44 -58.80 33.72
N PHE B 284 -0.11 -58.91 33.77
CA PHE B 284 0.78 -57.92 33.14
C PHE B 284 2.02 -58.54 32.56
N VAL B 285 2.74 -57.79 31.74
CA VAL B 285 3.97 -58.30 31.16
C VAL B 285 4.99 -57.18 30.94
N PHE B 286 6.26 -57.52 31.10
CA PHE B 286 7.33 -56.57 30.89
C PHE B 286 7.36 -56.26 29.40
N LEU B 287 7.43 -54.98 29.08
CA LEU B 287 7.44 -54.53 27.70
C LEU B 287 8.77 -53.94 27.24
N GLU B 288 9.40 -53.12 28.09
CA GLU B 288 10.68 -52.52 27.72
C GLU B 288 11.22 -51.64 28.85
N VAL B 289 12.51 -51.35 28.79
CA VAL B 289 13.16 -50.49 29.78
C VAL B 289 13.83 -49.32 29.07
N ASN B 290 13.56 -48.10 29.52
CA ASN B 290 14.18 -46.92 28.93
C ASN B 290 15.17 -46.32 29.93
N PRO B 291 16.48 -46.50 29.68
CA PRO B 291 17.56 -46.00 30.55
C PRO B 291 17.90 -44.53 30.23
N ARG B 292 16.86 -43.69 30.19
CA ARG B 292 17.00 -42.28 29.86
C ARG B 292 15.85 -41.49 30.46
N ILE B 293 15.94 -40.17 30.35
CA ILE B 293 14.89 -39.28 30.82
C ILE B 293 13.81 -39.44 29.76
N GLN B 294 12.54 -39.39 30.15
CA GLN B 294 11.46 -39.54 29.17
C GLN B 294 10.61 -38.28 29.07
N VAL B 295 9.95 -38.10 27.94
CA VAL B 295 9.11 -36.93 27.72
C VAL B 295 8.05 -36.73 28.80
N GLU B 296 7.49 -37.84 29.30
CA GLU B 296 6.47 -37.75 30.34
C GLU B 296 7.00 -37.85 31.77
N HIS B 297 8.24 -37.42 31.98
CA HIS B 297 8.80 -37.48 33.33
C HIS B 297 8.12 -36.42 34.17
N THR B 298 7.60 -35.41 33.47
CA THR B 298 6.93 -34.28 34.09
C THR B 298 5.71 -34.56 34.96
N VAL B 299 4.90 -35.56 34.60
CA VAL B 299 3.75 -35.83 35.45
C VAL B 299 4.22 -36.46 36.76
N THR B 300 5.34 -37.18 36.73
CA THR B 300 5.85 -37.80 37.93
C THR B 300 6.41 -36.70 38.82
N GLU B 301 6.98 -35.67 38.21
CA GLU B 301 7.50 -34.56 38.98
C GLU B 301 6.36 -33.85 39.71
N GLN B 302 5.31 -33.51 38.95
CA GLN B 302 4.13 -32.81 39.49
C GLN B 302 3.30 -33.54 40.51
N THR B 303 3.71 -34.74 40.91
CA THR B 303 2.97 -35.54 41.89
C THR B 303 3.84 -36.04 43.05
N THR B 304 5.15 -35.94 42.89
CA THR B 304 6.08 -36.39 43.92
C THR B 304 6.87 -35.20 44.42
N GLY B 305 7.04 -34.21 43.57
CA GLY B 305 7.78 -33.04 43.97
C GLY B 305 9.26 -33.16 43.63
N LEU B 306 9.60 -34.24 42.94
CA LEU B 306 10.98 -34.48 42.56
C LEU B 306 11.39 -33.69 41.32
N ASP B 307 12.67 -33.34 41.25
CA ASP B 307 13.21 -32.68 40.08
C ASP B 307 14.02 -33.85 39.52
N LEU B 308 13.42 -34.63 38.63
CA LEU B 308 14.12 -35.79 38.09
C LEU B 308 15.41 -35.45 37.35
N VAL B 309 15.47 -34.29 36.72
CA VAL B 309 16.69 -33.92 36.02
C VAL B 309 17.81 -33.63 37.03
N ALA B 310 17.46 -32.99 38.14
CA ALA B 310 18.46 -32.68 39.16
C ALA B 310 19.00 -33.95 39.83
N VAL B 311 18.18 -35.00 39.91
CA VAL B 311 18.60 -36.27 40.52
C VAL B 311 19.53 -36.98 39.57
N GLN B 312 19.19 -36.93 38.28
CA GLN B 312 20.01 -37.55 37.25
C GLN B 312 21.43 -37.06 37.41
N LEU B 313 21.58 -35.74 37.38
CA LEU B 313 22.86 -35.06 37.51
C LEU B 313 23.59 -35.46 38.79
N ALA B 314 22.93 -35.28 39.93
CA ALA B 314 23.50 -35.64 41.21
C ALA B 314 24.12 -37.04 41.18
N ILE B 315 23.36 -38.00 40.63
CA ILE B 315 23.83 -39.37 40.53
C ILE B 315 25.02 -39.48 39.59
N ALA B 316 24.97 -38.76 38.48
CA ALA B 316 26.03 -38.74 37.47
C ALA B 316 27.27 -38.06 38.05
N GLY B 317 27.04 -37.17 39.00
CA GLY B 317 28.13 -36.47 39.63
C GLY B 317 28.81 -37.35 40.66
N GLY B 318 28.21 -38.50 40.96
CA GLY B 318 28.80 -39.41 41.93
C GLY B 318 28.10 -39.55 43.26
N GLU B 319 26.93 -38.94 43.42
CA GLU B 319 26.20 -39.04 44.66
C GLU B 319 25.71 -40.47 44.91
N SER B 320 25.58 -40.85 46.17
CA SER B 320 25.11 -42.20 46.48
C SER B 320 23.62 -42.18 46.69
N TYR B 321 23.03 -43.37 46.63
CA TYR B 321 21.59 -43.53 46.80
C TYR B 321 21.05 -42.86 48.04
N TYR B 322 21.67 -43.15 49.18
CA TYR B 322 21.21 -42.59 50.44
C TYR B 322 21.43 -41.10 50.61
N ARG B 323 22.34 -40.55 49.82
CA ARG B 323 22.62 -39.11 49.90
C ARG B 323 21.67 -38.29 49.04
N LEU B 324 21.00 -38.93 48.09
CA LEU B 324 20.06 -38.22 47.23
C LEU B 324 18.84 -37.79 48.05
N GLY B 325 18.62 -38.48 49.16
CA GLY B 325 17.49 -38.19 50.03
C GLY B 325 16.14 -38.21 49.36
N LEU B 326 15.86 -39.24 48.57
CA LEU B 326 14.57 -39.29 47.88
C LEU B 326 13.49 -39.71 48.87
N PRO B 327 12.22 -39.55 48.48
CA PRO B 327 11.12 -39.94 49.37
C PRO B 327 10.95 -41.45 49.40
N ALA B 328 10.09 -41.96 50.30
CA ALA B 328 9.88 -43.39 50.39
C ALA B 328 9.37 -43.99 49.08
N GLY B 329 9.18 -45.30 49.10
CA GLY B 329 8.72 -46.00 47.92
C GLY B 329 9.24 -47.42 47.95
N ILE B 330 8.83 -48.25 46.99
CA ILE B 330 9.31 -49.62 46.96
C ILE B 330 10.69 -49.59 46.32
N ALA B 331 11.69 -50.12 47.01
CA ALA B 331 13.05 -50.15 46.50
C ALA B 331 13.63 -51.55 46.61
N SER B 332 14.57 -51.87 45.72
CA SER B 332 15.21 -53.17 45.75
C SER B 332 16.69 -52.99 46.03
N ASP B 333 17.09 -53.41 47.22
CA ASP B 333 18.47 -53.32 47.67
C ASP B 333 19.33 -54.37 46.99
N GLY B 334 19.20 -54.45 45.66
CA GLY B 334 19.96 -55.41 44.90
C GLY B 334 19.58 -56.87 45.07
N THR B 335 18.95 -57.25 46.18
CA THR B 335 18.57 -58.66 46.39
C THR B 335 17.11 -58.87 46.81
N GLU B 336 16.69 -58.17 47.87
CA GLU B 336 15.33 -58.26 48.36
C GLU B 336 14.61 -56.94 48.10
N VAL B 337 13.28 -56.94 48.19
CA VAL B 337 12.49 -55.74 47.98
C VAL B 337 11.84 -55.31 49.27
N ILE B 338 11.86 -54.02 49.53
CA ILE B 338 11.28 -53.48 50.75
C ILE B 338 10.63 -52.13 50.53
N GLY B 339 9.65 -51.82 51.37
CA GLY B 339 8.96 -50.56 51.28
C GLY B 339 7.52 -50.64 50.82
N GLU B 340 6.77 -49.58 51.09
CA GLU B 340 5.38 -49.49 50.69
C GLU B 340 5.38 -48.60 49.47
N PRO B 341 4.46 -48.82 48.52
CA PRO B 341 4.44 -47.99 47.33
C PRO B 341 4.64 -46.50 47.62
N ALA B 342 5.37 -45.83 46.73
CA ALA B 342 5.65 -44.39 46.86
C ALA B 342 4.37 -43.64 47.10
N ALA B 343 4.46 -42.35 47.38
CA ALA B 343 3.28 -41.54 47.61
C ALA B 343 3.08 -40.53 46.48
N GLN B 344 2.04 -40.70 45.68
CA GLN B 344 1.76 -39.77 44.60
C GLN B 344 0.56 -38.89 44.94
N ARG B 345 0.84 -37.60 45.17
CA ARG B 345 -0.19 -36.62 45.53
C ARG B 345 -0.95 -36.13 44.31
N GLY B 346 -2.25 -35.94 44.47
CA GLY B 346 -3.07 -35.45 43.38
C GLY B 346 -3.08 -36.29 42.12
N ILE B 347 -3.50 -35.66 41.04
CA ILE B 347 -3.55 -36.31 39.73
C ILE B 347 -2.93 -35.33 38.77
N ALA B 348 -2.16 -35.85 37.83
CA ALA B 348 -1.53 -35.00 36.85
C ALA B 348 -1.80 -35.61 35.48
N ILE B 349 -2.01 -34.72 34.53
CA ILE B 349 -2.26 -35.09 33.16
C ILE B 349 -1.34 -34.23 32.33
N GLN B 350 -0.59 -34.87 31.44
CA GLN B 350 0.30 -34.15 30.56
C GLN B 350 -0.26 -34.33 29.18
N LEU B 351 -0.41 -33.24 28.45
CA LEU B 351 -0.95 -33.29 27.11
C LEU B 351 0.11 -32.84 26.14
N ARG B 352 0.34 -33.60 25.07
CA ARG B 352 1.34 -33.23 24.09
C ARG B 352 0.77 -32.44 22.92
N VAL B 353 1.07 -31.14 22.91
CA VAL B 353 0.62 -30.24 21.85
C VAL B 353 1.70 -30.26 20.77
N ASN B 354 1.33 -30.77 19.59
CA ASN B 354 2.25 -30.89 18.46
C ASN B 354 1.89 -29.97 17.29
N ALA B 355 2.91 -29.50 16.59
CA ALA B 355 2.70 -28.66 15.43
C ALA B 355 2.46 -29.65 14.27
N GLU B 356 1.21 -30.11 14.18
CA GLU B 356 0.83 -31.06 13.14
C GLU B 356 -0.63 -30.82 12.80
N THR B 357 -0.99 -31.18 11.56
CA THR B 357 -2.35 -31.00 11.05
C THR B 357 -2.86 -32.29 10.42
N PHE B 358 -4.16 -32.35 10.13
CA PHE B 358 -4.75 -33.53 9.51
C PHE B 358 -4.69 -33.46 7.99
N GLY B 359 -4.67 -34.61 7.35
CA GLY B 359 -4.61 -34.64 5.90
C GLY B 359 -5.73 -35.49 5.31
N ALA B 360 -5.48 -35.98 4.10
CA ALA B 360 -6.42 -36.81 3.34
C ALA B 360 -7.38 -37.65 4.17
N ASP B 361 -7.07 -38.94 4.33
CA ASP B 361 -7.94 -39.81 5.09
C ASP B 361 -7.52 -39.83 6.55
N PHE B 362 -7.76 -38.72 7.22
CA PHE B 362 -7.41 -38.57 8.63
C PHE B 362 -5.94 -38.82 8.87
N SER B 363 -5.14 -38.73 7.80
CA SER B 363 -3.70 -38.91 7.89
C SER B 363 -3.18 -37.80 8.78
N VAL B 364 -1.92 -37.88 9.19
CA VAL B 364 -1.34 -36.83 10.03
C VAL B 364 -0.10 -36.22 9.40
N LEU B 365 -0.14 -34.92 9.19
CA LEU B 365 0.97 -34.19 8.59
C LEU B 365 1.63 -33.20 9.54
N PRO B 366 2.94 -32.98 9.38
CA PRO B 366 3.69 -32.06 10.23
C PRO B 366 3.45 -30.60 9.81
N SER B 367 3.14 -29.75 10.78
CA SER B 367 2.90 -28.35 10.51
C SER B 367 4.22 -27.56 10.48
N ALA B 368 4.18 -26.38 9.89
CA ALA B 368 5.34 -25.52 9.80
C ALA B 368 4.85 -24.07 9.82
N GLY B 369 5.75 -23.13 10.06
CA GLY B 369 5.33 -21.75 10.09
C GLY B 369 5.92 -20.94 11.22
N THR B 370 5.46 -19.70 11.35
CA THR B 370 5.95 -18.82 12.38
C THR B 370 4.88 -18.45 13.39
N LEU B 371 5.13 -18.79 14.64
CA LEU B 371 4.20 -18.51 15.73
C LEU B 371 4.08 -17.00 15.87
N THR B 372 3.02 -16.45 15.30
CA THR B 372 2.77 -15.03 15.37
C THR B 372 2.13 -14.74 16.73
N ALA B 373 1.44 -15.73 17.28
CA ALA B 373 0.81 -15.62 18.58
C ALA B 373 1.07 -16.92 19.31
N PHE B 374 1.62 -16.81 20.51
CA PHE B 374 1.93 -17.99 21.32
C PHE B 374 1.71 -17.56 22.77
N CYS B 375 0.88 -18.30 23.49
CA CYS B 375 0.61 -17.96 24.87
C CYS B 375 0.15 -19.17 25.66
N PRO B 376 1.11 -19.89 26.26
CA PRO B 376 0.88 -21.09 27.07
C PRO B 376 -0.11 -20.87 28.21
N PRO B 377 -1.00 -21.85 28.44
CA PRO B 377 -1.96 -21.68 29.53
C PRO B 377 -1.15 -21.57 30.81
N SER B 378 -1.60 -20.76 31.76
CA SER B 378 -0.89 -20.61 33.02
C SER B 378 -1.84 -20.69 34.19
N GLY B 379 -1.39 -20.22 35.35
CA GLY B 379 -2.21 -20.24 36.55
C GLY B 379 -1.71 -21.32 37.48
N PRO B 380 -2.31 -21.52 38.67
CA PRO B 380 -1.78 -22.57 39.55
C PRO B 380 -2.16 -23.96 39.04
N GLY B 381 -1.32 -24.94 39.35
CA GLY B 381 -1.57 -26.31 38.94
C GLY B 381 -1.34 -26.52 37.47
N VAL B 382 -0.84 -25.48 36.81
CA VAL B 382 -0.57 -25.54 35.37
C VAL B 382 0.90 -25.31 35.10
N ARG B 383 1.52 -26.22 34.37
CA ARG B 383 2.93 -26.11 34.04
C ARG B 383 3.11 -26.31 32.54
N VAL B 384 4.03 -25.57 31.95
CA VAL B 384 4.27 -25.74 30.52
C VAL B 384 5.75 -25.82 30.15
N ASP B 385 6.14 -26.99 29.65
CA ASP B 385 7.51 -27.22 29.20
C ASP B 385 7.41 -27.13 27.69
N THR B 386 7.82 -25.99 27.15
CA THR B 386 7.76 -25.73 25.71
C THR B 386 8.98 -24.95 25.28
N TYR B 387 9.34 -25.09 24.00
CA TYR B 387 10.47 -24.34 23.48
C TYR B 387 9.93 -23.28 22.55
N GLY B 388 8.63 -23.07 22.58
CA GLY B 388 8.02 -22.08 21.71
C GLY B 388 7.90 -20.71 22.33
N ARG B 389 7.97 -19.70 21.48
CA ARG B 389 7.84 -18.32 21.90
C ARG B 389 7.45 -17.55 20.66
N PRO B 390 6.79 -16.39 20.84
CA PRO B 390 6.39 -15.58 19.68
C PRO B 390 7.60 -15.28 18.79
N GLY B 391 7.45 -15.55 17.50
CA GLY B 391 8.53 -15.30 16.58
C GLY B 391 9.23 -16.57 16.18
N LEU B 392 9.24 -17.56 17.08
CA LEU B 392 9.90 -18.83 16.79
C LEU B 392 9.28 -19.46 15.56
N VAL B 393 10.11 -19.90 14.63
CA VAL B 393 9.60 -20.53 13.44
C VAL B 393 9.76 -22.06 13.49
N VAL B 394 8.64 -22.74 13.65
CA VAL B 394 8.59 -24.20 13.72
C VAL B 394 9.04 -24.82 12.40
N SER B 395 10.02 -25.70 12.49
CA SER B 395 10.54 -26.37 11.29
C SER B 395 9.92 -27.74 11.14
N PRO B 396 9.56 -28.09 9.92
CA PRO B 396 8.95 -29.41 9.71
C PRO B 396 9.97 -30.51 9.92
N GLN B 397 11.25 -30.14 9.84
CA GLN B 397 12.36 -31.08 9.96
C GLN B 397 12.62 -31.77 11.28
N TYR B 398 12.23 -31.15 12.39
CA TYR B 398 12.43 -31.79 13.68
C TYR B 398 11.08 -32.19 14.26
N ASP B 399 11.11 -33.09 15.23
CA ASP B 399 9.91 -33.58 15.90
C ASP B 399 8.85 -32.49 16.04
N SER B 400 7.58 -32.89 15.95
CA SER B 400 6.47 -31.93 16.02
C SER B 400 6.03 -31.45 17.39
N LEU B 401 6.53 -32.06 18.45
CA LEU B 401 6.13 -31.63 19.78
C LEU B 401 6.36 -30.12 19.88
N LEU B 402 5.33 -29.37 20.24
CA LEU B 402 5.47 -27.93 20.37
C LEU B 402 5.53 -27.55 21.83
N ALA B 403 4.58 -28.07 22.60
CA ALA B 403 4.56 -27.79 24.03
C ALA B 403 3.99 -28.97 24.79
N LYS B 404 4.29 -29.03 26.09
CA LYS B 404 3.77 -30.09 26.94
C LYS B 404 3.00 -29.38 28.04
N VAL B 405 1.69 -29.56 28.07
CA VAL B 405 0.87 -28.90 29.08
C VAL B 405 0.61 -29.90 30.19
N ILE B 406 0.97 -29.52 31.41
CA ILE B 406 0.80 -30.41 32.55
C ILE B 406 -0.08 -29.81 33.64
N VAL B 407 -1.26 -30.37 33.84
CA VAL B 407 -2.16 -29.86 34.87
C VAL B 407 -2.23 -30.84 36.01
N ALA B 408 -2.25 -30.30 37.21
CA ALA B 408 -2.30 -31.12 38.39
C ALA B 408 -3.47 -30.65 39.24
N VAL B 409 -4.00 -31.56 40.04
CA VAL B 409 -5.16 -31.28 40.87
C VAL B 409 -4.93 -31.96 42.24
N HIS B 410 -5.31 -31.30 43.33
CA HIS B 410 -5.14 -31.90 44.65
C HIS B 410 -6.13 -33.05 44.83
N GLY B 411 -5.81 -33.98 45.73
CA GLY B 411 -6.71 -35.09 45.97
C GLY B 411 -6.82 -36.05 44.80
N SER B 412 -8.04 -36.49 44.48
CA SER B 412 -8.18 -37.43 43.41
C SER B 412 -9.48 -37.46 42.63
N SER B 413 -9.97 -36.28 42.22
CA SER B 413 -11.18 -36.24 41.41
C SER B 413 -10.72 -36.21 39.97
N TRP B 414 -10.80 -37.36 39.31
CA TRP B 414 -10.40 -37.49 37.92
C TRP B 414 -11.22 -36.52 37.08
N ARG B 415 -12.48 -36.37 37.48
CA ARG B 415 -13.45 -35.49 36.84
C ARG B 415 -12.84 -34.10 36.83
N ALA B 416 -12.33 -33.67 37.98
CA ALA B 416 -11.69 -32.37 38.13
C ALA B 416 -10.43 -32.23 37.27
N ALA B 417 -9.69 -33.31 37.11
CA ALA B 417 -8.46 -33.29 36.33
C ALA B 417 -8.71 -33.09 34.85
N MET B 418 -9.65 -33.84 34.29
CA MET B 418 -9.96 -33.69 32.86
C MET B 418 -10.49 -32.29 32.58
N ARG B 419 -11.29 -31.76 33.50
CA ARG B 419 -11.85 -30.41 33.39
C ARG B 419 -10.73 -29.40 33.30
N LYS B 420 -9.81 -29.49 34.26
CA LYS B 420 -8.65 -28.60 34.34
C LYS B 420 -7.85 -28.68 33.08
N ALA B 421 -7.70 -29.91 32.58
CA ALA B 421 -6.96 -30.17 31.34
C ALA B 421 -7.61 -29.49 30.15
N ASP B 422 -8.93 -29.62 30.01
CA ASP B 422 -9.63 -29.01 28.88
C ASP B 422 -9.54 -27.50 28.92
N THR B 423 -9.75 -26.94 30.10
CA THR B 423 -9.67 -25.50 30.29
C THR B 423 -8.26 -25.04 29.91
N ALA B 424 -7.25 -25.76 30.38
CA ALA B 424 -5.87 -25.43 30.06
C ALA B 424 -5.72 -25.37 28.54
N LEU B 425 -6.10 -26.44 27.87
CA LEU B 425 -5.99 -26.48 26.41
C LEU B 425 -6.74 -25.37 25.66
N SER B 426 -7.85 -24.90 26.24
CA SER B 426 -8.64 -23.85 25.59
C SER B 426 -7.97 -22.51 25.72
N GLU B 427 -7.40 -22.23 26.89
CA GLU B 427 -6.71 -20.97 27.14
C GLU B 427 -5.34 -20.89 26.45
N PHE B 428 -4.94 -21.95 25.76
CA PHE B 428 -3.66 -21.98 25.06
C PHE B 428 -3.83 -21.30 23.70
N GLY B 429 -3.25 -20.13 23.51
CA GLY B 429 -3.38 -19.45 22.24
C GLY B 429 -2.19 -19.68 21.33
N VAL B 430 -2.44 -20.22 20.14
CA VAL B 430 -1.38 -20.46 19.18
C VAL B 430 -1.84 -20.00 17.82
N GLU B 431 -1.01 -19.18 17.17
CA GLU B 431 -1.37 -18.64 15.88
C GLU B 431 -0.15 -18.65 14.96
N GLY B 432 -0.32 -19.22 13.77
CA GLY B 432 0.77 -19.29 12.81
C GLY B 432 1.10 -20.71 12.38
N VAL B 433 0.99 -21.62 13.34
CA VAL B 433 1.26 -23.04 13.09
C VAL B 433 0.02 -23.85 13.46
N ALA B 434 -0.30 -24.84 12.65
CA ALA B 434 -1.44 -25.71 12.91
C ALA B 434 -1.05 -26.61 14.08
N THR B 435 -1.99 -26.91 14.97
CA THR B 435 -1.67 -27.80 16.09
C THR B 435 -2.71 -28.89 16.21
N ASN B 436 -2.64 -29.65 17.29
CA ASN B 436 -3.57 -30.73 17.51
C ASN B 436 -4.33 -30.45 18.79
N ILE B 437 -4.38 -29.18 19.17
CA ILE B 437 -5.08 -28.79 20.39
C ILE B 437 -6.56 -29.11 20.27
N GLY B 438 -7.06 -29.09 19.03
CA GLY B 438 -8.46 -29.39 18.78
C GLY B 438 -8.72 -30.86 18.98
N PHE B 439 -7.84 -31.70 18.44
CA PHE B 439 -7.95 -33.15 18.54
C PHE B 439 -7.93 -33.62 20.01
N LEU B 440 -6.94 -33.11 20.76
CA LEU B 440 -6.77 -33.45 22.17
C LEU B 440 -8.00 -33.04 22.95
N ARG B 441 -8.52 -31.87 22.61
CA ARG B 441 -9.68 -31.30 23.26
C ARG B 441 -10.90 -32.19 23.04
N ARG B 442 -11.02 -32.64 21.79
CA ARG B 442 -12.10 -33.51 21.34
C ARG B 442 -11.93 -34.85 22.07
N LEU B 443 -10.68 -35.27 22.23
CA LEU B 443 -10.35 -36.52 22.89
C LEU B 443 -10.63 -36.59 24.40
N LEU B 444 -10.54 -35.46 25.10
CA LEU B 444 -10.79 -35.43 26.53
C LEU B 444 -12.28 -35.54 26.80
N ALA B 445 -13.06 -35.08 25.83
CA ALA B 445 -14.52 -35.07 25.94
C ALA B 445 -15.16 -36.45 25.84
N GLU B 446 -14.42 -37.45 25.34
CA GLU B 446 -14.94 -38.81 25.20
C GLU B 446 -15.45 -39.37 26.54
N GLN B 447 -16.42 -40.28 26.46
CA GLN B 447 -17.00 -40.84 27.67
C GLN B 447 -16.27 -42.04 28.25
N ARG B 448 -15.91 -43.04 27.44
CA ARG B 448 -15.21 -44.20 28.00
C ARG B 448 -14.12 -43.67 28.93
N LEU B 449 -13.47 -42.60 28.51
CA LEU B 449 -12.39 -41.97 29.24
C LEU B 449 -12.77 -41.35 30.59
N GLU B 450 -14.06 -41.30 30.91
CA GLU B 450 -14.50 -40.73 32.18
C GLU B 450 -14.33 -41.77 33.28
N THR B 451 -14.01 -42.99 32.88
CA THR B 451 -13.83 -44.08 33.83
C THR B 451 -12.48 -43.98 34.51
N GLY B 452 -11.57 -43.19 33.93
CA GLY B 452 -10.26 -43.03 34.51
C GLY B 452 -9.15 -43.46 33.57
N TRP B 453 -9.53 -44.20 32.53
CA TRP B 453 -8.56 -44.70 31.57
C TRP B 453 -9.19 -45.36 30.36
N VAL B 454 -8.36 -45.56 29.33
CA VAL B 454 -8.79 -46.23 28.11
C VAL B 454 -7.64 -47.16 27.78
N ASN B 455 -7.81 -48.03 26.79
CA ASN B 455 -6.70 -48.93 26.45
C ASN B 455 -5.97 -48.49 25.20
N THR B 456 -4.93 -49.24 24.85
CA THR B 456 -4.08 -48.93 23.71
C THR B 456 -4.74 -48.73 22.37
N ASP B 457 -5.92 -49.33 22.17
CA ASP B 457 -6.61 -49.19 20.89
C ASP B 457 -7.62 -48.04 20.79
N PHE B 458 -8.17 -47.62 21.92
CA PHE B 458 -9.15 -46.55 21.97
C PHE B 458 -8.93 -45.41 20.99
N VAL B 459 -7.87 -44.65 21.19
CA VAL B 459 -7.58 -43.51 20.32
C VAL B 459 -7.45 -43.85 18.85
N ASP B 460 -7.28 -45.11 18.50
CA ASP B 460 -7.15 -45.46 17.09
C ASP B 460 -8.49 -45.81 16.45
N GLU B 461 -9.39 -46.38 17.25
CA GLU B 461 -10.72 -46.77 16.78
C GLU B 461 -11.66 -45.58 16.81
N LYS B 462 -11.22 -44.50 17.42
CA LYS B 462 -12.01 -43.29 17.51
C LYS B 462 -11.37 -42.15 16.72
N LEU B 463 -10.30 -42.44 15.99
CA LEU B 463 -9.63 -41.37 15.24
C LEU B 463 -10.52 -40.75 14.19
N PRO B 464 -11.05 -41.55 13.25
CA PRO B 464 -11.91 -40.93 12.24
C PRO B 464 -13.08 -40.14 12.83
N GLU B 465 -13.73 -40.65 13.87
CA GLU B 465 -14.85 -39.97 14.50
C GLU B 465 -14.41 -38.60 15.03
N LEU B 466 -13.25 -38.57 15.68
CA LEU B 466 -12.69 -37.34 16.26
C LEU B 466 -12.00 -36.42 15.25
N ALA B 467 -11.48 -36.99 14.17
CA ALA B 467 -10.83 -36.18 13.14
C ALA B 467 -11.89 -35.34 12.43
N ALA B 468 -13.05 -35.93 12.21
CA ALA B 468 -14.18 -35.26 11.55
C ALA B 468 -14.71 -34.09 12.38
N ALA B 469 -14.85 -34.31 13.69
CA ALA B 469 -15.36 -33.28 14.60
C ALA B 469 -14.34 -32.15 14.76
N ALA B 470 -13.73 -31.74 13.64
CA ALA B 470 -12.75 -30.66 13.62
C ALA B 470 -12.74 -30.00 12.24
N VAL B 482 -14.65 -6.81 19.61
CA VAL B 482 -15.80 -5.94 19.32
C VAL B 482 -15.73 -4.65 20.12
N GLU B 483 -15.45 -3.55 19.42
CA GLU B 483 -15.36 -2.25 20.05
C GLU B 483 -16.69 -1.52 20.13
N LEU B 484 -16.73 -0.54 21.03
CA LEU B 484 -17.94 0.24 21.25
C LEU B 484 -17.56 1.71 21.24
N TYR B 485 -18.31 2.49 20.47
CA TYR B 485 -18.06 3.91 20.41
C TYR B 485 -18.76 4.49 21.61
N PRO B 486 -18.19 5.53 22.22
CA PRO B 486 -18.83 6.12 23.40
C PRO B 486 -20.34 6.26 23.32
N GLY B 487 -21.02 5.82 24.38
CA GLY B 487 -22.47 5.90 24.42
C GLY B 487 -23.09 4.53 24.19
N GLU B 488 -22.29 3.59 23.69
CA GLU B 488 -22.77 2.24 23.42
C GLU B 488 -22.43 1.34 24.60
N ASP B 489 -23.20 0.26 24.76
CA ASP B 489 -23.01 -0.74 25.81
C ASP B 489 -23.21 -2.09 25.13
N ALA B 490 -22.86 -3.19 25.79
CA ALA B 490 -23.05 -4.50 25.18
C ALA B 490 -23.76 -5.48 26.12
N LEU B 491 -24.84 -6.07 25.64
CA LEU B 491 -25.60 -7.03 26.43
C LEU B 491 -24.91 -8.38 26.25
N ARG B 492 -24.42 -8.94 27.37
CA ARG B 492 -23.73 -10.23 27.35
C ARG B 492 -24.57 -11.38 27.86
N ALA B 493 -24.18 -12.60 27.48
CA ALA B 493 -24.85 -13.82 27.89
C ALA B 493 -24.59 -14.02 29.39
N GLN B 494 -25.63 -14.34 30.15
CA GLN B 494 -25.50 -14.52 31.60
C GLN B 494 -24.76 -15.82 31.91
N LEU B 495 -24.96 -16.80 31.04
CA LEU B 495 -24.35 -18.11 31.17
C LEU B 495 -24.41 -18.75 29.79
N ALA B 496 -23.71 -19.86 29.62
CA ALA B 496 -23.69 -20.53 28.32
C ALA B 496 -25.06 -21.00 27.84
N GLY B 497 -25.22 -21.08 26.53
CA GLY B 497 -26.48 -21.51 25.95
C GLY B 497 -26.57 -21.32 24.44
N THR B 498 -27.72 -21.69 23.89
CA THR B 498 -27.97 -21.56 22.45
C THR B 498 -29.02 -20.47 22.20
N VAL B 499 -28.65 -19.47 21.41
CA VAL B 499 -29.54 -18.36 21.09
C VAL B 499 -30.78 -18.83 20.36
N VAL B 500 -31.95 -18.57 20.95
CA VAL B 500 -33.20 -18.99 20.35
C VAL B 500 -33.89 -17.82 19.63
N GLU B 501 -33.94 -16.67 20.29
CA GLU B 501 -34.57 -15.47 19.73
C GLU B 501 -33.80 -14.19 20.09
N VAL B 502 -33.57 -13.34 19.09
CA VAL B 502 -32.85 -12.08 19.28
C VAL B 502 -33.64 -10.91 18.71
N ALA B 503 -33.44 -9.72 19.28
CA ALA B 503 -34.11 -8.52 18.83
C ALA B 503 -33.49 -8.06 17.53
N PRO B 504 -34.19 -7.23 16.75
CA PRO B 504 -33.63 -6.74 15.49
C PRO B 504 -32.69 -5.57 15.73
N GLU B 505 -31.96 -5.17 14.69
CA GLU B 505 -31.03 -4.06 14.79
C GLU B 505 -31.73 -2.73 14.58
N GLY B 506 -31.84 -1.94 15.64
CA GLY B 506 -32.48 -0.63 15.50
C GLY B 506 -33.91 -0.50 15.98
N ALA B 507 -34.23 -1.10 17.12
CA ALA B 507 -35.58 -1.02 17.69
C ALA B 507 -35.50 -0.39 19.07
N ASP B 508 -36.59 0.27 19.47
CA ASP B 508 -36.62 0.93 20.77
C ASP B 508 -37.31 0.03 21.79
N TYR B 509 -36.57 -0.32 22.83
CA TYR B 509 -37.11 -1.16 23.89
C TYR B 509 -37.24 -0.44 25.23
N PRO B 510 -38.34 -0.71 25.94
CA PRO B 510 -38.57 -0.09 27.25
C PRO B 510 -37.84 -0.86 28.33
N ALA B 511 -37.58 -0.22 29.45
CA ALA B 511 -36.88 -0.90 30.55
C ALA B 511 -37.59 -2.20 30.91
N GLY B 512 -36.89 -3.32 30.76
CA GLY B 512 -37.48 -4.60 31.11
C GLY B 512 -37.91 -5.48 29.95
N ALA B 513 -38.09 -4.88 28.79
CA ALA B 513 -38.52 -5.64 27.62
C ALA B 513 -37.64 -6.85 27.32
N GLN B 514 -38.23 -7.88 26.74
CA GLN B 514 -37.47 -9.07 26.39
C GLN B 514 -36.57 -8.74 25.21
N LEU B 515 -35.29 -9.11 25.31
CA LEU B 515 -34.33 -8.84 24.25
C LEU B 515 -33.71 -10.08 23.61
N VAL B 516 -33.31 -11.03 24.45
CA VAL B 516 -32.72 -12.25 23.93
C VAL B 516 -33.30 -13.41 24.69
N VAL B 517 -33.32 -14.57 24.05
CA VAL B 517 -33.83 -15.78 24.69
C VAL B 517 -32.84 -16.88 24.39
N LEU B 518 -32.20 -17.39 25.43
CA LEU B 518 -31.22 -18.44 25.26
C LEU B 518 -31.78 -19.76 25.77
N GLU B 519 -31.20 -20.86 25.29
CA GLU B 519 -31.63 -22.20 25.70
C GLU B 519 -30.45 -23.02 26.22
N ALA B 520 -30.06 -22.73 27.46
CA ALA B 520 -28.94 -23.44 28.08
C ALA B 520 -29.13 -24.95 28.03
N MET B 521 -29.68 -25.51 29.11
CA MET B 521 -29.92 -26.94 29.21
C MET B 521 -31.25 -27.32 28.57
N LYS B 522 -32.29 -27.40 29.41
CA LYS B 522 -33.62 -27.75 28.95
C LYS B 522 -34.58 -26.57 29.05
N MET B 523 -34.23 -25.60 29.90
CA MET B 523 -35.05 -24.41 30.09
C MET B 523 -34.61 -23.21 29.25
N GLN B 524 -35.32 -22.10 29.39
CA GLN B 524 -34.99 -20.87 28.65
C GLN B 524 -34.73 -19.68 29.57
N HIS B 525 -33.61 -19.01 29.34
CA HIS B 525 -33.27 -17.83 30.11
C HIS B 525 -33.60 -16.65 29.20
N VAL B 526 -34.17 -15.60 29.80
CA VAL B 526 -34.53 -14.42 29.03
C VAL B 526 -33.77 -13.18 29.49
N LEU B 527 -32.90 -12.68 28.63
CA LEU B 527 -32.16 -11.48 28.95
C LEU B 527 -33.06 -10.26 28.65
N ALA B 528 -33.21 -9.37 29.63
CA ALA B 528 -34.07 -8.22 29.46
C ALA B 528 -33.28 -6.92 29.40
N ALA B 529 -33.86 -5.90 28.77
CA ALA B 529 -33.20 -4.62 28.63
C ALA B 529 -32.94 -4.00 30.01
N PRO B 530 -31.68 -3.64 30.28
CA PRO B 530 -31.31 -3.04 31.56
C PRO B 530 -32.22 -1.86 31.84
N ASP B 531 -32.66 -1.20 30.78
CA ASP B 531 -33.57 -0.05 30.83
C ASP B 531 -33.75 0.53 29.43
N ALA B 532 -34.59 1.55 29.29
CA ALA B 532 -34.87 2.16 27.99
C ALA B 532 -33.63 2.20 27.11
N LEU B 533 -33.68 1.51 25.98
CA LEU B 533 -32.53 1.43 25.07
C LEU B 533 -32.88 1.11 23.62
N ARG B 534 -32.09 1.63 22.69
CA ARG B 534 -32.30 1.36 21.27
C ARG B 534 -31.20 0.38 20.90
N THR B 535 -31.52 -0.65 20.12
CA THR B 535 -30.48 -1.59 19.73
C THR B 535 -29.72 -1.07 18.51
N VAL B 536 -28.40 -1.27 18.53
CA VAL B 536 -27.53 -0.83 17.45
C VAL B 536 -27.22 -2.04 16.57
N ARG B 537 -26.05 -2.64 16.76
CA ARG B 537 -25.71 -3.82 15.99
C ARG B 537 -26.00 -5.06 16.81
N VAL B 538 -26.36 -6.16 16.14
CA VAL B 538 -26.61 -7.41 16.84
C VAL B 538 -25.55 -8.39 16.38
N LEU B 539 -24.77 -8.89 17.34
CA LEU B 539 -23.67 -9.81 17.07
C LEU B 539 -24.04 -11.29 17.13
N VAL B 540 -25.30 -11.59 17.44
CA VAL B 540 -25.72 -12.98 17.53
C VAL B 540 -26.91 -13.30 16.66
N THR B 541 -26.98 -14.54 16.17
CA THR B 541 -28.08 -15.01 15.32
C THR B 541 -28.78 -16.20 16.00
N PRO B 542 -30.11 -16.35 15.81
CA PRO B 542 -30.82 -17.47 16.43
C PRO B 542 -30.24 -18.83 16.01
N GLY B 543 -30.20 -19.75 16.96
CA GLY B 543 -29.65 -21.06 16.71
C GLY B 543 -28.21 -21.14 17.21
N GLN B 544 -27.44 -20.08 16.94
CA GLN B 544 -26.02 -19.98 17.35
C GLN B 544 -25.79 -20.26 18.84
N VAL B 545 -24.58 -20.74 19.16
CA VAL B 545 -24.26 -21.04 20.54
C VAL B 545 -23.28 -20.04 21.11
N VAL B 546 -23.54 -19.61 22.34
CA VAL B 546 -22.73 -18.62 23.04
C VAL B 546 -22.34 -19.14 24.43
N GLY B 547 -21.39 -18.47 25.06
CA GLY B 547 -20.97 -18.87 26.40
C GLY B 547 -20.89 -17.69 27.34
N THR B 548 -20.81 -17.97 28.64
CA THR B 548 -20.74 -16.91 29.62
C THR B 548 -19.85 -15.75 29.19
N GLY B 549 -20.42 -14.54 29.17
CA GLY B 549 -19.65 -13.36 28.80
C GLY B 549 -19.86 -12.90 27.37
N ASP B 550 -20.08 -13.86 26.48
CA ASP B 550 -20.28 -13.59 25.05
C ASP B 550 -21.21 -12.41 24.74
N PRO B 551 -20.71 -11.39 24.04
CA PRO B 551 -21.49 -10.20 23.68
C PRO B 551 -22.61 -10.54 22.68
N LEU B 552 -23.85 -10.30 23.07
CA LEU B 552 -25.00 -10.61 22.22
C LEU B 552 -25.41 -9.48 21.29
N LEU B 553 -25.38 -8.25 21.79
CA LEU B 553 -25.75 -7.10 20.99
C LEU B 553 -25.31 -5.80 21.62
N VAL B 554 -25.34 -4.74 20.83
CA VAL B 554 -24.95 -3.43 21.30
C VAL B 554 -26.20 -2.55 21.36
N PHE B 555 -26.26 -1.65 22.33
CA PHE B 555 -27.40 -0.77 22.52
C PHE B 555 -27.02 0.59 23.13
N THR B 556 -27.98 1.51 23.17
CA THR B 556 -27.74 2.82 23.73
C THR B 556 -28.85 3.24 24.69
N ARG B 557 -28.49 3.41 25.96
CA ARG B 557 -29.44 3.81 26.99
C ARG B 557 -30.05 5.16 26.61
N THR B 558 -31.33 5.40 26.96
CA THR B 558 -31.97 6.68 26.65
C THR B 558 -32.73 7.24 27.86
N THR B 576 -26.65 23.86 27.59
CA THR B 576 -26.25 25.16 27.09
C THR B 576 -24.76 25.14 26.70
N ARG B 577 -24.41 25.86 25.62
CA ARG B 577 -23.04 25.89 25.13
C ARG B 577 -22.32 27.23 25.33
N ALA B 578 -21.64 27.40 26.46
CA ALA B 578 -20.90 28.64 26.76
C ALA B 578 -19.95 29.05 25.63
N ASP B 579 -19.12 28.10 25.21
CA ASP B 579 -18.15 28.32 24.15
C ASP B 579 -18.72 28.86 22.83
N LEU B 580 -19.92 28.43 22.47
CA LEU B 580 -20.54 28.90 21.23
C LEU B 580 -21.03 30.34 21.37
N ASP B 581 -21.18 30.80 22.60
CA ASP B 581 -21.64 32.17 22.83
C ASP B 581 -20.47 33.12 22.76
N GLU B 582 -19.30 32.60 23.08
CA GLU B 582 -18.07 33.39 23.03
C GLU B 582 -17.71 33.64 21.57
N VAL B 583 -18.11 32.71 20.71
CA VAL B 583 -17.86 32.81 19.28
C VAL B 583 -18.88 33.74 18.63
N ILE B 584 -20.16 33.52 18.92
CA ILE B 584 -21.22 34.36 18.37
C ILE B 584 -20.96 35.82 18.74
N GLU B 585 -20.56 36.04 19.98
CA GLU B 585 -20.25 37.37 20.50
C GLU B 585 -19.09 37.98 19.73
N ARG B 586 -17.92 37.36 19.89
CA ARG B 586 -16.72 37.82 19.22
C ARG B 586 -16.95 38.18 17.74
N HIS B 587 -17.74 37.38 17.02
CA HIS B 587 -18.02 37.65 15.61
C HIS B 587 -18.89 38.90 15.47
N ALA B 588 -19.78 39.11 16.44
CA ALA B 588 -20.68 40.26 16.41
C ALA B 588 -19.93 41.56 16.65
N ARG B 589 -18.80 41.45 17.33
CA ARG B 589 -18.00 42.61 17.66
C ARG B 589 -17.37 43.21 16.41
N THR B 590 -17.24 42.39 15.37
CA THR B 590 -16.65 42.81 14.11
C THR B 590 -17.69 43.41 13.17
N LEU B 591 -18.94 43.04 13.35
CA LEU B 591 -20.00 43.54 12.48
C LEU B 591 -20.32 45.01 12.73
N ASP B 592 -21.05 45.61 11.80
CA ASP B 592 -21.40 47.01 11.92
C ASP B 592 -22.10 47.33 13.23
N GLU B 593 -23.11 46.53 13.57
CA GLU B 593 -23.87 46.74 14.79
C GLU B 593 -22.98 46.87 16.03
N GLY B 594 -21.92 46.08 16.09
CA GLY B 594 -21.03 46.14 17.24
C GLY B 594 -19.93 47.18 17.18
N ARG B 595 -20.05 48.12 16.25
CA ARG B 595 -19.07 49.19 16.09
C ARG B 595 -19.84 50.45 15.71
N PRO B 596 -20.76 50.89 16.58
CA PRO B 596 -21.60 52.08 16.36
C PRO B 596 -20.72 53.30 16.26
N ASP B 597 -19.66 53.27 17.06
CA ASP B 597 -18.66 54.31 17.12
C ASP B 597 -18.20 54.66 15.70
N ALA B 598 -17.57 53.68 15.05
CA ALA B 598 -17.04 53.82 13.70
C ALA B 598 -18.09 53.96 12.61
N VAL B 599 -19.17 53.19 12.70
CA VAL B 599 -20.23 53.25 11.70
C VAL B 599 -20.87 54.64 11.68
N ALA B 600 -20.80 55.33 12.81
CA ALA B 600 -21.35 56.68 12.93
C ALA B 600 -20.42 57.66 12.18
N LYS B 601 -19.12 57.54 12.40
CA LYS B 601 -18.13 58.40 11.75
C LYS B 601 -18.19 58.32 10.22
N ARG B 602 -18.28 57.09 9.69
CA ARG B 602 -18.35 56.92 8.24
C ARG B 602 -19.54 57.67 7.68
N HIS B 603 -20.72 57.37 8.21
CA HIS B 603 -21.93 58.02 7.75
C HIS B 603 -21.82 59.54 7.81
N ARG B 604 -21.07 60.07 8.77
CA ARG B 604 -20.88 61.51 8.86
C ARG B 604 -20.14 62.00 7.63
N GLN B 605 -19.17 61.20 7.21
CA GLN B 605 -18.36 61.50 6.03
C GLN B 605 -19.14 61.25 4.74
N GLY B 606 -20.36 60.75 4.88
CA GLY B 606 -21.20 60.46 3.72
C GLY B 606 -20.71 59.25 2.95
N ARG B 607 -20.08 58.32 3.65
CA ARG B 607 -19.55 57.12 3.02
C ARG B 607 -20.04 55.85 3.69
N ARG B 608 -20.31 54.82 2.89
CA ARG B 608 -20.75 53.52 3.40
C ARG B 608 -19.58 52.84 4.11
N THR B 609 -19.89 51.77 4.84
CA THR B 609 -18.87 51.03 5.56
C THR B 609 -18.50 49.81 4.72
N ALA B 610 -17.29 49.28 4.92
CA ALA B 610 -16.81 48.14 4.14
C ALA B 610 -17.85 47.05 3.97
N ARG B 611 -18.54 46.69 5.05
CA ARG B 611 -19.57 45.66 4.98
C ARG B 611 -20.83 46.15 4.28
N GLU B 612 -21.14 47.43 4.41
CA GLU B 612 -22.33 47.97 3.74
C GLU B 612 -22.23 47.81 2.24
N ASN B 613 -21.00 47.93 1.73
CA ASN B 613 -20.71 47.79 0.30
C ASN B 613 -20.79 46.33 -0.14
N ILE B 614 -20.07 45.47 0.57
CA ILE B 614 -20.07 44.06 0.26
C ILE B 614 -21.48 43.49 0.27
N ASP B 615 -22.28 43.86 1.25
CA ASP B 615 -23.64 43.36 1.31
C ASP B 615 -24.43 43.81 0.10
N ASP B 616 -24.13 44.99 -0.41
CA ASP B 616 -24.86 45.49 -1.58
C ASP B 616 -24.46 44.77 -2.86
N LEU B 617 -23.18 44.42 -2.97
CA LEU B 617 -22.68 43.72 -4.15
C LEU B 617 -23.19 42.28 -4.18
N VAL B 618 -22.74 41.53 -3.19
CA VAL B 618 -23.06 40.12 -2.99
C VAL B 618 -24.55 39.74 -2.91
N ASP B 619 -24.87 38.57 -3.47
CA ASP B 619 -26.23 38.01 -3.47
C ASP B 619 -26.63 37.69 -2.04
N PRO B 620 -27.87 38.05 -1.65
CA PRO B 620 -28.43 37.83 -0.32
C PRO B 620 -28.02 36.54 0.39
N GLY B 621 -27.17 36.70 1.40
CA GLY B 621 -26.70 35.58 2.19
C GLY B 621 -25.71 34.62 1.57
N SER B 622 -25.04 35.02 0.50
CA SER B 622 -24.06 34.14 -0.13
C SER B 622 -22.63 34.39 0.32
N PHE B 623 -22.43 35.36 1.19
CA PHE B 623 -21.07 35.65 1.65
C PHE B 623 -20.56 34.63 2.68
N VAL B 624 -19.33 34.19 2.48
CA VAL B 624 -18.68 33.24 3.39
C VAL B 624 -17.31 33.84 3.71
N GLU B 625 -17.29 34.70 4.73
CA GLU B 625 -16.09 35.42 5.14
C GLU B 625 -14.90 34.61 5.68
N TYR B 626 -13.71 34.99 5.23
CA TYR B 626 -12.46 34.37 5.65
C TYR B 626 -11.76 35.32 6.61
N GLY B 627 -11.17 34.77 7.67
CA GLY B 627 -10.45 35.55 8.67
C GLY B 627 -11.15 36.76 9.27
N ALA B 628 -12.41 36.59 9.67
CA ALA B 628 -13.16 37.69 10.26
C ALA B 628 -12.63 38.05 11.66
N LEU B 629 -12.10 37.04 12.35
CA LEU B 629 -11.57 37.22 13.70
C LEU B 629 -10.08 37.53 13.72
N ALA B 630 -9.57 38.06 12.63
CA ALA B 630 -8.15 38.37 12.59
C ALA B 630 -7.89 39.76 13.17
N ILE B 631 -6.72 39.90 13.79
CA ILE B 631 -6.32 41.17 14.39
C ILE B 631 -4.95 41.54 13.82
N ALA B 632 -4.57 42.81 13.91
CA ALA B 632 -3.29 43.27 13.39
C ALA B 632 -2.17 42.60 14.16
N ALA B 633 -1.06 42.35 13.46
CA ALA B 633 0.10 41.70 14.06
C ALA B 633 1.09 42.67 14.68
N GLN B 634 0.65 43.43 15.68
CA GLN B 634 1.52 44.38 16.35
C GLN B 634 1.27 44.35 17.86
N ARG B 635 1.83 43.35 18.51
CA ARG B 635 1.67 43.20 19.95
C ARG B 635 2.74 44.05 20.64
N SER B 636 3.47 44.82 19.84
CA SER B 636 4.53 45.67 20.37
C SER B 636 4.05 47.09 20.56
N ARG B 637 3.09 47.51 19.75
CA ARG B 637 2.56 48.87 19.85
C ARG B 637 1.30 48.87 20.73
N ARG B 638 0.54 47.78 20.69
CA ARG B 638 -0.67 47.65 21.47
C ARG B 638 -0.77 46.34 22.23
N SER B 639 -1.97 46.07 22.72
CA SER B 639 -2.28 44.87 23.49
C SER B 639 -3.37 44.11 22.77
N GLU B 640 -3.39 42.78 22.92
CA GLU B 640 -4.43 41.98 22.26
C GLU B 640 -5.80 42.52 22.62
N GLU B 641 -5.86 43.22 23.74
CA GLU B 641 -7.10 43.81 24.25
C GLU B 641 -7.80 44.69 23.20
N ASP B 642 -7.18 45.81 22.84
CA ASP B 642 -7.77 46.73 21.87
C ASP B 642 -7.52 46.33 20.42
N LEU B 643 -6.57 45.42 20.21
CA LEU B 643 -6.29 44.96 18.86
C LEU B 643 -7.53 44.20 18.41
N ILE B 644 -8.24 43.64 19.37
CA ILE B 644 -9.46 42.88 19.11
C ILE B 644 -10.66 43.81 18.92
N ALA B 645 -10.58 45.00 19.48
CA ALA B 645 -11.68 45.94 19.38
C ALA B 645 -11.49 46.99 18.30
N ASN B 646 -10.24 47.31 18.00
CA ASN B 646 -9.94 48.33 17.00
C ASN B 646 -9.27 47.83 15.73
N THR B 647 -9.06 46.52 15.65
CA THR B 647 -8.44 45.94 14.47
C THR B 647 -9.26 44.76 13.97
N PRO B 648 -10.58 44.95 13.81
CA PRO B 648 -11.44 43.87 13.34
C PRO B 648 -11.14 43.43 11.90
N ALA B 649 -10.72 42.18 11.77
CA ALA B 649 -10.40 41.60 10.46
C ALA B 649 -9.16 42.23 9.86
N ASP B 650 -8.39 42.93 10.69
CA ASP B 650 -7.19 43.64 10.26
C ASP B 650 -7.53 44.50 9.03
N GLY B 651 -8.55 45.33 9.16
CA GLY B 651 -8.95 46.22 8.09
C GLY B 651 -9.33 45.66 6.73
N LEU B 652 -9.51 44.34 6.62
CA LEU B 652 -9.90 43.75 5.34
C LEU B 652 -11.02 42.73 5.46
N VAL B 653 -12.20 43.09 4.99
CA VAL B 653 -13.36 42.18 5.00
C VAL B 653 -13.27 41.40 3.69
N ALA B 654 -12.97 40.10 3.74
CA ALA B 654 -12.86 39.33 2.51
C ALA B 654 -13.41 37.90 2.54
N GLY B 655 -13.84 37.39 1.38
CA GLY B 655 -14.37 36.04 1.32
C GLY B 655 -14.91 35.57 -0.03
N LEU B 656 -15.73 34.52 -0.01
CA LEU B 656 -16.35 33.97 -1.22
C LEU B 656 -17.83 34.32 -1.24
N ALA B 657 -18.35 34.63 -2.42
CA ALA B 657 -19.74 34.99 -2.52
C ALA B 657 -20.23 34.75 -3.93
N THR B 658 -21.48 35.12 -4.20
CA THR B 658 -22.00 34.98 -5.55
C THR B 658 -22.48 36.38 -5.92
N VAL B 659 -22.35 36.74 -7.20
CA VAL B 659 -22.78 38.04 -7.68
C VAL B 659 -23.64 37.82 -8.90
N GLY B 660 -24.93 38.15 -8.80
CA GLY B 660 -25.84 37.97 -9.91
C GLY B 660 -26.21 36.51 -10.14
N ALA B 661 -26.42 35.76 -9.07
CA ALA B 661 -26.78 34.35 -9.17
C ALA B 661 -28.23 34.15 -9.58
N ASP B 662 -29.06 35.19 -9.43
CA ASP B 662 -30.45 35.10 -9.82
C ASP B 662 -30.47 34.91 -11.33
N ARG B 663 -29.72 35.77 -12.02
CA ARG B 663 -29.61 35.76 -13.47
C ARG B 663 -28.84 34.58 -14.05
N PHE B 664 -27.70 34.25 -13.46
CA PHE B 664 -26.91 33.13 -13.97
C PHE B 664 -26.89 31.99 -12.98
N GLY B 665 -26.19 30.92 -13.31
CA GLY B 665 -26.14 29.82 -12.39
C GLY B 665 -25.53 30.27 -11.07
N PRO B 666 -25.79 29.56 -9.97
CA PRO B 666 -25.20 29.99 -8.69
C PRO B 666 -23.72 29.58 -8.71
N ALA B 667 -23.32 28.96 -9.83
CA ALA B 667 -21.95 28.52 -10.01
C ALA B 667 -21.22 29.55 -10.86
N ALA B 668 -21.91 30.07 -11.87
CA ALA B 668 -21.32 31.07 -12.74
C ALA B 668 -21.14 32.39 -12.01
N ALA B 669 -22.04 32.66 -11.07
CA ALA B 669 -22.03 33.90 -10.30
C ALA B 669 -21.05 33.89 -9.14
N GLN B 670 -20.45 32.74 -8.88
CA GLN B 670 -19.51 32.64 -7.79
C GLN B 670 -18.31 33.53 -8.04
N ALA B 671 -17.90 34.26 -7.01
CA ALA B 671 -16.76 35.18 -7.09
C ALA B 671 -16.11 35.40 -5.73
N VAL B 672 -14.93 35.99 -5.76
CA VAL B 672 -14.20 36.32 -4.55
C VAL B 672 -14.46 37.81 -4.33
N VAL B 673 -14.70 38.21 -3.09
CA VAL B 673 -15.01 39.59 -2.79
C VAL B 673 -14.21 40.08 -1.60
N ALA B 674 -13.67 41.29 -1.70
CA ALA B 674 -12.90 41.86 -0.62
C ALA B 674 -13.04 43.36 -0.57
N SER B 675 -12.74 43.92 0.59
CA SER B 675 -12.80 45.36 0.79
C SER B 675 -11.97 45.77 1.97
N TYR B 676 -11.12 46.76 1.78
CA TYR B 676 -10.35 47.24 2.88
C TYR B 676 -11.30 48.12 3.69
N ASP B 677 -11.16 48.09 5.01
CA ASP B 677 -12.01 48.88 5.89
C ASP B 677 -11.28 50.13 6.34
N TYR B 678 -11.56 51.25 5.69
CA TYR B 678 -10.91 52.52 5.99
C TYR B 678 -10.91 52.89 7.47
N THR B 679 -11.94 52.45 8.20
CA THR B 679 -12.07 52.76 9.62
C THR B 679 -11.11 51.99 10.51
N VAL B 680 -10.23 51.20 9.91
CA VAL B 680 -9.25 50.44 10.66
C VAL B 680 -7.86 50.73 10.11
N LEU B 681 -7.16 51.68 10.73
CA LEU B 681 -5.82 52.04 10.29
C LEU B 681 -5.80 52.53 8.83
N ALA B 682 -6.77 53.40 8.50
CA ALA B 682 -6.88 53.99 7.17
C ALA B 682 -6.92 53.00 6.02
N GLY B 683 -7.40 51.79 6.29
CA GLY B 683 -7.48 50.79 5.25
C GLY B 683 -6.13 50.49 4.63
N THR B 684 -5.12 50.35 5.47
CA THR B 684 -3.78 50.05 5.00
C THR B 684 -3.56 48.54 5.04
N GLN B 685 -2.53 48.06 4.36
CA GLN B 685 -2.24 46.63 4.34
C GLN B 685 -1.26 46.26 5.43
N GLY B 686 -1.47 45.10 6.04
CA GLY B 686 -0.59 44.65 7.09
C GLY B 686 -0.22 43.20 6.87
N MET B 687 0.53 42.64 7.82
CA MET B 687 0.97 41.26 7.74
C MET B 687 -0.21 40.29 7.75
N ARG B 688 -1.18 40.53 8.62
CA ARG B 688 -2.33 39.65 8.72
C ARG B 688 -3.28 39.80 7.53
N ASN B 689 -3.58 41.03 7.12
CA ASN B 689 -4.48 41.15 5.98
C ASN B 689 -3.77 40.80 4.67
N HIS B 690 -2.45 40.75 4.70
CA HIS B 690 -1.74 40.37 3.48
C HIS B 690 -1.95 38.87 3.35
N ALA B 691 -2.04 38.18 4.49
CA ALA B 691 -2.25 36.74 4.51
C ALA B 691 -3.63 36.38 4.00
N LYS B 692 -4.62 37.22 4.33
CA LYS B 692 -5.99 36.98 3.89
C LYS B 692 -6.12 37.23 2.39
N THR B 693 -5.49 38.29 1.89
CA THR B 693 -5.56 38.55 0.45
C THR B 693 -4.94 37.37 -0.26
N ASP B 694 -3.74 36.95 0.16
CA ASP B 694 -3.10 35.82 -0.47
C ASP B 694 -4.03 34.61 -0.46
N ARG B 695 -4.74 34.41 0.64
CA ARG B 695 -5.64 33.28 0.80
C ARG B 695 -6.84 33.29 -0.12
N VAL B 696 -7.51 34.43 -0.20
CA VAL B 696 -8.70 34.54 -1.02
C VAL B 696 -8.39 34.71 -2.52
N PHE B 697 -7.19 35.16 -2.86
CA PHE B 697 -6.77 35.32 -4.27
C PHE B 697 -6.36 33.94 -4.76
N ASP B 698 -5.90 33.12 -3.82
CA ASP B 698 -5.49 31.76 -4.14
C ASP B 698 -6.72 30.95 -4.51
N LEU B 699 -7.83 31.20 -3.82
CA LEU B 699 -9.06 30.49 -4.13
C LEU B 699 -9.51 30.88 -5.53
N ALA B 700 -9.47 32.19 -5.80
CA ALA B 700 -9.86 32.72 -7.09
C ALA B 700 -9.17 31.96 -8.22
N ALA B 701 -7.91 31.63 -8.03
CA ALA B 701 -7.14 30.90 -9.03
C ALA B 701 -7.56 29.43 -9.05
N ARG B 702 -7.68 28.82 -7.88
CA ARG B 702 -8.06 27.43 -7.80
C ARG B 702 -9.41 27.21 -8.48
N LYS B 703 -10.37 28.08 -8.19
CA LYS B 703 -11.70 27.96 -8.75
C LYS B 703 -12.03 28.89 -9.93
N ARG B 704 -11.00 29.38 -10.64
CA ARG B 704 -11.21 30.30 -11.78
C ARG B 704 -12.37 31.26 -11.49
N LEU B 705 -12.31 31.90 -10.33
CA LEU B 705 -13.33 32.85 -9.87
C LEU B 705 -12.98 34.32 -10.09
N PRO B 706 -13.97 35.14 -10.47
CA PRO B 706 -13.66 36.56 -10.67
C PRO B 706 -13.40 37.23 -9.32
N VAL B 707 -12.68 38.36 -9.32
CA VAL B 707 -12.36 39.06 -8.08
C VAL B 707 -12.86 40.52 -8.08
N VAL B 708 -13.69 40.88 -7.11
CA VAL B 708 -14.18 42.27 -7.01
C VAL B 708 -13.58 42.88 -5.75
N LEU B 709 -12.52 43.67 -5.92
CA LEU B 709 -11.83 44.30 -4.81
C LEU B 709 -12.18 45.76 -4.59
N PHE B 710 -12.62 46.08 -3.38
CA PHE B 710 -12.96 47.45 -3.01
C PHE B 710 -11.68 48.00 -2.41
N ALA B 711 -10.84 48.59 -3.25
CA ALA B 711 -9.58 49.15 -2.77
C ALA B 711 -9.90 50.47 -2.09
N GLU B 712 -9.03 50.90 -1.19
CA GLU B 712 -9.23 52.13 -0.44
C GLU B 712 -8.43 52.08 0.85
N GLY B 713 -7.41 52.92 0.95
CA GLY B 713 -6.52 52.90 2.09
C GLY B 713 -5.13 53.17 1.57
N GLY B 714 -4.25 53.67 2.44
CA GLY B 714 -2.89 53.97 2.02
C GLY B 714 -1.91 52.93 2.49
N GLY B 715 -0.81 53.41 3.06
CA GLY B 715 0.20 52.50 3.56
C GLY B 715 0.86 53.23 4.71
N GLY B 716 0.63 52.76 5.93
CA GLY B 716 1.21 53.44 7.07
C GLY B 716 0.95 52.71 8.37
N ARG B 717 1.46 51.49 8.46
CA ARG B 717 1.29 50.71 9.67
C ARG B 717 2.46 51.09 10.58
N PRO B 718 2.20 51.32 11.88
CA PRO B 718 3.21 51.69 12.87
C PRO B 718 4.69 51.36 12.61
N GLY B 719 5.05 50.08 12.57
CA GLY B 719 6.45 49.73 12.36
C GLY B 719 7.12 49.90 11.00
N ASP B 720 6.64 50.84 10.19
CA ASP B 720 7.20 51.04 8.85
C ASP B 720 8.53 51.80 8.79
N THR B 721 9.30 51.78 9.87
CA THR B 721 10.59 52.47 9.93
C THR B 721 11.57 51.75 10.86
N GLY B 725 13.43 46.95 10.41
CA GLY B 725 12.42 45.91 10.49
C GLY B 725 12.58 44.85 9.41
N ALA B 726 11.49 44.17 9.06
CA ALA B 726 11.52 43.14 8.03
C ALA B 726 10.83 43.62 6.76
N ALA B 727 11.60 43.74 5.68
CA ALA B 727 11.08 44.18 4.39
C ALA B 727 10.26 43.05 3.76
N GLY B 728 8.96 43.29 3.59
CA GLY B 728 8.11 42.28 3.02
C GLY B 728 8.18 42.23 1.51
N LEU B 729 9.40 42.22 0.97
CA LEU B 729 9.58 42.19 -0.47
C LEU B 729 9.28 40.83 -1.05
N ASP B 730 8.84 39.91 -0.19
CA ASP B 730 8.52 38.57 -0.64
C ASP B 730 7.01 38.33 -0.51
N VAL B 731 6.28 39.36 -0.10
CA VAL B 731 4.84 39.24 -0.01
C VAL B 731 4.34 38.90 -1.41
N PRO B 732 3.61 37.78 -1.55
CA PRO B 732 3.13 37.40 -2.87
C PRO B 732 1.81 38.01 -3.30
N THR B 733 1.22 38.85 -2.46
CA THR B 733 -0.07 39.45 -2.78
C THR B 733 -0.19 40.10 -4.17
N PHE B 734 0.74 41.00 -4.48
CA PHE B 734 0.73 41.72 -5.75
C PHE B 734 1.02 40.82 -6.91
N ARG B 735 1.96 39.91 -6.74
CA ARG B 735 2.24 39.03 -7.84
C ARG B 735 1.06 38.13 -8.18
N MET B 736 0.37 37.65 -7.15
CA MET B 736 -0.78 36.76 -7.34
C MET B 736 -1.89 37.37 -8.17
N LEU B 737 -2.40 38.51 -7.72
CA LEU B 737 -3.48 39.18 -8.43
C LEU B 737 -3.04 39.51 -9.85
N ALA B 738 -1.76 39.82 -10.03
CA ALA B 738 -1.24 40.15 -11.36
C ALA B 738 -1.23 38.90 -12.23
N GLY B 739 -0.91 37.77 -11.63
CA GLY B 739 -0.90 36.54 -12.39
C GLY B 739 -2.29 36.05 -12.75
N LEU B 740 -3.32 36.74 -12.27
CA LEU B 740 -4.71 36.36 -12.57
C LEU B 740 -5.29 37.23 -13.68
N ARG B 741 -4.58 38.30 -14.00
CA ARG B 741 -5.02 39.27 -15.00
C ARG B 741 -5.80 38.73 -16.20
N GLY B 742 -5.17 37.91 -17.03
CA GLY B 742 -5.90 37.42 -18.18
C GLY B 742 -6.89 36.27 -17.99
N ARG B 743 -6.78 35.56 -16.87
CA ARG B 743 -7.62 34.40 -16.56
C ARG B 743 -9.02 34.65 -16.00
N VAL B 744 -9.15 35.55 -15.02
CA VAL B 744 -10.45 35.85 -14.42
C VAL B 744 -10.68 37.36 -14.44
N PRO B 745 -11.94 37.78 -14.43
CA PRO B 745 -12.20 39.21 -14.43
C PRO B 745 -11.74 39.83 -13.13
N LEU B 746 -11.01 40.94 -13.22
CA LEU B 746 -10.51 41.63 -12.02
C LEU B 746 -11.12 43.01 -11.98
N VAL B 747 -11.99 43.25 -11.01
CA VAL B 747 -12.65 44.54 -10.90
C VAL B 747 -12.32 45.25 -9.61
N SER B 748 -11.90 46.50 -9.71
CA SER B 748 -11.59 47.30 -8.52
C SER B 748 -12.55 48.46 -8.41
N VAL B 749 -13.08 48.66 -7.22
CA VAL B 749 -14.00 49.76 -6.96
C VAL B 749 -13.29 50.70 -6.00
N VAL B 750 -13.17 51.96 -6.40
CA VAL B 750 -12.46 52.91 -5.57
C VAL B 750 -13.19 54.20 -5.24
N SER B 751 -13.45 54.40 -3.95
CA SER B 751 -14.06 55.63 -3.45
C SER B 751 -13.07 56.08 -2.38
N GLY B 752 -12.92 57.38 -2.19
CA GLY B 752 -11.98 57.82 -1.19
C GLY B 752 -10.53 57.88 -1.61
N ARG B 753 -9.63 57.37 -0.77
CA ARG B 753 -8.21 57.44 -1.06
C ARG B 753 -7.54 56.08 -1.25
N CYS B 754 -7.00 55.89 -2.45
CA CYS B 754 -6.34 54.65 -2.78
C CYS B 754 -4.86 54.94 -3.09
N PHE B 755 -3.98 54.62 -2.15
CA PHE B 755 -2.56 54.88 -2.35
C PHE B 755 -1.70 53.69 -1.94
N ALA B 756 -0.46 53.67 -2.42
CA ALA B 756 0.50 52.61 -2.14
C ALA B 756 0.06 51.24 -2.66
N GLY B 757 0.34 50.19 -1.88
CA GLY B 757 -0.02 48.85 -2.29
C GLY B 757 -1.46 48.68 -2.68
N ASN B 758 -2.38 49.42 -2.07
CA ASN B 758 -3.80 49.32 -2.41
C ASN B 758 -3.97 49.71 -3.84
N ALA B 759 -3.30 50.77 -4.26
CA ALA B 759 -3.38 51.23 -5.63
C ALA B 759 -2.69 50.25 -6.59
N ALA B 760 -1.53 49.73 -6.19
CA ALA B 760 -0.83 48.77 -7.04
C ALA B 760 -1.84 47.70 -7.45
N LEU B 761 -2.58 47.17 -6.47
CA LEU B 761 -3.59 46.15 -6.71
C LEU B 761 -4.69 46.66 -7.61
N ALA B 762 -5.20 47.85 -7.33
CA ALA B 762 -6.27 48.41 -8.16
C ALA B 762 -5.82 48.63 -9.62
N GLY B 763 -4.52 48.85 -9.80
CA GLY B 763 -3.99 49.12 -11.12
C GLY B 763 -3.54 47.89 -11.87
N VAL B 764 -3.79 46.73 -11.30
CA VAL B 764 -3.39 45.50 -11.96
C VAL B 764 -4.64 44.79 -12.51
N CYS B 765 -5.81 45.36 -12.25
CA CYS B 765 -7.10 44.80 -12.68
C CYS B 765 -7.50 45.10 -14.11
N ASP B 766 -8.71 44.70 -14.48
CA ASP B 766 -9.23 44.93 -15.82
C ASP B 766 -9.90 46.30 -15.91
N VAL B 767 -10.63 46.67 -14.85
CA VAL B 767 -11.30 47.98 -14.77
C VAL B 767 -11.22 48.51 -13.36
N ILE B 768 -11.30 49.84 -13.24
CA ILE B 768 -11.30 50.51 -11.95
C ILE B 768 -12.53 51.37 -11.96
N ILE B 769 -13.55 50.96 -11.21
CA ILE B 769 -14.77 51.74 -11.14
C ILE B 769 -14.54 52.67 -9.96
N ALA B 770 -14.56 53.98 -10.21
CA ALA B 770 -14.31 54.94 -9.14
C ALA B 770 -15.34 56.07 -9.08
N THR B 771 -15.56 56.58 -7.87
CA THR B 771 -16.50 57.67 -7.62
C THR B 771 -15.74 59.00 -7.65
N PRO B 772 -16.42 60.11 -8.02
CA PRO B 772 -15.83 61.45 -8.11
C PRO B 772 -14.90 61.88 -6.98
N ASP B 773 -15.09 61.30 -5.80
CA ASP B 773 -14.28 61.64 -4.63
C ASP B 773 -13.04 60.77 -4.48
N ALA B 774 -12.74 59.97 -5.50
CA ALA B 774 -11.60 59.08 -5.45
C ALA B 774 -10.29 59.76 -5.77
N ASN B 775 -9.22 59.23 -5.18
CA ASN B 775 -7.86 59.71 -5.36
C ASN B 775 -6.99 58.47 -5.47
N ILE B 776 -6.58 58.12 -6.68
CA ILE B 776 -5.75 56.94 -6.86
C ILE B 776 -4.30 57.30 -7.21
N GLY B 777 -3.36 56.73 -6.47
CA GLY B 777 -1.96 57.00 -6.74
C GLY B 777 -0.99 56.01 -6.12
N MET B 778 0.00 55.59 -6.89
CA MET B 778 1.02 54.65 -6.42
C MET B 778 1.71 55.22 -5.18
N GLY B 779 1.98 56.51 -5.19
CA GLY B 779 2.62 57.13 -4.05
C GLY B 779 1.63 57.86 -3.16
N GLY B 780 1.67 57.59 -1.87
CA GLY B 780 0.78 58.28 -0.96
C GLY B 780 1.46 59.53 -0.43
N PRO B 781 0.70 60.47 0.14
CA PRO B 781 1.31 61.69 0.67
C PRO B 781 2.59 61.41 1.45
N ALA B 782 2.64 60.23 2.06
CA ALA B 782 3.79 59.82 2.86
C ALA B 782 5.00 59.44 2.01
N MET B 783 4.74 58.73 0.91
CA MET B 783 5.83 58.30 0.03
C MET B 783 6.41 59.50 -0.71
N ILE B 784 5.53 60.38 -1.17
CA ILE B 784 5.94 61.58 -1.86
C ILE B 784 6.83 62.41 -0.93
N GLU B 785 6.41 62.54 0.31
CA GLU B 785 7.17 63.28 1.31
C GLU B 785 8.48 62.59 1.64
N GLY B 786 8.49 61.27 1.55
CA GLY B 786 9.69 60.50 1.83
C GLY B 786 10.68 60.62 0.68
N GLY B 787 10.17 60.80 -0.52
CA GLY B 787 11.04 60.97 -1.66
C GLY B 787 11.52 62.42 -1.66
N GLY B 788 11.15 63.13 -0.60
CA GLY B 788 11.54 64.52 -0.45
C GLY B 788 10.94 65.40 -1.53
N LEU B 789 9.71 65.11 -1.93
CA LEU B 789 9.06 65.89 -2.98
C LEU B 789 8.05 66.84 -2.37
N GLY B 790 8.19 67.10 -1.08
CA GLY B 790 7.29 68.01 -0.40
C GLY B 790 6.21 67.30 0.36
N VAL B 791 5.01 67.87 0.37
CA VAL B 791 3.90 67.26 1.08
C VAL B 791 2.59 67.79 0.52
N TYR B 792 1.80 66.90 -0.07
CA TYR B 792 0.54 67.32 -0.66
C TYR B 792 -0.66 66.74 0.08
N PRO B 793 -1.84 67.31 -0.15
CA PRO B 793 -3.02 66.77 0.53
C PRO B 793 -3.52 65.64 -0.36
N PRO B 794 -4.08 64.58 0.22
CA PRO B 794 -4.58 63.45 -0.57
C PRO B 794 -5.39 63.87 -1.81
N GLU B 795 -6.13 64.97 -1.70
CA GLU B 795 -6.95 65.43 -2.80
C GLU B 795 -6.14 65.94 -3.97
N ALA B 796 -4.82 65.83 -3.87
CA ALA B 796 -3.95 66.31 -4.95
C ALA B 796 -3.10 65.19 -5.52
N ILE B 797 -3.56 63.95 -5.43
CA ILE B 797 -2.75 62.86 -5.97
C ILE B 797 -3.38 62.16 -7.19
N GLY B 798 -4.58 61.64 -7.05
CA GLY B 798 -5.16 60.96 -8.20
C GLY B 798 -6.52 61.51 -8.58
N PRO B 799 -6.62 62.84 -8.72
CA PRO B 799 -7.90 63.45 -9.08
C PRO B 799 -8.68 62.62 -10.09
N ILE B 800 -9.95 62.38 -9.81
CA ILE B 800 -10.77 61.61 -10.72
C ILE B 800 -10.67 62.26 -12.11
N ALA B 801 -10.42 63.58 -12.12
CA ALA B 801 -10.31 64.33 -13.36
C ALA B 801 -9.11 63.91 -14.22
N VAL B 802 -8.01 63.57 -13.55
CA VAL B 802 -6.79 63.12 -14.19
C VAL B 802 -6.86 61.64 -14.58
N GLN B 803 -7.16 60.79 -13.60
CA GLN B 803 -7.25 59.36 -13.83
C GLN B 803 -8.28 58.91 -14.85
N ARG B 804 -9.28 59.75 -15.12
CA ARG B 804 -10.30 59.39 -16.09
C ARG B 804 -9.89 59.82 -17.49
N ARG B 805 -8.79 60.56 -17.56
CA ARG B 805 -8.26 61.05 -18.84
C ARG B 805 -7.08 60.22 -19.33
N ASN B 806 -6.26 59.72 -18.40
CA ASN B 806 -5.09 58.93 -18.78
C ASN B 806 -5.35 57.44 -18.86
N GLY B 807 -6.63 57.07 -18.84
CA GLY B 807 -7.01 55.67 -18.94
C GLY B 807 -6.79 54.81 -17.71
N VAL B 808 -6.77 55.42 -16.52
CA VAL B 808 -6.59 54.66 -15.28
C VAL B 808 -7.94 54.27 -14.70
N VAL B 809 -8.91 55.18 -14.79
CA VAL B 809 -10.25 54.87 -14.30
C VAL B 809 -11.09 54.46 -15.50
N GLY B 810 -11.67 53.27 -15.41
CA GLY B 810 -12.46 52.76 -16.51
C GLY B 810 -13.89 53.23 -16.53
N LEU B 811 -14.51 53.35 -15.37
CA LEU B 811 -15.89 53.80 -15.28
C LEU B 811 -15.98 54.71 -14.09
N VAL B 812 -16.60 55.87 -14.25
CA VAL B 812 -16.73 56.81 -13.15
C VAL B 812 -18.17 56.64 -12.66
N ALA B 813 -18.31 56.36 -11.37
CA ALA B 813 -19.63 56.16 -10.78
C ALA B 813 -20.11 57.41 -10.06
N ARG B 814 -21.42 57.64 -10.09
CA ARG B 814 -22.00 58.81 -9.43
C ARG B 814 -21.76 58.74 -7.91
N ASP B 815 -22.07 57.59 -7.31
CA ASP B 815 -21.86 57.39 -5.88
C ASP B 815 -21.55 55.93 -5.63
N GLU B 816 -21.20 55.59 -4.40
CA GLU B 816 -20.87 54.22 -4.04
C GLU B 816 -21.87 53.15 -4.50
N ALA B 817 -23.14 53.51 -4.55
CA ALA B 817 -24.19 52.59 -4.97
C ALA B 817 -24.10 52.34 -6.47
N HIS B 818 -23.97 53.42 -7.22
CA HIS B 818 -23.86 53.35 -8.66
C HIS B 818 -22.60 52.54 -8.99
N ALA B 819 -21.62 52.61 -8.11
CA ALA B 819 -20.37 51.90 -8.29
C ALA B 819 -20.56 50.40 -8.19
N VAL B 820 -21.32 49.95 -7.20
CA VAL B 820 -21.57 48.52 -7.06
C VAL B 820 -22.46 48.03 -8.19
N SER B 821 -23.32 48.90 -8.68
CA SER B 821 -24.21 48.54 -9.79
C SER B 821 -23.38 48.27 -11.04
N LEU B 822 -22.44 49.15 -11.33
CA LEU B 822 -21.57 49.01 -12.47
C LEU B 822 -20.68 47.78 -12.31
N ALA B 823 -20.28 47.50 -11.07
CA ALA B 823 -19.45 46.34 -10.78
C ALA B 823 -20.20 45.09 -11.25
N LYS B 824 -21.41 44.92 -10.75
CA LYS B 824 -22.25 43.79 -11.10
C LYS B 824 -22.45 43.71 -12.61
N GLN B 825 -22.85 44.84 -13.20
CA GLN B 825 -23.09 44.94 -14.63
C GLN B 825 -21.84 44.62 -15.47
N TYR B 826 -20.67 45.06 -15.02
CA TYR B 826 -19.44 44.77 -15.74
C TYR B 826 -19.27 43.25 -15.76
N LEU B 827 -19.18 42.67 -14.58
CA LEU B 827 -19.03 41.21 -14.41
C LEU B 827 -20.02 40.41 -15.27
N SER B 828 -21.22 40.94 -15.41
CA SER B 828 -22.30 40.31 -16.17
C SER B 828 -21.95 39.78 -17.56
N TYR B 829 -21.16 40.52 -18.33
CA TYR B 829 -20.80 40.10 -19.67
C TYR B 829 -19.87 38.89 -19.66
N PHE B 830 -19.16 38.67 -18.56
CA PHE B 830 -18.25 37.55 -18.44
C PHE B 830 -18.93 36.41 -17.70
N GLN B 831 -20.22 36.55 -17.41
CA GLN B 831 -20.93 35.52 -16.68
C GLN B 831 -21.95 34.74 -17.50
N GLY B 832 -22.35 35.28 -18.65
CA GLY B 832 -23.32 34.58 -19.47
C GLY B 832 -24.30 35.45 -20.24
N ARG B 833 -25.30 34.78 -20.84
CA ARG B 833 -26.34 35.46 -21.62
C ARG B 833 -27.51 35.92 -20.76
N LEU B 834 -28.41 36.69 -21.37
CA LEU B 834 -29.58 37.17 -20.68
C LEU B 834 -30.77 36.61 -21.44
N ASP B 835 -31.75 36.06 -20.73
CA ASP B 835 -32.93 35.48 -21.36
C ASP B 835 -33.81 36.55 -21.97
N ARG B 836 -34.18 37.55 -21.16
CA ARG B 836 -35.02 38.65 -21.63
C ARG B 836 -34.11 39.79 -22.08
N TRP B 837 -34.50 40.46 -23.15
CA TRP B 837 -33.75 41.58 -23.69
C TRP B 837 -34.69 42.31 -24.63
N GLN B 838 -34.47 43.61 -24.85
CA GLN B 838 -35.35 44.34 -25.74
C GLN B 838 -34.59 45.04 -26.82
N ALA B 839 -34.84 44.68 -28.07
CA ALA B 839 -34.14 45.30 -29.18
C ALA B 839 -34.74 46.65 -29.52
N PRO B 840 -33.92 47.60 -29.97
CA PRO B 840 -34.42 48.93 -30.32
C PRO B 840 -35.20 48.84 -31.64
N ASP B 841 -35.83 49.93 -32.07
CA ASP B 841 -36.55 49.86 -33.33
C ASP B 841 -35.52 49.85 -34.42
N PRO B 842 -35.47 48.77 -35.20
CA PRO B 842 -34.50 48.62 -36.29
C PRO B 842 -34.53 49.76 -37.31
N ARG B 843 -35.73 50.12 -37.78
CA ARG B 843 -35.88 51.16 -38.77
C ARG B 843 -35.22 52.48 -38.34
N VAL B 844 -34.92 52.60 -37.05
CA VAL B 844 -34.27 53.79 -36.50
C VAL B 844 -32.81 53.90 -36.95
N ALA B 845 -32.12 52.76 -37.00
CA ALA B 845 -30.73 52.70 -37.40
C ALA B 845 -30.51 53.39 -38.76
N ARG B 846 -31.57 53.52 -39.54
CA ARG B 846 -31.50 54.12 -40.87
C ARG B 846 -31.22 55.61 -40.94
N HIS B 847 -31.51 56.34 -39.87
CA HIS B 847 -31.30 57.77 -39.86
C HIS B 847 -30.08 58.23 -39.07
N VAL B 848 -29.44 57.28 -38.40
CA VAL B 848 -28.25 57.59 -37.60
C VAL B 848 -27.13 58.34 -38.34
N VAL B 849 -26.72 57.85 -39.51
CA VAL B 849 -25.65 58.50 -40.27
C VAL B 849 -26.20 59.51 -41.28
N PRO B 850 -25.71 60.76 -41.19
CA PRO B 850 -26.14 61.82 -42.10
C PRO B 850 -25.74 61.59 -43.56
N GLN B 851 -26.68 61.77 -44.48
CA GLN B 851 -26.40 61.58 -45.90
C GLN B 851 -25.32 62.54 -46.38
N ASN B 852 -25.24 63.73 -45.79
CA ASN B 852 -24.21 64.66 -46.20
C ASN B 852 -22.90 64.17 -45.60
N ARG B 853 -22.08 63.54 -46.42
CA ARG B 853 -20.79 62.98 -45.99
C ARG B 853 -19.85 63.89 -45.21
N LEU B 854 -20.25 65.13 -44.95
CA LEU B 854 -19.40 66.06 -44.22
C LEU B 854 -19.89 66.35 -42.81
N ARG B 855 -21.20 66.19 -42.61
CA ARG B 855 -21.86 66.45 -41.35
C ARG B 855 -21.56 65.36 -40.32
N ALA B 856 -20.75 65.69 -39.31
CA ALA B 856 -20.41 64.72 -38.27
C ALA B 856 -21.66 64.19 -37.56
N TYR B 857 -21.51 63.10 -36.81
CA TYR B 857 -22.63 62.51 -36.07
C TYR B 857 -22.10 61.82 -34.81
N ASP B 858 -22.98 61.61 -33.82
CA ASP B 858 -22.59 60.97 -32.56
C ASP B 858 -22.64 59.43 -32.61
N VAL B 859 -21.48 58.81 -32.45
CA VAL B 859 -21.39 57.35 -32.49
C VAL B 859 -22.41 56.67 -31.59
N HIS B 860 -22.53 57.16 -30.37
CA HIS B 860 -23.46 56.57 -29.43
C HIS B 860 -24.86 56.32 -30.00
N ARG B 861 -25.31 57.18 -30.90
CA ARG B 861 -26.63 57.02 -31.52
C ARG B 861 -26.59 55.76 -32.38
N ALA B 862 -25.44 55.54 -33.00
CA ALA B 862 -25.21 54.39 -33.86
C ALA B 862 -25.20 53.10 -33.06
N ILE B 863 -24.38 53.07 -32.02
CA ILE B 863 -24.29 51.90 -31.16
C ILE B 863 -25.66 51.58 -30.60
N GLU B 864 -26.30 52.57 -29.98
CA GLU B 864 -27.62 52.37 -29.40
C GLU B 864 -28.71 51.89 -30.37
N ALA B 865 -28.49 52.11 -31.66
CA ALA B 865 -29.45 51.70 -32.68
C ALA B 865 -29.26 50.24 -33.09
N ILE B 866 -28.23 49.61 -32.54
CA ILE B 866 -27.92 48.23 -32.86
C ILE B 866 -28.08 47.31 -31.65
N VAL B 867 -27.21 47.48 -30.65
CA VAL B 867 -27.24 46.64 -29.45
C VAL B 867 -28.55 46.79 -28.73
N ASP B 868 -28.99 45.77 -27.97
CA ASP B 868 -30.27 45.93 -27.28
C ASP B 868 -30.25 46.98 -26.17
N VAL B 869 -31.38 47.63 -26.02
CA VAL B 869 -31.61 48.70 -25.06
C VAL B 869 -30.96 48.53 -23.71
N GLY B 870 -30.16 49.51 -23.32
CA GLY B 870 -29.50 49.50 -22.03
C GLY B 870 -28.33 48.55 -21.83
N SER B 871 -27.94 47.82 -22.86
CA SER B 871 -26.84 46.87 -22.73
C SER B 871 -25.47 47.48 -22.83
N VAL B 872 -25.39 48.76 -23.21
CA VAL B 872 -24.10 49.43 -23.37
C VAL B 872 -23.41 49.78 -22.06
N LEU B 873 -22.11 49.53 -22.01
CA LEU B 873 -21.30 49.87 -20.84
C LEU B 873 -19.96 50.32 -21.39
N GLU B 874 -19.89 51.58 -21.80
CA GLU B 874 -18.66 52.14 -22.36
C GLU B 874 -17.53 52.28 -21.33
N LEU B 875 -16.37 51.72 -21.66
CA LEU B 875 -15.22 51.77 -20.76
C LEU B 875 -14.24 52.83 -21.25
N ARG B 876 -13.64 53.54 -20.31
CA ARG B 876 -12.66 54.58 -20.60
C ARG B 876 -13.12 55.53 -21.70
N PRO B 877 -14.25 56.24 -21.51
CA PRO B 877 -14.79 57.18 -22.50
C PRO B 877 -14.06 58.51 -22.68
N ASP B 878 -13.33 58.94 -21.65
CA ASP B 878 -12.61 60.20 -21.74
C ASP B 878 -11.13 59.97 -22.01
N TYR B 879 -10.83 58.77 -22.50
CA TYR B 879 -9.47 58.34 -22.83
C TYR B 879 -9.45 57.83 -24.27
N GLY B 880 -8.43 58.20 -25.04
CA GLY B 880 -8.37 57.77 -26.43
C GLY B 880 -9.76 57.91 -27.00
N VAL B 881 -10.30 59.12 -26.90
CA VAL B 881 -11.64 59.42 -27.35
C VAL B 881 -11.87 59.17 -28.83
N GLY B 882 -10.79 58.94 -29.57
CA GLY B 882 -10.94 58.67 -30.99
C GLY B 882 -11.79 57.46 -31.25
N ILE B 883 -11.64 56.43 -30.40
CA ILE B 883 -12.40 55.19 -30.54
C ILE B 883 -13.12 54.79 -29.28
N VAL B 884 -14.36 54.34 -29.44
CA VAL B 884 -15.20 53.89 -28.34
C VAL B 884 -15.04 52.38 -28.06
N THR B 885 -14.64 52.03 -26.85
CA THR B 885 -14.53 50.62 -26.51
C THR B 885 -15.63 50.37 -25.50
N ALA B 886 -16.54 49.45 -25.79
CA ALA B 886 -17.66 49.14 -24.90
C ALA B 886 -18.10 47.68 -24.87
N LEU B 887 -18.64 47.25 -23.74
CA LEU B 887 -19.17 45.90 -23.59
C LEU B 887 -20.66 46.03 -23.87
N VAL B 888 -21.17 45.26 -24.82
CA VAL B 888 -22.59 45.37 -25.15
C VAL B 888 -23.30 44.03 -25.23
N ARG B 889 -24.55 44.07 -25.69
CA ARG B 889 -25.34 42.87 -25.85
C ARG B 889 -26.24 42.96 -27.09
N VAL B 890 -26.32 41.85 -27.81
CA VAL B 890 -27.17 41.76 -28.97
C VAL B 890 -27.91 40.45 -28.76
N GLU B 891 -29.19 40.59 -28.45
CA GLU B 891 -30.12 39.50 -28.15
C GLU B 891 -29.64 38.72 -26.94
N GLY B 892 -29.15 39.48 -25.96
CA GLY B 892 -28.68 38.89 -24.72
C GLY B 892 -27.29 38.34 -24.73
N VAL B 893 -26.68 38.22 -25.90
CA VAL B 893 -25.33 37.69 -25.98
C VAL B 893 -24.32 38.81 -25.79
N PRO B 894 -23.23 38.55 -25.04
CA PRO B 894 -22.18 39.54 -24.78
C PRO B 894 -21.24 39.75 -25.96
N TYR B 895 -20.94 41.01 -26.25
CA TYR B 895 -20.01 41.36 -27.32
C TYR B 895 -19.13 42.50 -26.87
N GLY B 896 -18.00 42.63 -27.53
CA GLY B 896 -17.09 43.72 -27.25
C GLY B 896 -17.37 44.62 -28.43
N LEU B 897 -17.22 45.93 -28.28
CA LEU B 897 -17.51 46.81 -29.42
C LEU B 897 -16.52 47.94 -29.52
N ILE B 898 -16.04 48.20 -30.73
CA ILE B 898 -15.12 49.32 -30.94
C ILE B 898 -15.76 50.12 -32.05
N ALA B 899 -15.51 51.43 -32.07
CA ALA B 899 -16.10 52.29 -33.09
C ALA B 899 -15.40 53.63 -33.18
N ASN B 900 -15.17 54.08 -34.41
CA ASN B 900 -14.52 55.36 -34.66
C ASN B 900 -15.52 56.47 -34.39
N SER B 901 -15.07 57.52 -33.69
CA SER B 901 -15.94 58.66 -33.39
C SER B 901 -15.56 59.84 -34.26
N THR B 902 -16.55 60.40 -34.94
CA THR B 902 -16.34 61.54 -35.81
C THR B 902 -15.94 62.81 -35.07
N HIS B 903 -16.48 62.96 -33.86
CA HIS B 903 -16.20 64.15 -33.06
C HIS B 903 -14.72 64.37 -32.76
N HIS B 904 -13.82 63.46 -33.15
CA HIS B 904 -12.42 63.68 -32.81
C HIS B 904 -11.51 64.25 -33.88
N LEU B 905 -11.11 63.45 -34.84
CA LEU B 905 -10.26 63.96 -35.89
C LEU B 905 -10.91 63.54 -37.18
N GLY B 906 -12.22 63.58 -37.19
CA GLY B 906 -12.94 63.17 -38.38
C GLY B 906 -13.00 61.65 -38.44
N GLY B 907 -12.50 61.02 -37.38
CA GLY B 907 -12.51 59.57 -37.35
C GLY B 907 -11.09 59.04 -37.35
N ALA B 908 -10.14 59.92 -37.65
CA ALA B 908 -8.73 59.56 -37.67
C ALA B 908 -8.30 58.84 -36.40
N ILE B 909 -7.55 57.76 -36.58
CA ILE B 909 -7.07 56.99 -35.45
C ILE B 909 -5.71 57.53 -35.09
N ASP B 910 -5.59 58.08 -33.89
CA ASP B 910 -4.30 58.62 -33.42
C ASP B 910 -3.61 57.66 -32.49
N ALA B 911 -2.36 57.96 -32.19
CA ALA B 911 -1.56 57.09 -31.32
C ALA B 911 -2.23 56.64 -30.02
N GLU B 912 -3.05 57.50 -29.42
CA GLU B 912 -3.67 57.10 -28.17
C GLU B 912 -4.92 56.24 -28.35
N ALA B 913 -5.77 56.58 -29.31
CA ALA B 913 -6.98 55.79 -29.55
C ALA B 913 -6.61 54.40 -30.11
N ALA B 914 -5.41 54.29 -30.66
CA ALA B 914 -4.93 53.03 -31.21
C ALA B 914 -4.56 52.14 -30.04
N ASP B 915 -3.87 52.71 -29.05
CA ASP B 915 -3.48 51.96 -27.87
C ASP B 915 -4.71 51.41 -27.16
N LYS B 916 -5.66 52.29 -26.88
CA LYS B 916 -6.89 51.93 -26.20
C LYS B 916 -7.65 50.80 -26.89
N ALA B 917 -7.75 50.83 -28.23
CA ALA B 917 -8.45 49.79 -28.98
C ALA B 917 -7.67 48.48 -28.94
N GLY B 918 -6.35 48.60 -28.91
CA GLY B 918 -5.48 47.44 -28.85
C GLY B 918 -5.70 46.69 -27.54
N ASP B 919 -5.84 47.46 -26.46
CA ASP B 919 -6.10 46.90 -25.16
C ASP B 919 -7.42 46.14 -25.14
N PHE B 920 -8.48 46.82 -25.58
CA PHE B 920 -9.81 46.22 -25.59
C PHE B 920 -9.86 44.92 -26.43
N LEU B 921 -9.10 44.88 -27.52
CA LEU B 921 -9.08 43.69 -28.36
C LEU B 921 -8.34 42.57 -27.66
N ALA B 922 -7.42 42.92 -26.77
CA ALA B 922 -6.67 41.92 -26.04
C ALA B 922 -7.58 41.37 -24.94
N LEU B 923 -8.53 42.20 -24.49
CA LEU B 923 -9.46 41.82 -23.44
C LEU B 923 -10.50 40.84 -23.97
N CYS B 924 -11.06 41.17 -25.12
CA CYS B 924 -12.08 40.33 -25.76
C CYS B 924 -11.49 38.98 -26.12
N GLU B 925 -10.32 39.00 -26.73
CA GLU B 925 -9.65 37.77 -27.12
C GLU B 925 -9.41 36.91 -25.90
N SER B 926 -8.96 37.52 -24.82
CA SER B 926 -8.66 36.80 -23.59
C SER B 926 -9.87 36.15 -22.93
N PHE B 927 -11.02 36.81 -22.98
CA PHE B 927 -12.22 36.26 -22.36
C PHE B 927 -13.22 35.72 -23.35
N GLY B 928 -12.75 35.39 -24.54
CA GLY B 928 -13.61 34.82 -25.56
C GLY B 928 -14.81 35.62 -25.98
N LEU B 929 -14.73 36.95 -25.96
CA LEU B 929 -15.85 37.79 -26.37
C LEU B 929 -15.79 38.14 -27.88
N PRO B 930 -16.88 37.86 -28.63
CA PRO B 930 -16.90 38.18 -30.06
C PRO B 930 -16.97 39.71 -30.24
N VAL B 931 -16.16 40.24 -31.15
CA VAL B 931 -16.12 41.69 -31.35
C VAL B 931 -17.02 42.23 -32.45
N ILE B 932 -17.50 43.45 -32.26
CA ILE B 932 -18.32 44.13 -33.25
C ILE B 932 -17.52 45.38 -33.55
N SER B 933 -17.27 45.63 -34.82
CA SER B 933 -16.47 46.75 -35.23
C SER B 933 -17.19 47.75 -36.14
N LEU B 934 -17.62 48.88 -35.58
CA LEU B 934 -18.28 49.94 -36.36
C LEU B 934 -17.19 50.89 -36.87
N CYS B 935 -16.97 50.88 -38.16
CA CYS B 935 -15.92 51.68 -38.77
C CYS B 935 -16.41 52.95 -39.44
N ASP B 936 -15.65 54.02 -39.24
CA ASP B 936 -15.91 55.31 -39.86
C ASP B 936 -14.64 56.13 -39.74
N THR B 937 -13.57 55.65 -40.36
CA THR B 937 -12.29 56.32 -40.29
C THR B 937 -11.67 56.54 -41.66
N PRO B 938 -10.96 57.68 -41.83
CA PRO B 938 -10.29 58.02 -43.08
C PRO B 938 -8.93 57.31 -43.12
N GLY B 939 -8.52 56.83 -41.95
CA GLY B 939 -7.25 56.14 -41.79
C GLY B 939 -6.58 56.57 -40.51
N PHE B 940 -5.29 56.29 -40.38
CA PHE B 940 -4.51 56.68 -39.21
C PHE B 940 -4.17 58.16 -39.30
N MET B 941 -4.18 58.86 -38.17
CA MET B 941 -3.84 60.26 -38.23
C MET B 941 -2.40 60.34 -38.71
N VAL B 942 -2.19 61.14 -39.75
CA VAL B 942 -0.85 61.35 -40.32
C VAL B 942 -0.33 62.74 -39.97
N GLY B 943 0.95 62.96 -40.20
CA GLY B 943 1.51 64.25 -39.89
C GLY B 943 2.83 64.04 -39.21
N PRO B 944 3.67 65.08 -39.13
CA PRO B 944 4.96 64.92 -38.47
C PRO B 944 4.78 64.76 -36.97
N ASP B 945 3.81 65.47 -36.42
CA ASP B 945 3.50 65.45 -35.00
C ASP B 945 3.03 64.08 -34.52
N ALA B 946 2.25 63.41 -35.37
CA ALA B 946 1.74 62.08 -35.07
C ALA B 946 2.91 61.11 -34.94
N GLU B 947 3.86 61.20 -35.85
CA GLU B 947 5.03 60.33 -35.83
C GLU B 947 5.85 60.50 -34.57
N THR B 948 5.69 61.63 -33.90
CA THR B 948 6.46 61.88 -32.68
C THR B 948 5.92 61.09 -31.51
N GLN B 949 4.59 60.92 -31.49
CA GLN B 949 3.93 60.17 -30.44
C GLN B 949 4.10 58.66 -30.67
N ALA B 950 5.24 58.27 -31.25
CA ALA B 950 5.55 56.86 -31.53
C ALA B 950 4.46 56.09 -32.26
N ALA B 951 3.78 56.74 -33.19
CA ALA B 951 2.69 56.12 -33.94
C ALA B 951 3.05 54.85 -34.74
N VAL B 952 4.29 54.75 -35.18
CA VAL B 952 4.71 53.58 -35.95
C VAL B 952 4.67 52.34 -35.07
N ARG B 953 5.16 52.49 -33.84
CA ARG B 953 5.16 51.38 -32.89
C ARG B 953 3.74 51.14 -32.43
N ARG B 954 3.03 52.23 -32.14
CA ARG B 954 1.66 52.15 -31.64
C ARG B 954 0.60 51.65 -32.61
N PHE B 955 0.62 52.08 -33.86
CA PHE B 955 -0.36 51.57 -34.81
C PHE B 955 -0.01 50.12 -35.12
N GLY B 956 1.26 49.78 -34.93
CA GLY B 956 1.70 48.42 -35.15
C GLY B 956 1.09 47.52 -34.10
N ARG B 957 1.09 47.97 -32.84
CA ARG B 957 0.52 47.15 -31.78
C ARG B 957 -0.96 46.87 -32.04
N MET B 958 -1.64 47.77 -32.74
CA MET B 958 -3.04 47.53 -33.02
C MET B 958 -3.12 46.45 -34.10
N PHE B 959 -2.13 46.43 -34.98
CA PHE B 959 -2.09 45.44 -36.05
C PHE B 959 -1.78 44.04 -35.52
N VAL B 960 -0.88 43.98 -34.54
CA VAL B 960 -0.52 42.71 -33.96
C VAL B 960 -1.66 42.15 -33.12
N LEU B 961 -2.28 42.99 -32.31
CA LEU B 961 -3.38 42.53 -31.47
C LEU B 961 -4.64 42.10 -32.23
N GLY B 962 -4.82 42.60 -33.46
CA GLY B 962 -5.96 42.16 -34.23
C GLY B 962 -5.60 40.84 -34.91
N ALA B 963 -4.31 40.69 -35.18
CA ALA B 963 -3.79 39.49 -35.83
C ALA B 963 -3.86 38.29 -34.88
N ARG B 964 -4.14 38.56 -33.62
CA ARG B 964 -4.23 37.50 -32.63
C ARG B 964 -5.67 37.18 -32.22
N LEU B 965 -6.63 37.94 -32.74
CA LEU B 965 -8.00 37.65 -32.37
C LEU B 965 -8.40 36.30 -32.96
N THR B 966 -8.88 35.41 -32.09
CA THR B 966 -9.34 34.11 -32.55
C THR B 966 -10.80 34.00 -32.19
N VAL B 967 -11.44 35.15 -31.99
CA VAL B 967 -12.88 35.20 -31.68
C VAL B 967 -13.51 35.82 -32.92
N PRO B 968 -14.80 35.58 -33.13
CA PRO B 968 -15.47 36.16 -34.29
C PRO B 968 -15.48 37.70 -34.26
N LEU B 969 -15.20 38.33 -35.40
CA LEU B 969 -15.24 39.79 -35.46
C LEU B 969 -16.07 40.20 -36.67
N GLY B 970 -17.16 40.91 -36.43
CA GLY B 970 -17.99 41.38 -37.52
C GLY B 970 -17.73 42.87 -37.73
N MET B 971 -17.66 43.34 -38.97
CA MET B 971 -17.43 44.76 -39.20
C MET B 971 -18.49 45.42 -40.06
N ILE B 972 -18.85 46.63 -39.65
CA ILE B 972 -19.84 47.42 -40.36
C ILE B 972 -19.23 48.80 -40.62
N ILE B 973 -19.18 49.20 -41.88
CA ILE B 973 -18.63 50.49 -42.23
C ILE B 973 -19.84 51.41 -42.21
N LEU B 974 -19.82 52.39 -41.30
CA LEU B 974 -20.92 53.33 -41.18
C LEU B 974 -20.84 54.37 -42.31
N ARG B 975 -19.67 54.96 -42.49
CA ARG B 975 -19.47 55.93 -43.57
C ARG B 975 -18.11 55.72 -44.24
N LYS B 976 -17.04 56.18 -43.60
CA LYS B 976 -15.71 56.07 -44.18
C LYS B 976 -14.89 54.90 -43.69
N GLY B 977 -14.26 54.21 -44.63
CA GLY B 977 -13.40 53.07 -44.34
C GLY B 977 -12.23 53.09 -45.32
N TYR B 978 -11.18 53.84 -45.00
CA TYR B 978 -10.04 53.95 -45.89
C TYR B 978 -8.72 53.57 -45.23
N GLY B 979 -7.73 53.28 -46.07
CA GLY B 979 -6.38 52.95 -45.61
C GLY B 979 -6.17 51.86 -44.61
N LEU B 980 -4.93 51.72 -44.14
CA LEU B 980 -4.58 50.68 -43.16
C LEU B 980 -5.38 50.87 -41.87
N GLY B 981 -5.76 52.11 -41.58
CA GLY B 981 -6.55 52.36 -40.39
C GLY B 981 -7.83 51.54 -40.43
N ALA B 982 -8.54 51.59 -41.55
CA ALA B 982 -9.79 50.85 -41.69
C ALA B 982 -9.54 49.35 -41.63
N MET B 983 -8.34 48.95 -42.04
CA MET B 983 -7.99 47.54 -42.03
C MET B 983 -7.72 47.10 -40.60
N ALA B 984 -7.01 47.93 -39.85
CA ALA B 984 -6.72 47.67 -38.44
C ALA B 984 -8.03 47.40 -37.70
N MET B 985 -9.00 48.29 -37.91
CA MET B 985 -10.33 48.20 -37.32
C MET B 985 -10.97 46.85 -37.54
N ALA B 986 -10.47 46.11 -38.54
CA ALA B 986 -11.02 44.78 -38.87
C ALA B 986 -10.11 43.61 -38.55
N GLY B 987 -8.97 43.86 -37.91
CA GLY B 987 -8.07 42.76 -37.60
C GLY B 987 -6.81 42.84 -38.43
N GLY B 988 -6.83 43.63 -39.50
CA GLY B 988 -5.66 43.77 -40.34
C GLY B 988 -5.93 43.58 -41.82
N SER B 989 -7.15 43.14 -42.15
CA SER B 989 -7.55 42.91 -43.54
C SER B 989 -9.06 42.84 -43.62
N PHE B 990 -9.61 43.35 -44.71
CA PHE B 990 -11.06 43.34 -44.89
C PHE B 990 -11.55 41.92 -45.08
N ARG B 991 -10.61 40.98 -45.16
CA ARG B 991 -11.02 39.61 -45.33
C ARG B 991 -11.04 38.92 -43.96
N ALA B 992 -10.25 39.45 -43.02
CA ALA B 992 -10.16 38.91 -41.65
C ALA B 992 -11.49 38.71 -40.94
N PRO B 993 -12.36 39.73 -40.92
CA PRO B 993 -13.68 39.67 -40.27
C PRO B 993 -14.58 38.57 -40.84
N GLN B 994 -15.50 38.07 -40.02
CA GLN B 994 -16.43 37.05 -40.47
C GLN B 994 -17.32 37.65 -41.55
N PHE B 995 -17.55 38.95 -41.45
CA PHE B 995 -18.34 39.66 -42.44
C PHE B 995 -17.91 41.13 -42.43
N THR B 996 -17.66 41.67 -43.62
CA THR B 996 -17.26 43.06 -43.79
C THR B 996 -18.37 43.64 -44.64
N VAL B 997 -19.35 44.22 -43.97
CA VAL B 997 -20.52 44.76 -44.63
C VAL B 997 -20.53 46.28 -44.49
N ALA B 998 -21.43 46.95 -45.21
CA ALA B 998 -21.54 48.42 -45.14
C ALA B 998 -22.98 48.96 -45.21
N TRP B 999 -23.16 50.15 -44.64
CA TRP B 999 -24.45 50.83 -44.66
C TRP B 999 -24.43 51.67 -45.96
N PRO B 1000 -25.59 52.02 -46.51
CA PRO B 1000 -25.63 52.81 -47.75
C PRO B 1000 -24.70 54.04 -47.78
N THR B 1001 -24.42 54.61 -46.62
CA THR B 1001 -23.55 55.78 -46.55
C THR B 1001 -22.06 55.49 -46.59
N GLY B 1002 -21.68 54.21 -46.68
CA GLY B 1002 -20.28 53.84 -46.69
C GLY B 1002 -19.48 54.13 -47.94
N GLU B 1003 -18.19 54.41 -47.75
CA GLU B 1003 -17.26 54.68 -48.84
C GLU B 1003 -15.91 54.00 -48.55
N ILE B 1004 -15.46 53.19 -49.50
CA ILE B 1004 -14.23 52.42 -49.38
C ILE B 1004 -13.11 52.97 -50.26
N GLY B 1005 -11.87 52.75 -49.88
CA GLY B 1005 -10.77 53.23 -50.69
C GLY B 1005 -9.42 53.09 -50.02
N GLY B 1006 -8.35 53.13 -50.81
CA GLY B 1006 -7.02 53.03 -50.25
C GLY B 1006 -6.71 54.31 -49.47
N MET B 1007 -7.26 55.43 -49.95
CA MET B 1007 -7.11 56.73 -49.30
C MET B 1007 -8.44 57.44 -49.45
N GLY B 1008 -8.75 58.35 -48.54
CA GLY B 1008 -10.01 59.07 -48.59
C GLY B 1008 -10.28 59.82 -49.89
N LEU B 1009 -11.56 60.06 -50.19
CA LEU B 1009 -11.93 60.76 -51.41
C LEU B 1009 -11.13 62.05 -51.59
N GLU B 1010 -11.15 62.93 -50.60
CA GLU B 1010 -10.42 64.19 -50.66
C GLU B 1010 -8.90 63.98 -50.78
N SER B 1011 -8.36 62.98 -50.10
CA SER B 1011 -6.92 62.73 -50.19
C SER B 1011 -6.58 62.50 -51.64
N ALA B 1012 -7.43 61.73 -52.31
CA ALA B 1012 -7.25 61.42 -53.72
C ALA B 1012 -7.32 62.69 -54.57
N VAL B 1013 -8.34 63.51 -54.36
CA VAL B 1013 -8.51 64.74 -55.14
C VAL B 1013 -7.40 65.75 -54.88
N ARG B 1014 -7.04 65.97 -53.62
CA ARG B 1014 -5.98 66.91 -53.28
C ARG B 1014 -4.68 66.57 -53.98
N LEU B 1015 -4.49 65.29 -54.29
CA LEU B 1015 -3.28 64.82 -54.95
C LEU B 1015 -3.37 64.82 -56.46
N GLY B 1016 -4.40 64.18 -57.00
CA GLY B 1016 -4.59 64.11 -58.44
C GLY B 1016 -5.11 65.37 -59.11
N TYR B 1017 -5.04 66.51 -58.41
CA TYR B 1017 -5.51 67.77 -58.96
C TYR B 1017 -4.78 68.97 -58.34
N ARG B 1018 -3.83 69.55 -59.09
CA ARG B 1018 -3.09 70.71 -58.63
C ARG B 1018 -2.76 71.68 -59.76
N THR B 1025 -4.13 76.77 -57.74
CA THR B 1025 -4.58 77.48 -58.93
C THR B 1025 -5.70 78.46 -58.56
N ASP B 1026 -6.39 78.17 -57.46
CA ASP B 1026 -7.47 79.03 -56.99
C ASP B 1026 -6.93 80.12 -56.09
N PRO B 1027 -7.00 81.38 -56.54
CA PRO B 1027 -6.50 82.49 -55.73
C PRO B 1027 -7.26 82.66 -54.41
N ALA B 1028 -8.53 83.07 -54.51
CA ALA B 1028 -9.35 83.30 -53.33
C ALA B 1028 -9.92 82.03 -52.70
N GLU B 1029 -10.93 81.47 -53.34
CA GLU B 1029 -11.57 80.26 -52.82
C GLU B 1029 -11.44 79.01 -53.68
N ARG B 1030 -10.69 78.04 -53.14
CA ARG B 1030 -10.47 76.75 -53.77
C ARG B 1030 -11.54 75.80 -53.24
N GLN B 1031 -11.94 76.00 -51.99
CA GLN B 1031 -12.96 75.18 -51.33
C GLN B 1031 -14.13 74.85 -52.27
N ASN B 1032 -14.32 75.69 -53.28
CA ASN B 1032 -15.40 75.50 -54.25
C ASN B 1032 -15.09 74.35 -55.22
N LEU B 1033 -14.14 74.58 -56.12
CA LEU B 1033 -13.74 73.57 -57.10
C LEU B 1033 -13.37 72.24 -56.46
N PHE B 1034 -12.94 72.29 -55.20
CA PHE B 1034 -12.56 71.09 -54.47
C PHE B 1034 -13.76 70.18 -54.25
N ASP B 1035 -14.76 70.70 -53.54
CA ASP B 1035 -15.98 69.94 -53.25
C ASP B 1035 -16.79 69.58 -54.48
N ARG B 1036 -16.23 69.86 -55.66
CA ARG B 1036 -16.87 69.54 -56.92
C ARG B 1036 -16.22 68.25 -57.42
N LEU B 1037 -14.91 68.16 -57.20
CA LEU B 1037 -14.14 66.98 -57.61
C LEU B 1037 -14.40 65.89 -56.57
N VAL B 1038 -14.62 66.31 -55.34
CA VAL B 1038 -14.89 65.40 -54.24
C VAL B 1038 -16.27 64.77 -54.39
N ALA B 1039 -17.31 65.59 -54.37
CA ALA B 1039 -18.67 65.09 -54.51
C ALA B 1039 -18.82 64.25 -55.80
N ALA B 1040 -17.98 64.54 -56.79
CA ALA B 1040 -18.02 63.83 -58.05
C ALA B 1040 -17.35 62.46 -57.92
N ALA B 1041 -16.08 62.47 -57.48
CA ALA B 1041 -15.31 61.24 -57.30
C ALA B 1041 -15.99 60.26 -56.35
N TYR B 1042 -16.80 60.80 -55.44
CA TYR B 1042 -17.53 59.97 -54.48
C TYR B 1042 -18.34 58.89 -55.18
N GLN B 1043 -19.03 59.27 -56.25
CA GLN B 1043 -19.88 58.35 -57.01
C GLN B 1043 -19.17 57.07 -57.48
N HIS B 1044 -17.86 57.14 -57.65
CA HIS B 1044 -17.09 55.99 -58.12
C HIS B 1044 -16.12 55.48 -57.04
N GLY B 1045 -16.57 55.55 -55.78
CA GLY B 1045 -15.76 55.09 -54.67
C GLY B 1045 -16.66 54.74 -53.51
N LYS B 1046 -17.97 54.84 -53.76
CA LYS B 1046 -18.98 54.55 -52.76
C LYS B 1046 -18.99 53.07 -52.40
N ALA B 1047 -19.89 52.70 -51.49
CA ALA B 1047 -20.00 51.32 -51.03
C ALA B 1047 -20.57 50.41 -52.12
N LEU B 1048 -21.65 50.85 -52.75
CA LEU B 1048 -22.28 50.05 -53.78
C LEU B 1048 -21.32 49.57 -54.85
N ARG B 1049 -20.43 50.45 -55.29
CA ARG B 1049 -19.45 50.11 -56.33
C ARG B 1049 -18.48 49.06 -55.82
N ALA B 1050 -17.97 49.26 -54.61
CA ALA B 1050 -17.03 48.32 -53.99
C ALA B 1050 -17.69 46.95 -53.92
N ALA B 1051 -18.95 46.93 -53.49
CA ALA B 1051 -19.72 45.69 -53.38
C ALA B 1051 -19.77 44.97 -54.73
N THR B 1052 -19.69 45.75 -55.80
CA THR B 1052 -19.75 45.22 -57.14
C THR B 1052 -18.59 44.25 -57.42
N THR B 1053 -17.39 44.61 -56.98
CA THR B 1053 -16.21 43.77 -57.18
C THR B 1053 -15.96 42.83 -56.00
N PHE B 1054 -16.92 42.76 -55.09
CA PHE B 1054 -16.84 41.92 -53.90
C PHE B 1054 -15.73 42.34 -52.93
N GLU B 1055 -15.51 43.64 -52.80
CA GLU B 1055 -14.50 44.15 -51.87
C GLU B 1055 -15.16 44.26 -50.49
N LEU B 1056 -16.48 44.09 -50.46
CA LEU B 1056 -17.30 44.13 -49.25
C LEU B 1056 -18.26 42.96 -49.41
N ASP B 1057 -18.60 42.32 -48.31
CA ASP B 1057 -19.52 41.20 -48.40
C ASP B 1057 -20.94 41.62 -48.78
N ASP B 1058 -21.30 42.87 -48.51
CA ASP B 1058 -22.62 43.40 -48.85
C ASP B 1058 -22.77 44.84 -48.38
N VAL B 1059 -23.82 45.49 -48.87
CA VAL B 1059 -24.14 46.85 -48.51
C VAL B 1059 -25.58 46.65 -48.02
N ILE B 1060 -25.73 46.68 -46.71
CA ILE B 1060 -27.01 46.43 -46.08
C ILE B 1060 -27.88 47.61 -45.68
N ASP B 1061 -29.15 47.29 -45.44
CA ASP B 1061 -30.14 48.23 -44.94
C ASP B 1061 -29.74 48.23 -43.47
N PRO B 1062 -29.31 49.38 -42.93
CA PRO B 1062 -28.91 49.40 -41.53
C PRO B 1062 -29.84 48.72 -40.51
N ALA B 1063 -31.10 48.47 -40.86
CA ALA B 1063 -32.01 47.80 -39.93
C ALA B 1063 -31.62 46.32 -39.87
N ALA B 1064 -30.72 45.93 -40.78
CA ALA B 1064 -30.24 44.56 -40.88
C ALA B 1064 -29.01 44.27 -40.04
N SER B 1065 -28.46 45.30 -39.41
CA SER B 1065 -27.27 45.17 -38.57
C SER B 1065 -27.31 43.99 -37.59
N ARG B 1066 -28.42 43.85 -36.86
CA ARG B 1066 -28.59 42.78 -35.90
C ARG B 1066 -28.51 41.39 -36.52
N ALA B 1067 -29.34 41.14 -37.55
CA ALA B 1067 -29.37 39.84 -38.24
C ALA B 1067 -27.97 39.31 -38.62
N TRP B 1068 -27.06 40.24 -38.92
CA TRP B 1068 -25.69 39.89 -39.29
C TRP B 1068 -24.86 39.60 -38.05
N ILE B 1069 -24.83 40.54 -37.12
CA ILE B 1069 -24.10 40.39 -35.88
C ILE B 1069 -24.50 39.08 -35.21
N THR B 1070 -25.80 38.82 -35.19
CA THR B 1070 -26.35 37.60 -34.59
C THR B 1070 -25.62 36.31 -34.99
N ARG B 1071 -25.17 36.26 -36.25
CA ARG B 1071 -24.46 35.10 -36.81
C ARG B 1071 -23.03 35.01 -36.31
N LEU B 1072 -22.65 35.97 -35.49
CA LEU B 1072 -21.30 36.03 -34.96
C LEU B 1072 -21.10 35.11 -33.76
N SER B 1073 -22.15 34.91 -32.96
CA SER B 1073 -22.06 34.04 -31.79
C SER B 1073 -22.24 32.57 -32.17
#